data_1EJI
#
_entry.id   1EJI
#
_cell.length_a   142.520
_cell.length_b   142.520
_cell.length_c   270.900
_cell.angle_alpha   90.00
_cell.angle_beta   90.00
_cell.angle_gamma   90.00
#
_symmetry.space_group_name_H-M   'P 43 21 2'
#
loop_
_entity.id
_entity.type
_entity.pdbx_description
1 polymer 'SERINE HYDROXYMETHYLTRANSFERASE'
2 non-polymer N-GLYCINE-[3-HYDROXY-2-METHYL-5-PHOSPHONOOXYMETHYL-PYRIDIN-4-YL-METHANE]
3 non-polymer '5-HYDROXYMETHYLENE-6-HYDROFOLIC ACID'
4 water water
#
_entity_poly.entity_id   1
_entity_poly.type   'polypeptide(L)'
_entity_poly.pdbx_seq_one_letter_code
;MADRDATLWASHEK(MSE)LSQPLKDSDAEVYSIIKKESNRQRVGLELIASENFASRAVLEALGSSLNNKYSEGYPGQRY
YGGTEFIDELE(MSE)LCQKRALQAYHLDPQCWGVNVQPYSGSPANFAVYTALVEPHGRI(MSE)GLDLPDGGHLTHGF
(MSE)TDKKKISATSIFFES(MSE)PYKVYPETGYINYDQLEENASLFHPKLIIAGTSCYSRNLDYARLRKIADDNGAYL
(MSE)AD(MSE)AHISGLVAAGVVPSPFEHCHVVTTTTHKTLRGCRAG(MSE)IFYRKGVRSVDPKTGKETYYELESLIN
SAVFPGLQGGPHNHAIAGVAVALKQA(MSE)TTEFKIYQLQVLANCRALSDALTELGYKIVTGGSDNHLIL(MSE)DLRS
KGTDGGRAEKVLEACSIACNKNTCPGDKSALRPSGLRLGTPALTSRGLLEEDFQKVAHFIHRGIELTLQIQSH(MSE)AT
KATLKEFKEKLAGDEKIQSAVATLREEVENFASNFSLPGLPDF
;
_entity_poly.pdbx_strand_id   A,B,C,D
#
# COMPACT_ATOMS: atom_id res chain seq x y z
N MET A 1 2.11 -54.30 -35.23
CA MET A 1 1.09 -54.99 -36.08
C MET A 1 -0.04 -55.54 -35.22
N ALA A 2 0.27 -55.86 -33.96
CA ALA A 2 -0.70 -56.42 -33.01
C ALA A 2 -1.74 -55.37 -32.61
N ASP A 3 -2.16 -54.59 -33.60
CA ASP A 3 -3.13 -53.49 -33.46
C ASP A 3 -2.41 -52.18 -33.14
N ARG A 4 -1.43 -51.83 -33.98
CA ARG A 4 -0.63 -50.61 -33.87
C ARG A 4 0.53 -50.69 -32.86
N ASP A 5 0.71 -49.65 -32.05
CA ASP A 5 1.77 -49.54 -31.04
C ASP A 5 1.71 -50.58 -29.93
N ALA A 6 0.95 -51.63 -30.18
CA ALA A 6 0.74 -52.74 -29.25
C ALA A 6 1.72 -52.77 -28.07
N THR A 7 3.00 -52.98 -28.38
CA THR A 7 4.03 -53.08 -27.35
C THR A 7 3.98 -51.99 -26.29
N LEU A 8 4.19 -50.74 -26.69
CA LEU A 8 4.18 -49.65 -25.73
C LEU A 8 2.85 -49.46 -25.01
N TRP A 9 1.72 -49.42 -25.73
CA TRP A 9 0.44 -49.24 -25.05
C TRP A 9 0.21 -50.29 -23.97
N ALA A 10 0.93 -51.40 -24.06
CA ALA A 10 0.81 -52.44 -23.07
C ALA A 10 1.60 -51.97 -21.85
N SER A 11 2.77 -51.40 -22.10
CA SER A 11 3.62 -50.91 -21.03
C SER A 11 2.92 -49.77 -20.32
N HIS A 12 2.64 -48.71 -21.07
CA HIS A 12 1.95 -47.56 -20.50
C HIS A 12 0.78 -48.03 -19.66
N GLU A 13 0.16 -49.13 -20.08
CA GLU A 13 -0.96 -49.74 -19.38
C GLU A 13 -0.54 -50.20 -17.98
N LYS A 14 0.52 -51.00 -17.91
CA LYS A 14 1.01 -51.52 -16.65
C LYS A 14 1.61 -50.43 -15.76
N LEU A 16 0.79 -47.61 -15.10
CA LEU A 16 -0.23 -46.93 -14.30
C LEU A 16 -0.91 -47.79 -13.23
N SER A 17 -0.48 -49.04 -13.10
CA SER A 17 -1.07 -49.95 -12.12
C SER A 17 0.02 -50.69 -11.38
N GLN A 18 1.22 -50.61 -11.92
CA GLN A 18 2.38 -51.24 -11.33
C GLN A 18 2.64 -50.60 -9.95
N PRO A 19 3.04 -51.40 -8.94
CA PRO A 19 3.32 -50.92 -7.58
C PRO A 19 4.59 -50.09 -7.49
N LEU A 20 4.62 -49.16 -6.53
CA LEU A 20 5.77 -48.30 -6.32
C LEU A 20 7.04 -49.10 -6.18
N LYS A 21 6.94 -50.25 -5.51
CA LYS A 21 8.07 -51.13 -5.28
C LYS A 21 8.84 -51.47 -6.58
N ASP A 22 8.10 -51.56 -7.68
CA ASP A 22 8.69 -51.86 -8.97
C ASP A 22 8.90 -50.58 -9.77
N SER A 23 7.81 -49.83 -9.97
CA SER A 23 7.84 -48.58 -10.73
C SER A 23 9.05 -47.70 -10.39
N ASP A 24 9.23 -47.41 -9.11
CA ASP A 24 10.35 -46.58 -8.69
C ASP A 24 11.06 -47.15 -7.46
N ALA A 25 12.08 -47.98 -7.68
CA ALA A 25 12.82 -48.59 -6.58
C ALA A 25 13.63 -47.58 -5.76
N GLU A 26 14.08 -46.51 -6.41
CA GLU A 26 14.88 -45.48 -5.74
C GLU A 26 14.02 -44.77 -4.70
N VAL A 27 12.88 -44.24 -5.12
CA VAL A 27 11.98 -43.56 -4.20
C VAL A 27 11.50 -44.55 -3.16
N TYR A 28 11.24 -45.78 -3.58
CA TYR A 28 10.78 -46.82 -2.65
C TYR A 28 11.83 -47.06 -1.56
N SER A 29 13.10 -47.10 -1.97
CA SER A 29 14.19 -47.29 -1.04
C SER A 29 14.19 -46.17 0.00
N ILE A 30 14.21 -44.93 -0.47
CA ILE A 30 14.23 -43.78 0.44
C ILE A 30 13.10 -43.81 1.45
N ILE A 31 11.89 -44.13 1.02
CA ILE A 31 10.75 -44.18 1.92
C ILE A 31 10.94 -45.19 3.02
N LYS A 32 11.50 -46.36 2.69
CA LYS A 32 11.73 -47.36 3.72
C LYS A 32 12.87 -46.96 4.66
N LYS A 33 13.91 -46.36 4.11
CA LYS A 33 15.03 -45.89 4.93
C LYS A 33 14.51 -44.86 5.95
N GLU A 34 13.53 -44.06 5.53
CA GLU A 34 12.94 -43.03 6.39
C GLU A 34 12.00 -43.66 7.39
N SER A 35 11.24 -44.66 6.96
CA SER A 35 10.31 -45.34 7.86
C SER A 35 11.13 -45.92 9.00
N ASN A 36 12.26 -46.50 8.62
CA ASN A 36 13.18 -47.11 9.58
C ASN A 36 13.66 -46.07 10.59
N ARG A 37 14.20 -44.97 10.08
CA ARG A 37 14.71 -43.88 10.93
C ARG A 37 13.75 -43.55 12.05
N GLN A 38 12.49 -43.35 11.70
CA GLN A 38 11.46 -43.01 12.67
C GLN A 38 11.26 -44.11 13.71
N ARG A 39 11.52 -45.35 13.32
CA ARG A 39 11.34 -46.48 14.23
C ARG A 39 12.41 -46.57 15.32
N VAL A 40 13.68 -46.54 14.90
CA VAL A 40 14.79 -46.64 15.83
C VAL A 40 15.33 -45.27 16.18
N GLY A 41 14.49 -44.46 16.81
CA GLY A 41 14.92 -43.12 17.18
C GLY A 41 13.91 -42.44 18.08
N LEU A 42 14.40 -41.52 18.89
CA LEU A 42 13.54 -40.78 19.81
C LEU A 42 13.13 -39.42 19.25
N GLU A 43 11.88 -39.34 18.79
CA GLU A 43 11.35 -38.10 18.23
C GLU A 43 10.83 -37.21 19.35
N LEU A 44 11.58 -36.15 19.65
CA LEU A 44 11.20 -35.21 20.70
C LEU A 44 10.84 -33.84 20.15
N ILE A 45 10.55 -33.80 18.85
CA ILE A 45 10.17 -32.57 18.17
C ILE A 45 8.70 -32.24 18.47
N ALA A 46 8.48 -31.19 19.27
CA ALA A 46 7.15 -30.75 19.69
C ALA A 46 6.05 -30.77 18.63
N SER A 47 6.38 -30.42 17.39
CA SER A 47 5.37 -30.36 16.33
C SER A 47 5.17 -31.60 15.49
N GLU A 48 5.90 -32.67 15.78
CA GLU A 48 5.76 -33.90 15.01
C GLU A 48 4.88 -34.93 15.71
N ASN A 49 4.49 -35.96 14.95
CA ASN A 49 3.64 -37.04 15.47
C ASN A 49 3.51 -38.12 14.39
N PHE A 50 2.91 -39.25 14.75
CA PHE A 50 2.72 -40.37 13.81
C PHE A 50 1.25 -40.55 13.49
N ALA A 51 0.89 -40.41 12.22
CA ALA A 51 -0.51 -40.54 11.82
C ALA A 51 -0.95 -41.99 11.75
N SER A 52 -2.19 -42.23 12.13
CA SER A 52 -2.75 -43.58 12.12
C SER A 52 -2.76 -44.13 10.72
N ARG A 53 -2.90 -45.44 10.62
CA ARG A 53 -2.94 -46.10 9.32
C ARG A 53 -4.20 -45.68 8.58
N ALA A 54 -5.30 -45.59 9.34
CA ALA A 54 -6.59 -45.20 8.79
C ALA A 54 -6.48 -43.90 7.99
N VAL A 55 -5.87 -42.89 8.60
CA VAL A 55 -5.68 -41.59 7.96
C VAL A 55 -4.87 -41.73 6.67
N LEU A 56 -3.64 -42.20 6.82
CA LEU A 56 -2.75 -42.39 5.66
C LEU A 56 -3.41 -43.15 4.52
N GLU A 57 -4.12 -44.21 4.85
CA GLU A 57 -4.78 -45.03 3.85
C GLU A 57 -5.72 -44.21 2.95
N ALA A 58 -6.22 -43.10 3.48
CA ALA A 58 -7.13 -42.26 2.72
C ALA A 58 -6.40 -41.25 1.85
N LEU A 59 -5.18 -40.90 2.22
CA LEU A 59 -4.39 -39.95 1.43
C LEU A 59 -4.11 -40.39 0.01
N GLY A 60 -3.89 -41.69 -0.19
CA GLY A 60 -3.61 -42.18 -1.53
C GLY A 60 -4.83 -42.70 -2.25
N SER A 61 -6.00 -42.14 -1.93
CA SER A 61 -7.22 -42.59 -2.56
C SER A 61 -7.47 -41.91 -3.89
N SER A 62 -8.58 -42.28 -4.53
CA SER A 62 -8.96 -41.73 -5.83
C SER A 62 -9.36 -40.26 -5.73
N LEU A 63 -9.62 -39.81 -4.50
CA LEU A 63 -10.00 -38.43 -4.27
C LEU A 63 -8.96 -37.44 -4.79
N ASN A 64 -7.72 -37.90 -4.86
CA ASN A 64 -6.62 -37.09 -5.33
C ASN A 64 -6.82 -36.66 -6.78
N ASN A 65 -7.81 -37.25 -7.44
CA ASN A 65 -8.09 -36.99 -8.84
C ASN A 65 -9.21 -36.03 -9.17
N LYS A 66 -10.02 -35.65 -8.18
CA LYS A 66 -11.16 -34.78 -8.45
C LYS A 66 -10.96 -33.28 -8.21
N TYR A 67 -11.48 -32.47 -9.13
CA TYR A 67 -11.40 -31.02 -9.02
C TYR A 67 -12.77 -30.55 -8.55
N SER A 68 -12.80 -29.72 -7.51
CA SER A 68 -14.07 -29.24 -6.99
C SER A 68 -13.93 -27.82 -6.46
N GLU A 69 -13.27 -26.97 -7.23
CA GLU A 69 -12.99 -25.59 -6.86
C GLU A 69 -13.92 -24.77 -5.96
N GLY A 70 -15.24 -24.88 -6.08
CA GLY A 70 -16.08 -24.08 -5.20
C GLY A 70 -16.29 -24.55 -3.75
N TYR A 71 -17.55 -24.59 -3.35
CA TYR A 71 -17.92 -25.06 -2.03
C TYR A 71 -19.16 -25.90 -2.19
N PRO A 72 -19.51 -26.69 -1.17
CA PRO A 72 -20.70 -27.53 -1.27
C PRO A 72 -21.90 -26.67 -1.68
N GLY A 73 -21.74 -25.36 -1.63
CA GLY A 73 -22.80 -24.46 -2.06
C GLY A 73 -22.82 -24.49 -3.59
N GLN A 74 -21.93 -23.71 -4.20
CA GLN A 74 -21.86 -23.71 -5.65
C GLN A 74 -20.44 -24.04 -6.08
N ARG A 75 -20.32 -25.12 -6.84
CA ARG A 75 -19.03 -25.56 -7.33
C ARG A 75 -18.84 -25.05 -8.75
N TYR A 76 -17.61 -25.08 -9.24
CA TYR A 76 -17.35 -24.64 -10.61
C TYR A 76 -17.14 -25.87 -11.47
N TYR A 77 -17.54 -27.03 -10.95
CA TYR A 77 -17.40 -28.30 -11.66
C TYR A 77 -18.55 -29.24 -11.31
N GLY A 78 -18.65 -30.33 -12.06
CA GLY A 78 -19.70 -31.30 -11.80
C GLY A 78 -19.16 -32.63 -11.34
N GLY A 79 -20.02 -33.45 -10.75
CA GLY A 79 -19.59 -34.75 -10.27
C GLY A 79 -19.04 -34.63 -8.89
N THR A 80 -19.44 -33.56 -8.21
CA THR A 80 -18.99 -33.29 -6.86
C THR A 80 -19.99 -33.83 -5.85
N GLU A 81 -20.91 -34.66 -6.30
CA GLU A 81 -21.90 -35.22 -5.39
C GLU A 81 -21.24 -35.91 -4.20
N PHE A 82 -20.17 -36.65 -4.45
CA PHE A 82 -19.47 -37.37 -3.38
C PHE A 82 -18.49 -36.50 -2.65
N ILE A 83 -17.79 -35.66 -3.40
CA ILE A 83 -16.83 -34.77 -2.78
C ILE A 83 -17.62 -33.89 -1.82
N ASP A 84 -18.87 -33.60 -2.18
CA ASP A 84 -19.74 -32.79 -1.35
C ASP A 84 -20.07 -33.55 -0.06
N GLU A 85 -20.31 -34.85 -0.18
CA GLU A 85 -20.61 -35.67 0.99
C GLU A 85 -19.41 -35.54 1.92
N LEU A 86 -18.25 -35.85 1.38
CA LEU A 86 -17.01 -35.81 2.12
C LEU A 86 -16.77 -34.49 2.81
N GLU A 87 -16.82 -33.40 2.04
CA GLU A 87 -16.57 -32.08 2.61
C GLU A 87 -17.52 -31.71 3.74
N LEU A 89 -19.22 -33.82 5.63
CA LEU A 89 -19.01 -34.73 6.75
C LEU A 89 -17.86 -34.23 7.61
N CYS A 90 -16.80 -33.80 6.94
CA CYS A 90 -15.61 -33.31 7.65
C CYS A 90 -15.96 -32.03 8.40
N GLN A 91 -16.74 -31.16 7.77
CA GLN A 91 -17.12 -29.92 8.41
C GLN A 91 -17.96 -30.26 9.64
N LYS A 92 -18.84 -31.25 9.51
CA LYS A 92 -19.69 -31.68 10.61
C LYS A 92 -18.84 -32.20 11.76
N ARG A 93 -17.95 -33.14 11.47
CA ARG A 93 -17.08 -33.72 12.49
C ARG A 93 -16.17 -32.69 13.14
N ALA A 94 -15.85 -31.63 12.41
CA ALA A 94 -14.97 -30.58 12.94
C ALA A 94 -15.67 -29.84 14.08
N LEU A 95 -16.91 -29.42 13.84
CA LEU A 95 -17.66 -28.71 14.86
C LEU A 95 -17.98 -29.62 16.04
N GLN A 96 -18.20 -30.90 15.77
CA GLN A 96 -18.48 -31.84 16.83
C GLN A 96 -17.25 -31.94 17.72
N ALA A 97 -16.15 -32.43 17.16
CA ALA A 97 -14.92 -32.60 17.90
C ALA A 97 -14.59 -31.48 18.89
N TYR A 98 -15.04 -30.26 18.60
CA TYR A 98 -14.77 -29.16 19.50
C TYR A 98 -16.01 -28.65 20.23
N HIS A 99 -17.03 -29.51 20.30
CA HIS A 99 -18.30 -29.18 20.95
C HIS A 99 -18.78 -27.80 20.58
N LEU A 100 -18.90 -27.55 19.28
CA LEU A 100 -19.34 -26.23 18.84
C LEU A 100 -20.77 -26.25 18.29
N ASP A 101 -21.57 -25.29 18.75
CA ASP A 101 -22.94 -25.17 18.29
C ASP A 101 -22.91 -24.61 16.87
N PRO A 102 -23.28 -25.43 15.89
CA PRO A 102 -23.31 -25.05 14.48
C PRO A 102 -24.12 -23.80 14.19
N GLN A 103 -24.78 -23.29 15.22
CA GLN A 103 -25.58 -22.09 15.11
C GLN A 103 -24.68 -20.88 15.29
N CYS A 104 -23.61 -21.06 16.05
CA CYS A 104 -22.66 -19.99 16.35
C CYS A 104 -21.29 -20.15 15.70
N TRP A 105 -21.02 -21.34 15.16
CA TRP A 105 -19.73 -21.59 14.51
C TRP A 105 -19.85 -22.22 13.14
N GLY A 106 -18.78 -22.05 12.36
CA GLY A 106 -18.68 -22.59 11.02
C GLY A 106 -17.22 -22.88 10.77
N VAL A 107 -16.94 -23.72 9.77
CA VAL A 107 -15.56 -24.05 9.46
C VAL A 107 -15.28 -24.05 7.98
N ASN A 108 -13.99 -24.05 7.68
CA ASN A 108 -13.51 -24.09 6.32
C ASN A 108 -12.42 -25.14 6.41
N VAL A 109 -12.58 -26.24 5.68
CA VAL A 109 -11.59 -27.30 5.72
C VAL A 109 -10.75 -27.36 4.46
N GLN A 110 -10.62 -26.24 3.75
CA GLN A 110 -9.84 -26.20 2.53
C GLN A 110 -8.38 -25.69 2.60
N PRO A 111 -7.98 -25.04 3.71
CA PRO A 111 -6.59 -24.58 3.76
C PRO A 111 -5.57 -25.70 3.57
N TYR A 112 -4.66 -25.53 2.61
CA TYR A 112 -3.65 -26.54 2.33
C TYR A 112 -2.81 -26.89 3.56
N SER A 113 -2.63 -25.93 4.45
CA SER A 113 -1.83 -26.17 5.65
C SER A 113 -2.01 -25.04 6.67
N GLY A 114 -1.21 -25.05 7.73
CA GLY A 114 -1.34 -24.02 8.75
C GLY A 114 -1.13 -22.58 8.30
N SER A 115 0.07 -22.28 7.81
CA SER A 115 0.39 -20.94 7.37
C SER A 115 -0.68 -20.40 6.42
N PRO A 116 -1.12 -21.21 5.45
CA PRO A 116 -2.14 -20.78 4.49
C PRO A 116 -3.42 -20.35 5.18
N ALA A 117 -3.85 -21.14 6.17
CA ALA A 117 -5.07 -20.82 6.91
C ALA A 117 -4.96 -19.42 7.51
N ASN A 118 -3.83 -19.13 8.15
CA ASN A 118 -3.62 -17.82 8.75
C ASN A 118 -3.66 -16.68 7.75
N PHE A 119 -2.82 -16.76 6.72
CA PHE A 119 -2.76 -15.71 5.71
C PHE A 119 -4.16 -15.48 5.14
N ALA A 120 -4.93 -16.55 5.02
CA ALA A 120 -6.28 -16.47 4.52
C ALA A 120 -7.15 -15.57 5.41
N VAL A 121 -6.98 -15.70 6.73
CA VAL A 121 -7.76 -14.88 7.65
C VAL A 121 -7.29 -13.44 7.63
N TYR A 122 -5.98 -13.21 7.62
CA TYR A 122 -5.50 -11.81 7.59
C TYR A 122 -6.04 -11.17 6.31
N THR A 123 -6.00 -11.93 5.21
CA THR A 123 -6.50 -11.43 3.94
C THR A 123 -7.98 -11.08 4.01
N ALA A 124 -8.76 -11.92 4.69
CA ALA A 124 -10.18 -11.69 4.78
C ALA A 124 -10.58 -10.60 5.76
N LEU A 125 -9.97 -10.58 6.93
CA LEU A 125 -10.33 -9.60 7.95
C LEU A 125 -9.43 -8.38 8.13
N VAL A 126 -8.14 -8.51 7.83
CA VAL A 126 -7.24 -7.38 8.02
C VAL A 126 -7.07 -6.48 6.81
N GLU A 127 -6.91 -7.08 5.63
CA GLU A 127 -6.73 -6.33 4.38
C GLU A 127 -5.33 -5.69 4.33
N PRO A 128 -4.79 -5.51 3.13
CA PRO A 128 -3.49 -4.92 2.90
C PRO A 128 -3.10 -3.75 3.78
N HIS A 129 -1.94 -3.89 4.43
CA HIS A 129 -1.41 -2.87 5.33
C HIS A 129 -2.17 -2.70 6.66
N GLY A 130 -3.17 -3.56 6.87
CA GLY A 130 -3.93 -3.53 8.11
C GLY A 130 -2.99 -3.95 9.21
N ARG A 131 -3.24 -3.49 10.44
CA ARG A 131 -2.39 -3.81 11.59
C ARG A 131 -2.73 -5.10 12.34
N ILE A 132 -1.69 -5.85 12.66
CA ILE A 132 -1.81 -7.12 13.36
C ILE A 132 -0.81 -7.22 14.52
N GLY A 134 0.99 -9.91 17.25
CA GLY A 134 1.27 -11.29 17.61
C GLY A 134 2.40 -11.40 18.62
N LEU A 135 2.65 -12.62 19.11
CA LEU A 135 3.72 -12.82 20.06
C LEU A 135 5.04 -12.89 19.29
N ASP A 136 5.97 -12.01 19.64
CA ASP A 136 7.26 -11.96 18.96
C ASP A 136 7.78 -13.38 18.75
N LEU A 137 8.42 -13.61 17.60
CA LEU A 137 8.93 -14.94 17.29
C LEU A 137 9.81 -15.57 18.36
N PRO A 138 10.89 -14.88 18.78
CA PRO A 138 11.77 -15.43 19.80
C PRO A 138 11.14 -15.52 21.20
N ASP A 139 9.88 -15.09 21.31
CA ASP A 139 9.17 -15.12 22.58
C ASP A 139 8.15 -16.25 22.64
N GLY A 140 7.97 -16.97 21.53
CA GLY A 140 7.02 -18.07 21.50
C GLY A 140 5.99 -18.00 20.39
N GLY A 141 5.93 -16.84 19.72
CA GLY A 141 4.99 -16.66 18.63
C GLY A 141 5.46 -17.40 17.38
N HIS A 142 4.68 -17.30 16.32
CA HIS A 142 5.00 -17.98 15.06
C HIS A 142 5.31 -17.04 13.91
N LEU A 143 6.12 -17.50 12.96
CA LEU A 143 6.47 -16.70 11.78
C LEU A 143 5.23 -15.96 11.27
N THR A 144 4.20 -16.72 10.94
CA THR A 144 2.98 -16.15 10.41
C THR A 144 2.17 -15.28 11.34
N HIS A 145 2.76 -14.86 12.45
CA HIS A 145 2.04 -14.00 13.36
C HIS A 145 2.67 -12.63 13.27
N GLY A 146 3.14 -12.30 12.07
CA GLY A 146 3.80 -11.02 11.86
C GLY A 146 5.17 -11.08 12.51
N PHE A 147 6.18 -11.39 11.72
CA PHE A 147 7.53 -11.47 12.24
C PHE A 147 8.52 -10.65 11.43
N THR A 149 12.08 -7.60 11.92
CA THR A 149 13.16 -7.15 12.80
C THR A 149 13.64 -5.77 12.36
N ASP A 150 14.55 -5.22 13.14
CA ASP A 150 15.10 -3.89 12.88
C ASP A 150 15.47 -3.67 11.43
N LYS A 151 15.94 -4.71 10.76
CA LYS A 151 16.34 -4.55 9.38
C LYS A 151 15.49 -5.27 8.33
N LYS A 152 15.26 -6.57 8.50
CA LYS A 152 14.51 -7.34 7.51
C LYS A 152 13.10 -7.81 7.88
N LYS A 153 12.26 -7.95 6.85
CA LYS A 153 10.90 -8.45 7.02
C LYS A 153 10.97 -9.90 6.56
N ILE A 154 10.87 -10.83 7.49
CA ILE A 154 10.97 -12.24 7.17
C ILE A 154 9.69 -12.95 6.72
N SER A 155 8.58 -12.65 7.37
CA SER A 155 7.33 -13.31 7.07
C SER A 155 6.46 -12.60 6.04
N ALA A 156 5.70 -13.36 5.26
CA ALA A 156 4.83 -12.76 4.29
C ALA A 156 3.88 -11.85 5.06
N THR A 157 3.52 -12.27 6.28
CA THR A 157 2.61 -11.51 7.13
C THR A 157 3.05 -10.07 7.37
N SER A 158 4.30 -9.87 7.73
CA SER A 158 4.78 -8.53 7.98
C SER A 158 5.04 -7.76 6.70
N ILE A 159 5.00 -8.46 5.57
CA ILE A 159 5.22 -7.84 4.25
C ILE A 159 3.95 -7.24 3.68
N PHE A 160 2.86 -7.99 3.71
CA PHE A 160 1.59 -7.52 3.18
C PHE A 160 0.72 -6.82 4.22
N PHE A 161 1.12 -6.94 5.48
CA PHE A 161 0.39 -6.31 6.58
C PHE A 161 1.35 -5.54 7.46
N GLU A 162 0.81 -4.74 8.37
CA GLU A 162 1.67 -3.98 9.28
C GLU A 162 1.59 -4.68 10.63
N SER A 163 2.71 -5.29 11.04
CA SER A 163 2.74 -6.01 12.31
C SER A 163 3.63 -5.40 13.38
N PRO A 165 4.81 -6.85 17.44
CA PRO A 165 4.72 -7.88 18.46
C PRO A 165 4.57 -7.42 19.89
N TYR A 166 4.18 -8.37 20.73
CA TYR A 166 4.08 -8.14 22.16
C TYR A 166 5.06 -9.14 22.77
N LYS A 167 5.42 -8.98 24.02
CA LYS A 167 6.43 -9.87 24.59
C LYS A 167 6.08 -10.64 25.87
N VAL A 168 7.08 -11.37 26.36
CA VAL A 168 6.98 -12.13 27.61
C VAL A 168 7.96 -11.47 28.56
N TYR A 169 7.67 -11.48 29.86
CA TYR A 169 8.61 -10.90 30.82
C TYR A 169 9.81 -11.83 30.79
N PRO A 170 10.97 -11.31 30.41
CA PRO A 170 12.16 -12.16 30.36
C PRO A 170 12.44 -12.79 31.70
N GLU A 171 12.07 -12.07 32.75
CA GLU A 171 12.28 -12.51 34.11
C GLU A 171 11.54 -13.80 34.47
N THR A 172 10.29 -13.92 34.05
CA THR A 172 9.48 -15.10 34.38
C THR A 172 9.06 -15.98 33.21
N GLY A 173 9.18 -15.47 31.98
CA GLY A 173 8.80 -16.24 30.81
C GLY A 173 7.33 -16.23 30.45
N TYR A 174 6.55 -15.45 31.19
CA TYR A 174 5.12 -15.35 30.95
C TYR A 174 4.78 -14.14 30.09
N ILE A 175 3.72 -14.29 29.30
CA ILE A 175 3.28 -13.22 28.42
C ILE A 175 2.93 -11.99 29.24
N ASN A 176 3.49 -10.86 28.84
CA ASN A 176 3.25 -9.59 29.52
C ASN A 176 1.96 -8.93 29.02
N TYR A 177 0.82 -9.47 29.45
CA TYR A 177 -0.45 -8.91 29.02
C TYR A 177 -0.62 -7.43 29.34
N ASP A 178 0.12 -6.93 30.32
CA ASP A 178 -0.02 -5.53 30.64
C ASP A 178 0.55 -4.64 29.56
N GLN A 179 1.72 -5.00 29.05
CA GLN A 179 2.34 -4.20 28.00
C GLN A 179 1.51 -4.29 26.74
N LEU A 180 0.97 -5.46 26.46
CA LEU A 180 0.14 -5.63 25.27
C LEU A 180 -1.02 -4.68 25.33
N GLU A 181 -1.78 -4.70 26.42
CA GLU A 181 -2.92 -3.79 26.51
C GLU A 181 -2.51 -2.33 26.32
N GLU A 182 -1.32 -2.01 26.82
CA GLU A 182 -0.78 -0.66 26.71
C GLU A 182 -0.51 -0.32 25.24
N ASN A 183 0.32 -1.12 24.58
CA ASN A 183 0.66 -0.86 23.20
C ASN A 183 -0.53 -0.91 22.25
N ALA A 184 -1.46 -1.83 22.48
CA ALA A 184 -2.60 -1.94 21.60
C ALA A 184 -3.35 -0.62 21.50
N SER A 185 -3.34 0.17 22.56
CA SER A 185 -4.02 1.44 22.52
C SER A 185 -3.31 2.44 21.62
N LEU A 186 -1.99 2.32 21.52
CA LEU A 186 -1.21 3.22 20.69
C LEU A 186 -1.07 2.79 19.23
N PHE A 187 -1.18 1.49 18.99
CA PHE A 187 -1.01 0.93 17.65
C PHE A 187 -2.32 0.72 16.91
N HIS A 188 -3.36 0.40 17.68
CA HIS A 188 -4.69 0.14 17.15
C HIS A 188 -4.67 -1.08 16.27
N PRO A 189 -4.44 -2.26 16.86
CA PRO A 189 -4.43 -3.44 16.01
C PRO A 189 -5.82 -3.64 15.45
N LYS A 190 -5.91 -4.35 14.33
CA LYS A 190 -7.18 -4.64 13.71
C LYS A 190 -7.49 -6.10 14.04
N LEU A 191 -6.46 -6.83 14.45
CA LEU A 191 -6.59 -8.22 14.82
C LEU A 191 -5.43 -8.56 15.73
N ILE A 192 -5.71 -9.33 16.77
CA ILE A 192 -4.69 -9.75 17.74
C ILE A 192 -4.60 -11.29 17.69
N ILE A 193 -3.39 -11.82 17.71
CA ILE A 193 -3.22 -13.27 17.66
C ILE A 193 -2.82 -13.89 18.99
N ALA A 194 -3.58 -14.91 19.39
CA ALA A 194 -3.34 -15.66 20.62
C ALA A 194 -2.97 -17.08 20.23
N GLY A 195 -1.69 -17.32 20.04
CA GLY A 195 -1.23 -18.65 19.66
C GLY A 195 0.28 -18.69 19.75
N THR A 196 0.83 -19.87 19.95
CA THR A 196 2.27 -20.00 20.08
C THR A 196 2.83 -21.25 19.45
N SER A 197 4.16 -21.30 19.38
CA SER A 197 4.86 -22.45 18.83
C SER A 197 5.80 -22.93 19.90
N CYS A 198 6.04 -22.08 20.89
CA CYS A 198 6.96 -22.43 21.96
C CYS A 198 6.64 -21.69 23.27
N TYR A 199 5.50 -22.02 23.87
CA TYR A 199 5.06 -21.42 25.13
C TYR A 199 4.48 -22.60 25.90
N SER A 200 4.99 -22.87 27.09
CA SER A 200 4.50 -24.01 27.84
C SER A 200 3.33 -23.73 28.77
N ARG A 201 2.77 -22.53 28.70
CA ARG A 201 1.67 -22.16 29.59
C ARG A 201 0.41 -21.83 28.83
N ASN A 202 -0.74 -21.88 29.53
CA ASN A 202 -2.01 -21.56 28.90
C ASN A 202 -2.12 -20.07 28.66
N LEU A 203 -2.94 -19.69 27.68
CA LEU A 203 -3.12 -18.29 27.34
C LEU A 203 -4.35 -17.72 28.00
N ASP A 204 -4.24 -16.47 28.44
CA ASP A 204 -5.37 -15.80 29.08
C ASP A 204 -6.33 -15.26 28.03
N TYR A 205 -7.03 -16.16 27.33
CA TYR A 205 -7.96 -15.73 26.29
C TYR A 205 -8.92 -14.69 26.83
N ALA A 206 -9.30 -14.87 28.08
CA ALA A 206 -10.21 -13.95 28.74
C ALA A 206 -9.70 -12.51 28.69
N ARG A 207 -8.47 -12.29 29.13
CA ARG A 207 -7.92 -10.96 29.14
C ARG A 207 -7.63 -10.46 27.73
N LEU A 208 -7.11 -11.34 26.89
CA LEU A 208 -6.80 -10.99 25.51
C LEU A 208 -8.06 -10.47 24.84
N ARG A 209 -9.17 -11.15 25.09
CA ARG A 209 -10.45 -10.76 24.54
C ARG A 209 -10.83 -9.35 24.98
N LYS A 210 -10.59 -9.06 26.24
CA LYS A 210 -10.89 -7.75 26.79
C LYS A 210 -10.11 -6.73 25.96
N ILE A 211 -8.80 -6.91 25.89
CA ILE A 211 -7.95 -5.99 25.15
C ILE A 211 -8.43 -5.86 23.71
N ALA A 212 -8.80 -6.97 23.09
CA ALA A 212 -9.26 -6.92 21.71
C ALA A 212 -10.49 -6.02 21.56
N ASP A 213 -11.50 -6.25 22.38
CA ASP A 213 -12.70 -5.43 22.28
C ASP A 213 -12.44 -3.98 22.67
N ASP A 214 -11.49 -3.75 23.58
CA ASP A 214 -11.15 -2.40 23.99
C ASP A 214 -10.76 -1.56 22.78
N ASN A 215 -9.99 -2.17 21.87
CA ASN A 215 -9.53 -1.49 20.68
C ASN A 215 -10.33 -1.89 19.48
N GLY A 216 -11.44 -2.56 19.75
CA GLY A 216 -12.33 -3.01 18.70
C GLY A 216 -11.67 -3.86 17.64
N ALA A 217 -10.88 -4.83 18.07
CA ALA A 217 -10.21 -5.70 17.13
C ALA A 217 -10.64 -7.14 17.31
N TYR A 218 -10.30 -7.96 16.32
CA TYR A 218 -10.64 -9.37 16.34
C TYR A 218 -9.59 -10.12 17.12
N LEU A 219 -10.03 -11.15 17.83
CA LEU A 219 -9.10 -11.99 18.56
C LEU A 219 -9.09 -13.31 17.82
N ALA A 221 -7.25 -17.08 17.48
CA ALA A 221 -6.41 -18.04 18.17
C ALA A 221 -5.83 -19.00 17.15
N ASP A 222 -4.55 -19.27 17.27
CA ASP A 222 -3.88 -20.20 16.37
C ASP A 222 -3.49 -21.39 17.25
N ALA A 224 -2.60 -24.35 16.79
CA ALA A 224 -1.93 -25.41 16.05
C ALA A 224 -1.29 -26.46 16.96
N HIS A 225 -0.51 -25.99 17.90
CA HIS A 225 0.19 -26.90 18.81
C HIS A 225 -0.68 -27.61 19.83
N ILE A 226 -1.90 -27.12 20.06
CA ILE A 226 -2.74 -27.73 21.06
C ILE A 226 -4.10 -28.14 20.53
N SER A 227 -4.22 -28.26 19.22
CA SER A 227 -5.49 -28.65 18.61
C SER A 227 -6.00 -29.95 19.25
N GLY A 228 -5.09 -30.90 19.44
CA GLY A 228 -5.44 -32.18 20.03
C GLY A 228 -5.78 -32.10 21.50
N LEU A 229 -4.92 -31.45 22.28
CA LEU A 229 -5.16 -31.31 23.70
C LEU A 229 -6.50 -30.65 23.93
N VAL A 230 -6.85 -29.71 23.08
CA VAL A 230 -8.10 -29.00 23.23
C VAL A 230 -9.28 -29.90 22.88
N ALA A 231 -9.21 -30.57 21.73
CA ALA A 231 -10.31 -31.44 21.34
C ALA A 231 -10.56 -32.49 22.40
N ALA A 232 -9.48 -32.95 23.03
CA ALA A 232 -9.56 -33.98 24.06
C ALA A 232 -10.07 -33.45 25.40
N GLY A 233 -10.12 -32.13 25.54
CA GLY A 233 -10.59 -31.54 26.79
C GLY A 233 -9.56 -31.43 27.90
N VAL A 234 -8.34 -31.92 27.68
CA VAL A 234 -7.31 -31.84 28.72
C VAL A 234 -6.80 -30.42 29.03
N VAL A 235 -7.04 -29.47 28.13
CA VAL A 235 -6.63 -28.07 28.36
C VAL A 235 -7.75 -27.10 27.98
N PRO A 236 -7.68 -25.86 28.49
CA PRO A 236 -8.66 -24.79 28.24
C PRO A 236 -8.85 -24.48 26.76
N SER A 237 -10.11 -24.43 26.33
CA SER A 237 -10.43 -24.16 24.93
C SER A 237 -10.51 -22.67 24.60
N PRO A 238 -9.87 -22.27 23.49
CA PRO A 238 -9.88 -20.87 23.07
C PRO A 238 -11.22 -20.46 22.47
N PHE A 239 -12.05 -21.43 22.13
CA PHE A 239 -13.36 -21.16 21.53
C PHE A 239 -14.32 -20.37 22.43
N GLU A 240 -13.95 -20.18 23.69
CA GLU A 240 -14.79 -19.43 24.61
C GLU A 240 -14.63 -17.92 24.46
N HIS A 241 -13.47 -17.46 24.00
CA HIS A 241 -13.26 -16.03 23.86
C HIS A 241 -12.86 -15.50 22.48
N CYS A 242 -12.37 -16.36 21.60
CA CYS A 242 -11.92 -15.90 20.30
C CYS A 242 -13.03 -15.85 19.26
N HIS A 243 -12.86 -14.94 18.30
CA HIS A 243 -13.81 -14.77 17.21
C HIS A 243 -13.48 -15.75 16.10
N VAL A 244 -12.18 -16.04 15.99
CA VAL A 244 -11.70 -16.95 14.97
C VAL A 244 -10.62 -17.84 15.55
N VAL A 245 -10.61 -19.10 15.11
CA VAL A 245 -9.60 -20.05 15.57
C VAL A 245 -9.09 -20.83 14.36
N THR A 246 -7.78 -20.75 14.11
CA THR A 246 -7.18 -21.47 13.00
C THR A 246 -6.32 -22.59 13.58
N THR A 247 -6.00 -23.59 12.76
CA THR A 247 -5.19 -24.72 13.23
C THR A 247 -4.70 -25.65 12.14
N THR A 248 -3.66 -26.39 12.48
CA THR A 248 -3.09 -27.40 11.59
C THR A 248 -3.78 -28.66 12.05
N THR A 249 -3.83 -29.68 11.21
CA THR A 249 -4.47 -30.90 11.63
C THR A 249 -3.47 -31.99 11.99
N HIS A 250 -2.19 -31.68 11.84
CA HIS A 250 -1.18 -32.65 12.25
C HIS A 250 -0.78 -32.23 13.67
N LYS A 251 0.36 -32.70 14.15
CA LYS A 251 0.80 -32.37 15.53
C LYS A 251 -0.05 -33.09 16.61
N THR A 252 -0.51 -32.36 17.62
CA THR A 252 -1.30 -32.99 18.68
C THR A 252 -2.62 -33.54 18.21
N LEU A 253 -2.95 -33.34 16.94
CA LEU A 253 -4.23 -33.84 16.44
C LEU A 253 -4.05 -35.13 15.69
N ARG A 254 -2.79 -35.46 15.42
CA ARG A 254 -2.43 -36.69 14.73
C ARG A 254 -3.11 -37.01 13.40
N GLY A 255 -3.32 -36.00 12.56
CA GLY A 255 -3.94 -36.21 11.27
C GLY A 255 -2.92 -35.96 10.18
N CYS A 256 -3.37 -35.79 8.95
CA CYS A 256 -2.44 -35.51 7.86
C CYS A 256 -2.26 -33.99 7.77
N ARG A 257 -1.27 -33.53 7.02
CA ARG A 257 -1.01 -32.10 6.87
C ARG A 257 -2.11 -31.28 6.20
N ALA A 258 -2.64 -30.32 6.94
CA ALA A 258 -3.70 -29.46 6.43
C ALA A 258 -4.02 -28.41 7.48
N GLY A 259 -4.99 -27.55 7.20
CA GLY A 259 -5.36 -26.54 8.17
C GLY A 259 -6.87 -26.30 8.13
N ILE A 261 -10.14 -23.33 9.48
CA ILE A 261 -10.43 -22.01 9.99
C ILE A 261 -11.83 -22.02 10.59
N PHE A 262 -11.89 -21.91 11.92
CA PHE A 262 -13.16 -21.89 12.65
C PHE A 262 -13.54 -20.42 12.84
N TYR A 263 -14.80 -20.08 12.60
CA TYR A 263 -15.23 -18.69 12.76
C TYR A 263 -16.63 -18.59 13.34
N ARG A 264 -16.87 -17.52 14.10
CA ARG A 264 -18.16 -17.27 14.73
C ARG A 264 -19.20 -16.76 13.72
N LYS A 265 -20.49 -16.90 14.05
CA LYS A 265 -21.56 -16.40 13.17
C LYS A 265 -22.83 -15.98 13.91
N GLY A 266 -23.57 -15.05 13.30
CA GLY A 266 -24.82 -14.56 13.85
C GLY A 266 -24.82 -13.67 15.09
N VAL A 267 -25.17 -14.29 16.22
CA VAL A 267 -25.25 -13.64 17.53
C VAL A 267 -23.97 -12.85 17.87
N ARG A 268 -23.73 -11.70 17.24
CA ARG A 268 -22.49 -10.98 17.56
C ARG A 268 -22.47 -10.18 18.85
N SER A 269 -23.16 -9.03 18.83
CA SER A 269 -23.15 -8.15 19.98
C SER A 269 -24.50 -7.56 20.36
N VAL A 270 -24.66 -7.25 21.65
CA VAL A 270 -25.89 -6.68 22.20
C VAL A 270 -25.66 -5.27 22.77
N ASP A 271 -26.60 -4.37 22.51
CA ASP A 271 -26.52 -2.98 22.99
C ASP A 271 -27.35 -2.71 24.25
N PRO A 272 -26.76 -2.04 25.26
CA PRO A 272 -27.46 -1.73 26.52
C PRO A 272 -28.71 -0.89 26.27
N LYS A 273 -28.69 0.38 26.65
CA LYS A 273 -29.85 1.25 26.42
C LYS A 273 -30.02 1.44 24.91
N THR A 274 -28.90 1.54 24.19
CA THR A 274 -28.91 1.72 22.74
C THR A 274 -29.50 0.52 21.99
N GLY A 275 -30.01 -0.45 22.76
CA GLY A 275 -30.63 -1.65 22.22
C GLY A 275 -30.71 -1.90 20.72
N LYS A 276 -29.56 -1.93 20.06
CA LYS A 276 -29.52 -2.21 18.62
C LYS A 276 -28.58 -3.40 18.50
N GLU A 277 -28.72 -4.20 17.44
CA GLU A 277 -27.85 -5.36 17.32
C GLU A 277 -26.88 -5.37 16.14
N THR A 278 -25.84 -6.18 16.29
CA THR A 278 -24.78 -6.32 15.30
C THR A 278 -24.50 -7.80 15.01
N TYR A 279 -24.13 -8.11 13.77
CA TYR A 279 -23.85 -9.50 13.37
C TYR A 279 -22.43 -9.81 12.90
N TYR A 280 -22.17 -11.11 12.74
CA TYR A 280 -20.88 -11.59 12.26
C TYR A 280 -20.99 -11.88 10.78
N GLU A 281 -19.99 -11.41 10.02
CA GLU A 281 -19.91 -11.60 8.58
C GLU A 281 -18.65 -12.40 8.25
N LEU A 282 -18.05 -12.94 9.30
CA LEU A 282 -16.83 -13.72 9.15
C LEU A 282 -16.95 -14.81 8.09
N GLU A 283 -18.00 -15.63 8.20
CA GLU A 283 -18.20 -16.71 7.26
C GLU A 283 -18.01 -16.23 5.82
N SER A 284 -18.73 -15.17 5.47
CA SER A 284 -18.65 -14.61 4.12
C SER A 284 -17.25 -14.18 3.69
N LEU A 285 -16.60 -13.35 4.50
CA LEU A 285 -15.28 -12.85 4.17
C LEU A 285 -14.23 -13.94 4.10
N ILE A 286 -14.18 -14.78 5.13
CA ILE A 286 -13.21 -15.85 5.17
C ILE A 286 -13.39 -16.85 4.03
N ASN A 287 -14.58 -17.40 3.88
CA ASN A 287 -14.75 -18.37 2.81
C ASN A 287 -14.31 -17.83 1.45
N SER A 288 -14.54 -16.54 1.20
CA SER A 288 -14.16 -15.94 -0.08
C SER A 288 -12.67 -15.75 -0.21
N ALA A 289 -12.02 -15.30 0.86
CA ALA A 289 -10.60 -15.09 0.79
C ALA A 289 -9.91 -16.42 0.43
N VAL A 290 -10.43 -17.52 0.98
CA VAL A 290 -9.85 -18.82 0.69
C VAL A 290 -9.97 -19.13 -0.79
N PHE A 291 -11.15 -18.87 -1.36
CA PHE A 291 -11.38 -19.11 -2.77
C PHE A 291 -12.47 -18.21 -3.31
N PRO A 292 -12.25 -17.61 -4.49
CA PRO A 292 -11.09 -17.71 -5.36
C PRO A 292 -9.99 -16.78 -4.92
N GLY A 293 -10.13 -16.23 -3.72
CA GLY A 293 -9.13 -15.31 -3.22
C GLY A 293 -7.70 -15.79 -3.28
N LEU A 294 -7.40 -16.85 -2.55
CA LEU A 294 -6.04 -17.37 -2.49
C LEU A 294 -5.76 -18.76 -3.01
N GLN A 295 -6.69 -19.70 -2.87
CA GLN A 295 -6.40 -21.05 -3.31
C GLN A 295 -7.03 -21.52 -4.61
N GLY A 296 -6.52 -22.63 -5.12
CA GLY A 296 -7.04 -23.19 -6.33
C GLY A 296 -8.07 -24.23 -5.95
N GLY A 297 -7.86 -25.47 -6.38
CA GLY A 297 -8.82 -26.52 -6.07
C GLY A 297 -8.46 -27.24 -4.80
N PRO A 298 -9.43 -27.47 -3.91
CA PRO A 298 -9.19 -28.17 -2.65
C PRO A 298 -8.55 -29.52 -2.86
N HIS A 299 -7.80 -29.97 -1.87
CA HIS A 299 -7.14 -31.28 -1.94
C HIS A 299 -8.00 -32.29 -1.22
N ASN A 300 -9.06 -32.71 -1.88
CA ASN A 300 -10.03 -33.64 -1.32
C ASN A 300 -9.46 -34.85 -0.58
N HIS A 301 -8.32 -35.37 -1.02
CA HIS A 301 -7.73 -36.52 -0.33
C HIS A 301 -7.23 -36.16 1.05
N ALA A 302 -6.74 -34.94 1.21
CA ALA A 302 -6.27 -34.51 2.51
C ALA A 302 -7.47 -34.32 3.42
N ILE A 303 -8.53 -33.73 2.88
CA ILE A 303 -9.73 -33.52 3.65
C ILE A 303 -10.27 -34.86 4.16
N ALA A 304 -10.19 -35.89 3.32
CA ALA A 304 -10.66 -37.21 3.72
C ALA A 304 -9.85 -37.62 4.94
N GLY A 305 -8.54 -37.46 4.84
CA GLY A 305 -7.67 -37.82 5.95
C GLY A 305 -8.05 -37.10 7.23
N VAL A 306 -8.32 -35.81 7.12
CA VAL A 306 -8.71 -35.04 8.28
C VAL A 306 -9.98 -35.61 8.89
N ALA A 307 -11.00 -35.84 8.07
CA ALA A 307 -12.25 -36.39 8.58
C ALA A 307 -11.99 -37.65 9.41
N VAL A 308 -11.10 -38.51 8.93
CA VAL A 308 -10.77 -39.74 9.65
C VAL A 308 -10.16 -39.44 11.01
N ALA A 309 -9.20 -38.50 11.04
CA ALA A 309 -8.54 -38.14 12.30
C ALA A 309 -9.51 -37.43 13.23
N LEU A 310 -10.42 -36.65 12.67
CA LEU A 310 -11.38 -35.98 13.52
C LEU A 310 -12.18 -37.01 14.29
N LYS A 311 -12.66 -38.05 13.59
CA LYS A 311 -13.44 -39.10 14.25
C LYS A 311 -12.62 -39.70 15.38
N GLN A 312 -11.38 -40.11 15.09
CA GLN A 312 -10.51 -40.69 16.10
C GLN A 312 -10.30 -39.74 17.28
N ALA A 313 -10.31 -38.44 17.03
CA ALA A 313 -10.08 -37.47 18.10
C ALA A 313 -11.20 -37.46 19.12
N THR A 315 -12.74 -40.09 20.27
CA THR A 315 -12.78 -41.30 21.05
C THR A 315 -12.24 -41.12 22.45
N THR A 316 -12.42 -42.16 23.25
CA THR A 316 -11.97 -42.17 24.62
C THR A 316 -10.51 -42.58 24.56
N GLU A 317 -10.19 -43.43 23.58
CA GLU A 317 -8.82 -43.88 23.43
C GLU A 317 -7.98 -42.65 23.15
N PHE A 318 -8.60 -41.65 22.54
CA PHE A 318 -7.90 -40.42 22.22
C PHE A 318 -7.77 -39.59 23.49
N LYS A 319 -8.89 -39.36 24.17
CA LYS A 319 -8.90 -38.58 25.39
C LYS A 319 -7.86 -39.08 26.39
N ILE A 320 -7.63 -40.38 26.38
CA ILE A 320 -6.65 -41.00 27.30
C ILE A 320 -5.23 -40.81 26.77
N TYR A 321 -5.08 -40.91 25.45
CA TYR A 321 -3.78 -40.70 24.84
C TYR A 321 -3.31 -39.30 25.24
N GLN A 322 -4.16 -38.32 24.95
CA GLN A 322 -3.83 -36.94 25.24
C GLN A 322 -3.50 -36.73 26.72
N LEU A 323 -4.16 -37.47 27.59
CA LEU A 323 -3.88 -37.34 29.01
C LEU A 323 -2.49 -37.85 29.33
N GLN A 324 -2.13 -38.99 28.73
CA GLN A 324 -0.81 -39.57 28.94
C GLN A 324 0.22 -38.57 28.41
N VAL A 325 -0.10 -37.94 27.27
CA VAL A 325 0.79 -36.95 26.65
C VAL A 325 1.17 -35.87 27.66
N LEU A 326 0.17 -35.32 28.34
CA LEU A 326 0.42 -34.29 29.35
C LEU A 326 1.26 -34.86 30.48
N ALA A 327 0.79 -35.98 31.05
CA ALA A 327 1.48 -36.64 32.13
C ALA A 327 2.96 -36.84 31.80
N ASN A 328 3.22 -37.42 30.63
CA ASN A 328 4.58 -37.67 30.18
C ASN A 328 5.42 -36.40 30.19
N CYS A 329 4.80 -35.27 29.85
CA CYS A 329 5.54 -34.01 29.83
C CYS A 329 6.07 -33.72 31.22
N ARG A 330 5.18 -33.71 32.21
CA ARG A 330 5.58 -33.43 33.59
C ARG A 330 6.77 -34.34 33.92
N ALA A 331 6.57 -35.63 33.76
CA ALA A 331 7.62 -36.61 34.04
C ALA A 331 8.97 -36.16 33.51
N LEU A 332 9.01 -35.82 32.23
CA LEU A 332 10.24 -35.38 31.58
C LEU A 332 10.77 -34.04 32.12
N SER A 333 9.86 -33.14 32.43
CA SER A 333 10.25 -31.84 32.95
C SER A 333 10.78 -31.95 34.37
N ASP A 334 10.24 -32.90 35.14
CA ASP A 334 10.66 -33.12 36.51
C ASP A 334 12.04 -33.77 36.53
N ALA A 335 12.15 -34.91 35.86
CA ALA A 335 13.41 -35.64 35.79
C ALA A 335 14.54 -34.74 35.28
N LEU A 336 14.18 -33.82 34.40
CA LEU A 336 15.13 -32.89 33.81
C LEU A 336 15.51 -31.77 34.77
N THR A 337 14.52 -31.28 35.52
CA THR A 337 14.78 -30.23 36.49
C THR A 337 15.62 -30.90 37.57
N GLU A 338 15.18 -32.08 37.99
CA GLU A 338 15.86 -32.85 39.01
C GLU A 338 17.33 -33.01 38.63
N LEU A 339 17.59 -33.31 37.36
CA LEU A 339 18.96 -33.46 36.89
C LEU A 339 19.72 -32.15 36.93
N GLY A 340 19.01 -31.07 37.26
CA GLY A 340 19.66 -29.77 37.35
C GLY A 340 19.66 -28.86 36.12
N TYR A 341 18.64 -28.98 35.27
CA TYR A 341 18.57 -28.11 34.10
C TYR A 341 17.48 -27.08 34.33
N LYS A 342 17.56 -25.96 33.61
CA LYS A 342 16.57 -24.90 33.75
C LYS A 342 15.41 -25.01 32.75
N ILE A 343 14.20 -25.11 33.27
CA ILE A 343 13.02 -25.20 32.41
C ILE A 343 12.21 -23.89 32.52
N VAL A 344 12.21 -23.11 31.43
CA VAL A 344 11.50 -21.82 31.41
C VAL A 344 10.11 -21.86 32.02
N THR A 345 9.79 -20.85 32.81
CA THR A 345 8.51 -20.73 33.53
C THR A 345 8.36 -21.85 34.56
N GLY A 346 9.45 -22.58 34.78
CA GLY A 346 9.45 -23.66 35.75
C GLY A 346 9.04 -25.03 35.25
N GLY A 347 7.97 -25.09 34.47
CA GLY A 347 7.50 -26.37 33.96
C GLY A 347 6.63 -26.19 32.74
N SER A 348 5.58 -27.00 32.63
CA SER A 348 4.70 -26.91 31.48
C SER A 348 3.25 -27.18 31.86
N ASP A 349 2.35 -26.65 31.05
CA ASP A 349 0.92 -26.80 31.26
C ASP A 349 0.40 -27.64 30.11
N ASN A 350 1.26 -27.84 29.11
CA ASN A 350 0.87 -28.60 27.93
C ASN A 350 1.76 -29.77 27.60
N HIS A 351 2.07 -29.90 26.31
CA HIS A 351 2.87 -31.01 25.79
C HIS A 351 4.35 -30.72 25.53
N LEU A 352 4.79 -29.49 25.73
CA LEU A 352 6.18 -29.14 25.48
C LEU A 352 6.87 -28.37 26.60
N ILE A 353 8.19 -28.30 26.53
CA ILE A 353 9.00 -27.59 27.52
C ILE A 353 10.21 -26.98 26.82
N LEU A 354 10.76 -25.92 27.40
CA LEU A 354 11.91 -25.24 26.82
C LEU A 354 13.07 -25.17 27.80
N ASP A 356 16.80 -24.01 29.12
CA ASP A 356 17.72 -22.88 29.03
C ASP A 356 19.13 -23.40 29.31
N LEU A 357 19.78 -23.89 28.26
CA LEU A 357 21.13 -24.44 28.35
C LEU A 357 22.18 -23.40 28.73
N ARG A 358 21.80 -22.14 28.65
CA ARG A 358 22.68 -21.02 28.98
C ARG A 358 23.43 -21.19 30.30
N SER A 359 22.75 -21.72 31.31
CA SER A 359 23.39 -21.93 32.60
C SER A 359 24.28 -23.17 32.56
N LYS A 360 24.98 -23.34 31.43
CA LYS A 360 25.89 -24.49 31.20
C LYS A 360 26.94 -24.15 30.15
N GLY A 361 27.00 -22.88 29.76
CA GLY A 361 27.99 -22.46 28.78
C GLY A 361 27.71 -22.94 27.36
N THR A 362 26.87 -23.95 27.23
CA THR A 362 26.55 -24.46 25.90
C THR A 362 25.26 -23.81 25.40
N ASP A 363 25.14 -23.72 24.08
CA ASP A 363 23.95 -23.13 23.47
C ASP A 363 23.10 -24.23 22.84
N GLY A 364 21.89 -23.88 22.43
CA GLY A 364 21.02 -24.87 21.83
C GLY A 364 21.49 -25.36 20.47
N GLY A 365 22.27 -24.54 19.78
CA GLY A 365 22.77 -24.91 18.47
C GLY A 365 23.68 -26.13 18.46
N ARG A 366 24.67 -26.13 19.36
CA ARG A 366 25.60 -27.25 19.47
C ARG A 366 24.88 -28.49 19.97
N ALA A 367 24.28 -28.37 21.16
CA ALA A 367 23.53 -29.45 21.80
C ALA A 367 22.59 -30.17 20.86
N GLU A 368 21.89 -29.41 20.03
CA GLU A 368 20.96 -30.00 19.08
C GLU A 368 21.64 -30.96 18.13
N LYS A 369 22.77 -30.54 17.60
CA LYS A 369 23.50 -31.37 16.64
C LYS A 369 24.04 -32.67 17.25
N VAL A 370 24.52 -32.60 18.48
CA VAL A 370 25.04 -33.78 19.17
C VAL A 370 23.92 -34.82 19.34
N LEU A 371 22.82 -34.39 19.96
CA LEU A 371 21.68 -35.25 20.20
C LEU A 371 21.15 -35.89 18.92
N GLU A 372 21.33 -35.21 17.80
CA GLU A 372 20.89 -35.74 16.52
C GLU A 372 21.75 -36.94 16.17
N ALA A 373 23.06 -36.77 16.32
CA ALA A 373 24.02 -37.81 16.04
C ALA A 373 23.74 -39.05 16.88
N CYS A 374 22.92 -38.90 17.91
CA CYS A 374 22.59 -40.01 18.78
C CYS A 374 21.14 -40.50 18.63
N SER A 375 20.53 -40.21 17.49
CA SER A 375 19.14 -40.61 17.21
C SER A 375 18.11 -39.97 18.15
N ILE A 376 18.33 -38.70 18.48
CA ILE A 376 17.43 -37.95 19.35
C ILE A 376 17.08 -36.64 18.61
N ALA A 377 15.96 -36.65 17.90
CA ALA A 377 15.50 -35.51 17.09
C ALA A 377 14.71 -34.45 17.84
N CYS A 378 15.16 -33.20 17.73
CA CYS A 378 14.50 -32.09 18.40
C CYS A 378 14.76 -30.72 17.76
N ASN A 379 14.41 -29.67 18.49
CA ASN A 379 14.56 -28.30 18.02
C ASN A 379 15.52 -27.44 18.79
N LYS A 380 16.20 -26.58 18.04
CA LYS A 380 17.12 -25.64 18.63
C LYS A 380 16.27 -24.38 18.69
N ASN A 381 15.08 -24.50 19.28
CA ASN A 381 14.19 -23.37 19.38
C ASN A 381 14.86 -22.13 19.99
N THR A 382 14.43 -20.95 19.58
CA THR A 382 14.99 -19.70 20.10
C THR A 382 14.51 -19.43 21.53
N CYS A 383 15.42 -18.94 22.37
CA CYS A 383 15.08 -18.64 23.76
C CYS A 383 14.51 -17.24 23.88
N PRO A 384 13.87 -16.93 25.04
CA PRO A 384 13.27 -15.61 25.30
C PRO A 384 14.34 -14.54 25.31
N GLY A 385 15.04 -14.40 24.19
CA GLY A 385 16.11 -13.42 24.12
C GLY A 385 16.17 -12.62 22.84
N ASP A 386 17.38 -12.18 22.49
CA ASP A 386 17.62 -11.36 21.31
C ASP A 386 18.77 -11.91 20.44
N LYS A 387 19.18 -13.15 20.68
CA LYS A 387 20.25 -13.73 19.87
C LYS A 387 19.61 -13.93 18.51
N SER A 388 19.57 -15.17 18.01
CA SER A 388 18.93 -15.42 16.71
C SER A 388 18.92 -16.88 16.27
N ALA A 389 17.93 -17.21 15.44
CA ALA A 389 17.74 -18.55 14.91
C ALA A 389 18.98 -19.13 14.27
N LEU A 390 19.12 -20.45 14.41
CA LEU A 390 20.25 -21.20 13.87
C LEU A 390 21.40 -21.35 14.86
N ARG A 391 21.34 -20.58 15.96
CA ARG A 391 22.33 -20.65 17.03
C ARG A 391 21.72 -20.03 18.27
N PRO A 392 20.61 -20.60 18.77
CA PRO A 392 19.86 -20.15 19.95
C PRO A 392 20.52 -20.32 21.32
N SER A 393 19.80 -20.92 22.26
CA SER A 393 20.32 -21.08 23.61
C SER A 393 19.53 -22.13 24.42
N GLY A 394 18.37 -22.48 23.88
CA GLY A 394 17.48 -23.47 24.47
C GLY A 394 17.09 -24.59 23.52
N LEU A 395 16.44 -25.62 24.06
CA LEU A 395 15.97 -26.76 23.27
C LEU A 395 14.49 -26.92 23.53
N ARG A 396 13.74 -27.25 22.48
CA ARG A 396 12.31 -27.45 22.63
C ARG A 396 12.00 -28.93 22.52
N LEU A 397 11.35 -29.46 23.56
CA LEU A 397 11.00 -30.88 23.60
C LEU A 397 9.50 -31.07 23.68
N GLY A 398 8.98 -32.08 23.01
CA GLY A 398 7.56 -32.35 23.04
C GLY A 398 7.33 -33.83 23.29
N THR A 399 6.12 -34.21 23.72
CA THR A 399 5.86 -35.62 23.99
C THR A 399 4.83 -36.35 23.12
N PRO A 400 4.03 -35.62 22.32
CA PRO A 400 3.03 -36.33 21.50
C PRO A 400 3.58 -37.48 20.66
N ALA A 401 4.67 -37.25 19.96
CA ALA A 401 5.28 -38.27 19.11
C ALA A 401 5.49 -39.58 19.86
N LEU A 402 6.39 -39.56 20.84
CA LEU A 402 6.70 -40.75 21.64
C LEU A 402 5.54 -41.35 22.43
N THR A 403 4.65 -40.51 22.93
CA THR A 403 3.50 -41.01 23.70
C THR A 403 2.67 -41.87 22.76
N SER A 404 2.52 -41.43 21.53
CA SER A 404 1.75 -42.21 20.57
C SER A 404 2.38 -43.58 20.32
N ARG A 405 3.64 -43.75 20.72
CA ARG A 405 4.32 -45.03 20.53
C ARG A 405 4.27 -45.93 21.75
N GLY A 406 3.60 -45.45 22.80
CA GLY A 406 3.49 -46.23 24.02
C GLY A 406 4.16 -45.64 25.25
N LEU A 407 5.38 -45.12 25.10
CA LEU A 407 6.15 -44.51 26.21
C LEU A 407 5.32 -43.91 27.34
N LEU A 408 5.66 -44.28 28.58
CA LEU A 408 5.00 -43.75 29.77
C LEU A 408 6.04 -43.03 30.61
N GLU A 409 5.64 -42.59 31.80
CA GLU A 409 6.54 -41.85 32.68
C GLU A 409 7.93 -42.50 32.87
N GLU A 410 7.94 -43.76 33.31
CA GLU A 410 9.21 -44.45 33.52
C GLU A 410 10.12 -44.35 32.30
N ASP A 411 9.55 -44.54 31.13
CA ASP A 411 10.30 -44.48 29.89
C ASP A 411 10.79 -43.06 29.59
N PHE A 412 9.95 -42.06 29.85
CA PHE A 412 10.34 -40.68 29.62
C PHE A 412 11.44 -40.22 30.57
N GLN A 413 11.59 -40.93 31.68
CA GLN A 413 12.66 -40.60 32.62
C GLN A 413 13.94 -41.14 32.00
N LYS A 414 13.86 -42.38 31.50
CA LYS A 414 15.01 -43.01 30.86
C LYS A 414 15.43 -42.10 29.71
N VAL A 415 14.45 -41.48 29.07
CA VAL A 415 14.70 -40.56 27.97
C VAL A 415 15.48 -39.37 28.52
N ALA A 416 14.98 -38.80 29.61
CA ALA A 416 15.62 -37.65 30.24
C ALA A 416 17.12 -37.90 30.42
N HIS A 417 17.45 -39.09 30.94
CA HIS A 417 18.84 -39.46 31.18
C HIS A 417 19.62 -39.51 29.86
N PHE A 418 19.04 -40.09 28.83
CA PHE A 418 19.70 -40.16 27.53
C PHE A 418 20.09 -38.76 27.10
N ILE A 419 19.16 -37.82 27.28
CA ILE A 419 19.38 -36.43 26.93
C ILE A 419 20.50 -35.83 27.76
N HIS A 420 20.44 -36.08 29.06
CA HIS A 420 21.45 -35.60 29.98
C HIS A 420 22.82 -36.05 29.50
N ARG A 421 22.91 -37.34 29.15
CA ARG A 421 24.14 -37.94 28.65
C ARG A 421 24.61 -37.18 27.41
N GLY A 422 23.65 -36.79 26.57
CA GLY A 422 23.95 -36.07 25.36
C GLY A 422 24.56 -34.70 25.58
N ILE A 423 23.90 -33.86 26.36
CA ILE A 423 24.42 -32.53 26.63
C ILE A 423 25.76 -32.70 27.34
N GLU A 424 25.82 -33.72 28.20
CA GLU A 424 27.03 -34.06 28.96
C GLU A 424 28.17 -34.14 27.96
N LEU A 425 27.93 -34.91 26.90
CA LEU A 425 28.90 -35.11 25.83
C LEU A 425 29.24 -33.81 25.15
N THR A 426 28.21 -33.01 24.86
CA THR A 426 28.43 -31.72 24.22
C THR A 426 29.42 -30.88 25.02
N LEU A 427 29.16 -30.70 26.31
CA LEU A 427 30.06 -29.93 27.17
C LEU A 427 31.49 -30.42 27.04
N GLN A 428 31.67 -31.75 27.08
CA GLN A 428 33.00 -32.34 26.95
C GLN A 428 33.66 -31.89 25.66
N ILE A 429 33.11 -32.34 24.54
CA ILE A 429 33.64 -32.00 23.24
C ILE A 429 33.85 -30.48 23.08
N GLN A 430 33.07 -29.69 23.79
CA GLN A 430 33.25 -28.24 23.69
C GLN A 430 34.72 -27.92 24.01
N SER A 431 35.16 -28.31 25.21
CA SER A 431 36.51 -28.08 25.70
C SER A 431 37.62 -28.87 24.99
N HIS A 432 37.33 -30.09 24.57
CA HIS A 432 38.33 -30.90 23.88
C HIS A 432 38.81 -30.24 22.58
N ALA A 434 38.32 -26.41 22.82
CA ALA A 434 38.17 -25.05 23.37
C ALA A 434 38.83 -23.95 22.55
N THR A 435 38.01 -23.22 21.79
CA THR A 435 38.50 -22.13 20.94
C THR A 435 37.41 -21.09 20.68
N LYS A 436 37.40 -20.54 19.48
CA LYS A 436 36.41 -19.53 19.09
C LYS A 436 35.77 -19.90 17.75
N ALA A 437 35.71 -21.20 17.46
CA ALA A 437 35.13 -21.68 16.21
C ALA A 437 33.62 -21.92 16.36
N THR A 438 32.87 -21.64 15.29
CA THR A 438 31.42 -21.81 15.29
C THR A 438 30.95 -23.22 14.89
N LEU A 439 29.64 -23.40 14.90
CA LEU A 439 29.00 -24.67 14.55
C LEU A 439 29.62 -25.38 13.35
N LYS A 440 29.82 -24.66 12.26
CA LYS A 440 30.40 -25.23 11.04
C LYS A 440 31.67 -26.08 11.28
N GLU A 441 32.43 -25.75 12.33
CA GLU A 441 33.63 -26.51 12.67
C GLU A 441 33.21 -27.63 13.61
N PHE A 442 32.25 -27.31 14.47
CA PHE A 442 31.73 -28.27 15.43
C PHE A 442 31.40 -29.55 14.68
N LYS A 443 30.95 -29.40 13.43
CA LYS A 443 30.60 -30.55 12.61
C LYS A 443 31.81 -31.44 12.36
N GLU A 444 33.01 -30.89 12.61
CA GLU A 444 34.24 -31.63 12.37
C GLU A 444 34.46 -32.76 13.36
N LYS A 445 35.00 -32.46 14.54
CA LYS A 445 35.25 -33.49 15.54
C LYS A 445 34.01 -34.35 15.72
N LEU A 446 32.89 -33.89 15.17
CA LEU A 446 31.63 -34.62 15.27
C LEU A 446 31.51 -35.58 14.12
N ALA A 447 31.36 -35.02 12.92
CA ALA A 447 31.24 -35.84 11.72
C ALA A 447 32.51 -36.70 11.63
N GLY A 448 33.61 -36.05 11.27
CA GLY A 448 34.87 -36.76 11.16
C GLY A 448 35.35 -37.32 12.49
N ASP A 449 36.60 -37.04 12.84
CA ASP A 449 37.16 -37.53 14.09
C ASP A 449 36.84 -39.02 14.14
N GLU A 450 36.80 -39.57 15.35
CA GLU A 450 36.50 -40.99 15.53
C GLU A 450 36.41 -41.29 17.02
N LYS A 451 37.43 -40.87 17.75
CA LYS A 451 37.51 -41.06 19.20
C LYS A 451 36.29 -40.44 19.88
N ILE A 452 35.86 -39.31 19.34
CA ILE A 452 34.70 -38.58 19.83
C ILE A 452 33.45 -39.27 19.30
N GLN A 453 33.61 -39.94 18.16
CA GLN A 453 32.48 -40.60 17.54
C GLN A 453 32.28 -41.99 18.09
N SER A 454 33.18 -42.39 18.96
CA SER A 454 33.11 -43.68 19.60
C SER A 454 32.19 -43.52 20.80
N ALA A 455 32.12 -42.30 21.32
CA ALA A 455 31.27 -41.99 22.46
C ALA A 455 29.84 -41.94 21.96
N VAL A 456 29.63 -41.13 20.91
CA VAL A 456 28.31 -41.00 20.32
C VAL A 456 27.83 -42.37 19.86
N ALA A 457 28.69 -43.08 19.13
CA ALA A 457 28.36 -44.40 18.62
C ALA A 457 27.80 -45.30 19.72
N THR A 458 28.35 -45.17 20.93
CA THR A 458 27.88 -45.99 22.04
C THR A 458 26.47 -45.55 22.46
N LEU A 459 26.33 -44.26 22.76
CA LEU A 459 25.05 -43.71 23.19
C LEU A 459 23.98 -43.91 22.13
N ARG A 460 24.33 -43.65 20.88
CA ARG A 460 23.37 -43.82 19.78
C ARG A 460 22.81 -45.22 19.83
N GLU A 461 23.68 -46.20 20.06
CA GLU A 461 23.26 -47.59 20.13
C GLU A 461 22.26 -47.81 21.25
N GLU A 462 22.67 -47.50 22.48
CA GLU A 462 21.80 -47.71 23.63
C GLU A 462 20.44 -47.05 23.42
N VAL A 463 20.45 -45.95 22.67
CA VAL A 463 19.22 -45.22 22.37
C VAL A 463 18.40 -45.97 21.35
N GLU A 464 19.02 -46.34 20.23
CA GLU A 464 18.32 -47.06 19.19
C GLU A 464 17.76 -48.39 19.67
N ASN A 465 18.43 -49.01 20.64
CA ASN A 465 17.97 -50.28 21.17
C ASN A 465 16.75 -50.02 21.99
N PHE A 466 16.80 -48.96 22.78
CA PHE A 466 15.68 -48.56 23.64
C PHE A 466 14.47 -48.20 22.77
N ALA A 467 14.72 -47.46 21.69
CA ALA A 467 13.66 -47.02 20.78
C ALA A 467 12.94 -48.18 20.10
N SER A 468 13.71 -48.92 19.29
CA SER A 468 13.21 -50.06 18.52
C SER A 468 12.30 -51.01 19.28
N ASN A 469 12.23 -50.87 20.59
CA ASN A 469 11.39 -51.75 21.40
C ASN A 469 9.94 -51.27 21.50
N PHE A 470 9.61 -50.18 20.82
CA PHE A 470 8.24 -49.65 20.85
C PHE A 470 7.55 -49.71 19.50
N SER A 471 6.22 -49.67 19.54
CA SER A 471 5.42 -49.72 18.32
C SER A 471 5.57 -48.43 17.53
N LEU A 472 5.22 -48.49 16.25
CA LEU A 472 5.32 -47.34 15.36
C LEU A 472 4.11 -47.32 14.43
N PRO A 473 3.10 -46.50 14.76
CA PRO A 473 1.88 -46.40 13.94
C PRO A 473 2.18 -46.22 12.46
N GLY A 474 1.19 -46.56 11.65
CA GLY A 474 1.34 -46.44 10.21
C GLY A 474 1.00 -47.73 9.47
N LEU A 475 1.39 -47.78 8.21
CA LEU A 475 1.15 -48.91 7.33
C LEU A 475 2.05 -50.10 7.69
N PRO A 476 1.94 -51.24 6.96
CA PRO A 476 2.76 -52.43 7.22
C PRO A 476 4.27 -52.17 7.03
N ASP A 477 4.82 -51.22 7.78
CA ASP A 477 6.22 -50.84 7.68
C ASP A 477 6.48 -50.21 6.30
N PHE A 478 6.27 -48.91 6.20
CA PHE A 478 6.46 -48.19 4.94
C PHE A 478 6.22 -46.68 5.10
N MET B 1 -6.31 -57.83 36.09
CA MET B 1 -6.10 -57.10 37.38
C MET B 1 -5.97 -55.59 37.13
N ALA B 2 -5.02 -55.22 36.27
CA ALA B 2 -4.79 -53.83 35.91
C ALA B 2 -5.66 -53.42 34.72
N ASP B 3 -6.81 -54.08 34.58
CA ASP B 3 -7.75 -53.84 33.50
C ASP B 3 -8.07 -52.34 33.38
N ARG B 4 -8.81 -51.83 34.36
CA ARG B 4 -9.23 -50.44 34.47
C ARG B 4 -8.66 -49.46 33.41
N ASP B 5 -7.34 -49.44 33.29
CA ASP B 5 -6.66 -48.55 32.34
C ASP B 5 -6.09 -49.25 31.11
N ALA B 6 -5.12 -50.13 31.34
CA ALA B 6 -4.45 -50.88 30.27
C ALA B 6 -5.44 -51.58 29.35
N THR B 7 -6.71 -51.55 29.73
CA THR B 7 -7.75 -52.16 28.93
C THR B 7 -7.99 -51.26 27.73
N LEU B 8 -7.97 -49.95 27.94
CA LEU B 8 -8.19 -48.99 26.88
C LEU B 8 -6.98 -48.89 25.96
N TRP B 9 -5.81 -48.69 26.57
CA TRP B 9 -4.54 -48.59 25.84
C TRP B 9 -4.41 -49.67 24.76
N ALA B 10 -5.24 -50.71 24.86
CA ALA B 10 -5.21 -51.78 23.86
C ALA B 10 -5.95 -51.27 22.64
N SER B 11 -7.06 -50.57 22.88
CA SER B 11 -7.87 -50.01 21.80
C SER B 11 -7.05 -48.96 21.06
N HIS B 12 -6.67 -47.91 21.79
CA HIS B 12 -5.87 -46.83 21.22
C HIS B 12 -4.74 -47.42 20.40
N GLU B 13 -4.24 -48.57 20.85
CA GLU B 13 -3.17 -49.29 20.17
C GLU B 13 -3.62 -49.75 18.77
N LYS B 14 -4.76 -50.43 18.71
CA LYS B 14 -5.29 -50.93 17.44
C LYS B 14 -5.76 -49.81 16.53
N LEU B 16 -4.68 -47.10 15.83
CA LEU B 16 -3.61 -46.54 15.03
C LEU B 16 -3.01 -47.46 13.99
N SER B 17 -3.54 -48.69 13.88
CA SER B 17 -3.03 -49.65 12.91
C SER B 17 -4.18 -50.30 12.17
N GLN B 18 -5.37 -50.09 12.70
CA GLN B 18 -6.59 -50.62 12.11
C GLN B 18 -6.79 -49.98 10.73
N PRO B 19 -7.23 -50.77 9.72
CA PRO B 19 -7.46 -50.30 8.35
C PRO B 19 -8.66 -49.35 8.23
N LEU B 20 -8.59 -48.44 7.27
CA LEU B 20 -9.65 -47.47 7.05
C LEU B 20 -11.00 -48.17 6.90
N LYS B 21 -10.98 -49.32 6.23
CA LYS B 21 -12.20 -50.10 6.00
C LYS B 21 -13.00 -50.34 7.29
N ASP B 22 -12.28 -50.47 8.40
CA ASP B 22 -12.90 -50.69 9.71
C ASP B 22 -13.00 -49.39 10.48
N SER B 23 -11.85 -48.75 10.67
CA SER B 23 -11.77 -47.49 11.41
C SER B 23 -12.90 -46.51 11.05
N ASP B 24 -13.06 -46.22 9.77
CA ASP B 24 -14.09 -45.28 9.33
C ASP B 24 -14.85 -45.80 8.10
N ALA B 25 -15.94 -46.51 8.34
CA ALA B 25 -16.72 -47.08 7.26
C ALA B 25 -17.41 -46.03 6.41
N GLU B 26 -17.77 -44.92 7.04
CA GLU B 26 -18.45 -43.83 6.36
C GLU B 26 -17.55 -43.23 5.28
N VAL B 27 -16.34 -42.82 5.70
CA VAL B 27 -15.37 -42.23 4.79
C VAL B 27 -14.99 -43.26 3.76
N TYR B 28 -14.83 -44.51 4.18
CA TYR B 28 -14.47 -45.60 3.27
C TYR B 28 -15.54 -45.76 2.17
N SER B 29 -16.80 -45.67 2.57
CA SER B 29 -17.90 -45.79 1.64
C SER B 29 -17.79 -44.71 0.58
N ILE B 30 -17.69 -43.46 1.05
CA ILE B 30 -17.60 -42.31 0.14
C ILE B 30 -16.48 -42.47 -0.88
N ILE B 31 -15.29 -42.88 -0.42
CA ILE B 31 -14.17 -43.06 -1.33
C ILE B 31 -14.47 -44.08 -2.43
N LYS B 32 -15.13 -45.17 -2.08
CA LYS B 32 -15.45 -46.18 -3.09
C LYS B 32 -16.51 -45.70 -4.04
N LYS B 33 -17.50 -44.96 -3.51
CA LYS B 33 -18.57 -44.42 -4.33
C LYS B 33 -17.97 -43.47 -5.36
N GLU B 34 -16.91 -42.76 -4.96
CA GLU B 34 -16.22 -41.80 -5.82
C GLU B 34 -15.33 -42.53 -6.80
N SER B 35 -14.68 -43.60 -6.35
CA SER B 35 -13.81 -44.36 -7.24
C SER B 35 -14.67 -44.88 -8.37
N ASN B 36 -15.86 -45.34 -8.00
CA ASN B 36 -16.82 -45.88 -8.94
C ASN B 36 -17.19 -44.83 -9.98
N ARG B 37 -17.64 -43.68 -9.51
CA ARG B 37 -18.03 -42.56 -10.37
C ARG B 37 -17.04 -42.34 -11.51
N GLN B 38 -15.77 -42.23 -11.15
CA GLN B 38 -14.71 -42.02 -12.13
C GLN B 38 -14.59 -43.15 -13.15
N ARG B 39 -14.97 -44.35 -12.73
CA ARG B 39 -14.90 -45.53 -13.60
C ARG B 39 -15.96 -45.52 -14.70
N VAL B 40 -17.21 -45.38 -14.29
CA VAL B 40 -18.33 -45.38 -15.22
C VAL B 40 -18.74 -43.97 -15.61
N GLY B 41 -17.83 -43.26 -16.25
CA GLY B 41 -18.13 -41.90 -16.65
C GLY B 41 -17.06 -41.33 -17.55
N LEU B 42 -17.44 -40.39 -18.39
CA LEU B 42 -16.51 -39.77 -19.30
C LEU B 42 -15.98 -38.43 -18.77
N GLU B 43 -14.73 -38.45 -18.30
CA GLU B 43 -14.09 -37.25 -17.76
C GLU B 43 -13.49 -36.44 -18.90
N LEU B 44 -14.13 -35.31 -19.23
CA LEU B 44 -13.67 -34.43 -20.28
C LEU B 44 -13.19 -33.07 -19.75
N ILE B 45 -12.93 -33.02 -18.45
CA ILE B 45 -12.43 -31.83 -17.78
C ILE B 45 -10.92 -31.65 -18.08
N ALA B 46 -10.61 -30.65 -18.90
CA ALA B 46 -9.23 -30.39 -19.31
C ALA B 46 -8.14 -30.47 -18.23
N SER B 47 -8.45 -30.05 -17.01
CA SER B 47 -7.46 -30.05 -15.93
C SER B 47 -7.38 -31.30 -15.06
N GLU B 48 -8.20 -32.31 -15.35
CA GLU B 48 -8.17 -33.53 -14.56
C GLU B 48 -7.37 -34.65 -15.23
N ASN B 49 -7.08 -35.69 -14.46
CA ASN B 49 -6.34 -36.86 -14.94
C ASN B 49 -6.32 -37.92 -13.83
N PHE B 50 -5.81 -39.11 -14.16
CA PHE B 50 -5.75 -40.21 -13.19
C PHE B 50 -4.31 -40.52 -12.87
N ALA B 51 -3.96 -40.41 -11.60
CA ALA B 51 -2.59 -40.66 -11.17
C ALA B 51 -2.27 -42.14 -11.08
N SER B 52 -1.05 -42.50 -11.47
CA SER B 52 -0.60 -43.88 -11.42
C SER B 52 -0.66 -44.41 -10.00
N ARG B 53 -0.65 -45.73 -9.87
CA ARG B 53 -0.66 -46.37 -8.57
C ARG B 53 0.62 -46.03 -7.84
N ALA B 54 1.72 -46.05 -8.59
CA ALA B 54 3.04 -45.76 -8.04
C ALA B 54 3.04 -44.45 -7.26
N VAL B 55 2.53 -43.41 -7.88
CA VAL B 55 2.47 -42.10 -7.25
C VAL B 55 1.64 -42.14 -5.98
N LEU B 56 0.38 -42.49 -6.12
CA LEU B 56 -0.54 -42.57 -5.00
C LEU B 56 0.02 -43.36 -3.84
N GLU B 57 0.65 -44.50 -4.13
CA GLU B 57 1.23 -45.38 -3.11
C GLU B 57 2.23 -44.63 -2.21
N ALA B 58 2.83 -43.57 -2.75
CA ALA B 58 3.82 -42.77 -2.04
C ALA B 58 3.17 -41.71 -1.16
N LEU B 59 1.99 -41.27 -1.55
CA LEU B 59 1.27 -40.25 -0.79
C LEU B 59 0.95 -40.65 0.64
N GLY B 60 0.61 -41.91 0.85
CA GLY B 60 0.28 -42.34 2.20
C GLY B 60 1.45 -42.96 2.93
N SER B 61 2.66 -42.51 2.62
CA SER B 61 3.83 -43.07 3.28
C SER B 61 4.13 -42.37 4.62
N SER B 62 5.19 -42.84 5.29
CA SER B 62 5.63 -42.30 6.57
C SER B 62 6.14 -40.88 6.44
N LEU B 63 6.46 -40.48 5.21
CA LEU B 63 6.97 -39.13 4.94
C LEU B 63 6.02 -38.06 5.44
N ASN B 64 4.74 -38.38 5.49
CA ASN B 64 3.71 -37.45 5.94
C ASN B 64 3.94 -37.02 7.38
N ASN B 65 4.87 -37.69 8.06
CA ASN B 65 5.16 -37.44 9.46
C ASN B 65 6.36 -36.56 9.79
N LYS B 66 7.21 -36.29 8.80
CA LYS B 66 8.42 -35.51 9.06
C LYS B 66 8.35 -34.03 8.80
N TYR B 67 8.94 -33.25 9.71
CA TYR B 67 9.02 -31.79 9.60
C TYR B 67 10.43 -31.47 9.10
N SER B 68 10.55 -30.65 8.07
CA SER B 68 11.86 -30.28 7.53
C SER B 68 11.86 -28.87 6.99
N GLU B 69 11.26 -27.96 7.74
CA GLU B 69 11.11 -26.58 7.32
C GLU B 69 12.12 -25.86 6.42
N GLY B 70 13.41 -26.11 6.57
CA GLY B 70 14.34 -25.40 5.68
C GLY B 70 14.50 -25.91 4.23
N TYR B 71 15.76 -26.09 3.84
CA TYR B 71 16.12 -26.59 2.52
C TYR B 71 17.27 -27.58 2.76
N PRO B 72 17.49 -28.53 1.83
CA PRO B 72 18.58 -29.49 2.03
C PRO B 72 19.84 -28.70 2.27
N GLY B 73 20.59 -29.03 3.31
CA GLY B 73 21.78 -28.24 3.59
C GLY B 73 21.54 -27.58 4.93
N GLN B 74 20.56 -26.66 5.00
CA GLN B 74 20.25 -26.07 6.28
C GLN B 74 18.76 -26.16 6.62
N ARG B 75 18.40 -27.18 7.39
CA ARG B 75 17.03 -27.38 7.82
C ARG B 75 16.94 -26.83 9.23
N TYR B 76 15.72 -26.71 9.76
CA TYR B 76 15.52 -26.20 11.12
C TYR B 76 15.30 -27.31 12.14
N TYR B 77 15.19 -28.54 11.66
CA TYR B 77 15.00 -29.70 12.52
C TYR B 77 16.03 -30.68 12.02
N GLY B 78 16.24 -31.75 12.78
CA GLY B 78 17.22 -32.77 12.43
C GLY B 78 16.56 -34.07 12.01
N GLY B 79 17.34 -34.98 11.44
CA GLY B 79 16.79 -36.24 10.99
C GLY B 79 16.27 -36.10 9.58
N THR B 80 16.77 -35.08 8.90
CA THR B 80 16.36 -34.80 7.54
C THR B 80 17.30 -35.45 6.53
N GLU B 81 18.14 -36.36 7.02
CA GLU B 81 19.08 -37.02 6.14
C GLU B 81 18.38 -37.66 4.95
N PHE B 82 17.24 -38.30 5.21
CA PHE B 82 16.51 -38.94 4.14
C PHE B 82 15.59 -38.01 3.38
N ILE B 83 14.97 -37.09 4.09
CA ILE B 83 14.11 -36.13 3.45
C ILE B 83 14.99 -35.34 2.48
N ASP B 84 16.26 -35.18 2.85
CA ASP B 84 17.19 -34.46 2.01
C ASP B 84 17.48 -35.26 0.74
N GLU B 85 17.60 -36.58 0.87
CA GLU B 85 17.83 -37.44 -0.28
C GLU B 85 16.66 -37.24 -1.23
N LEU B 86 15.47 -37.43 -0.68
CA LEU B 86 14.25 -37.30 -1.43
C LEU B 86 14.13 -35.95 -2.15
N GLU B 87 14.28 -34.87 -1.40
CA GLU B 87 14.14 -33.54 -1.98
C GLU B 87 15.12 -33.29 -3.11
N LEU B 89 16.64 -35.57 -4.94
CA LEU B 89 16.35 -36.48 -6.03
C LEU B 89 15.28 -35.88 -6.92
N CYS B 90 14.23 -35.38 -6.29
CA CYS B 90 13.12 -34.78 -7.01
C CYS B 90 13.58 -33.53 -7.78
N GLN B 91 14.44 -32.72 -7.15
CA GLN B 91 14.93 -31.53 -7.84
C GLN B 91 15.74 -31.97 -9.05
N LYS B 92 16.49 -33.05 -8.88
CA LYS B 92 17.33 -33.57 -9.95
C LYS B 92 16.46 -34.02 -11.11
N ARG B 93 15.49 -34.88 -10.82
CA ARG B 93 14.58 -35.38 -11.85
C ARG B 93 13.77 -34.29 -12.51
N ALA B 94 13.54 -33.19 -11.79
CA ALA B 94 12.76 -32.12 -12.36
C ALA B 94 13.54 -31.45 -13.50
N LEU B 95 14.81 -31.14 -13.25
CA LEU B 95 15.63 -30.52 -14.27
C LEU B 95 15.87 -31.47 -15.43
N GLN B 96 15.95 -32.75 -15.13
CA GLN B 96 16.17 -33.73 -16.18
C GLN B 96 14.95 -33.74 -17.09
N ALA B 97 13.81 -34.09 -16.54
CA ALA B 97 12.56 -34.17 -17.29
C ALA B 97 12.35 -33.05 -18.29
N TYR B 98 12.90 -31.87 -18.02
CA TYR B 98 12.74 -30.75 -18.94
C TYR B 98 14.03 -30.37 -19.64
N HIS B 99 14.97 -31.32 -19.70
CA HIS B 99 16.27 -31.13 -20.34
C HIS B 99 16.89 -29.79 -20.00
N LEU B 100 17.00 -29.50 -18.71
CA LEU B 100 17.56 -28.22 -18.29
C LEU B 100 18.97 -28.37 -17.73
N ASP B 101 19.87 -27.51 -18.19
CA ASP B 101 21.25 -27.51 -17.72
C ASP B 101 21.24 -26.94 -16.32
N PRO B 102 21.54 -27.77 -15.30
CA PRO B 102 21.57 -27.38 -13.90
C PRO B 102 22.50 -26.20 -13.62
N GLN B 103 23.22 -25.77 -14.65
CA GLN B 103 24.13 -24.63 -14.55
C GLN B 103 23.34 -23.35 -14.77
N CYS B 104 22.27 -23.45 -15.55
CA CYS B 104 21.43 -22.30 -15.87
C CYS B 104 20.05 -22.33 -15.24
N TRP B 105 19.66 -23.47 -14.67
CA TRP B 105 18.35 -23.61 -14.03
C TRP B 105 18.39 -24.22 -12.65
N GLY B 106 17.33 -23.94 -11.90
CA GLY B 106 17.17 -24.47 -10.55
C GLY B 106 15.69 -24.61 -10.31
N VAL B 107 15.32 -25.40 -9.29
CA VAL B 107 13.93 -25.59 -8.98
C VAL B 107 13.62 -25.51 -7.50
N ASN B 108 12.35 -25.41 -7.21
CA ASN B 108 11.86 -25.37 -5.85
C ASN B 108 10.69 -26.32 -5.93
N VAL B 109 10.75 -27.42 -5.19
CA VAL B 109 9.66 -28.38 -5.22
C VAL B 109 8.80 -28.34 -3.97
N GLN B 110 8.76 -27.21 -3.29
CA GLN B 110 7.97 -27.08 -2.07
C GLN B 110 6.58 -26.45 -2.16
N PRO B 111 6.25 -25.76 -3.27
CA PRO B 111 4.92 -25.17 -3.31
C PRO B 111 3.80 -26.19 -3.13
N TYR B 112 2.89 -25.92 -2.19
CA TYR B 112 1.79 -26.82 -1.91
C TYR B 112 0.92 -27.10 -3.13
N SER B 113 0.83 -26.14 -4.04
CA SER B 113 0.01 -26.33 -5.25
C SER B 113 0.32 -25.27 -6.28
N GLY B 114 -0.48 -25.20 -7.34
CA GLY B 114 -0.24 -24.22 -8.39
C GLY B 114 -0.32 -22.75 -7.98
N SER B 115 -1.48 -22.35 -7.50
CA SER B 115 -1.68 -20.97 -7.08
C SER B 115 -0.58 -20.52 -6.13
N PRO B 116 -0.24 -21.36 -5.15
CA PRO B 116 0.81 -21.02 -4.19
C PRO B 116 2.13 -20.72 -4.89
N ALA B 117 2.51 -21.56 -5.84
CA ALA B 117 3.75 -21.36 -6.58
C ALA B 117 3.78 -19.96 -7.18
N ASN B 118 2.71 -19.57 -7.87
CA ASN B 118 2.63 -18.26 -8.49
C ASN B 118 2.74 -17.12 -7.49
N PHE B 119 1.89 -17.12 -6.47
CA PHE B 119 1.94 -16.05 -5.50
C PHE B 119 3.35 -15.93 -4.94
N ALA B 120 4.00 -17.07 -4.78
CA ALA B 120 5.36 -17.08 -4.26
C ALA B 120 6.30 -16.28 -5.17
N VAL B 121 6.12 -16.42 -6.48
CA VAL B 121 6.96 -15.71 -7.41
C VAL B 121 6.64 -14.23 -7.40
N TYR B 122 5.36 -13.87 -7.43
CA TYR B 122 5.05 -12.44 -7.42
C TYR B 122 5.62 -11.84 -6.13
N THR B 123 5.50 -12.56 -5.03
CA THR B 123 6.01 -12.09 -3.76
C THR B 123 7.52 -11.87 -3.82
N ALA B 124 8.22 -12.78 -4.48
CA ALA B 124 9.67 -12.71 -4.59
C ALA B 124 10.19 -11.68 -5.57
N LEU B 125 9.59 -11.61 -6.75
CA LEU B 125 10.05 -10.68 -7.78
C LEU B 125 9.25 -9.38 -7.97
N VAL B 126 7.97 -9.38 -7.66
CA VAL B 126 7.21 -8.18 -7.89
C VAL B 126 7.10 -7.25 -6.70
N GLU B 127 6.86 -7.82 -5.52
CA GLU B 127 6.73 -7.02 -4.31
C GLU B 127 5.40 -6.25 -4.28
N PRO B 128 4.86 -6.00 -3.07
CA PRO B 128 3.61 -5.28 -2.86
C PRO B 128 3.34 -4.12 -3.77
N HIS B 129 2.19 -4.14 -4.42
CA HIS B 129 1.76 -3.11 -5.35
C HIS B 129 2.54 -3.03 -6.65
N GLY B 130 3.43 -4.00 -6.84
CA GLY B 130 4.20 -4.06 -8.07
C GLY B 130 3.24 -4.42 -9.19
N ARG B 131 3.57 -4.00 -10.42
CA ARG B 131 2.71 -4.25 -11.58
C ARG B 131 2.92 -5.58 -12.29
N ILE B 132 1.80 -6.21 -12.63
CA ILE B 132 1.80 -7.51 -13.30
C ILE B 132 0.82 -7.55 -14.45
N GLY B 134 -1.20 -10.12 -17.17
CA GLY B 134 -1.59 -11.47 -17.51
C GLY B 134 -2.74 -11.51 -18.51
N LEU B 135 -3.07 -12.70 -18.99
CA LEU B 135 -4.16 -12.83 -19.94
C LEU B 135 -5.47 -12.75 -19.19
N ASP B 136 -6.32 -11.80 -19.56
CA ASP B 136 -7.62 -11.61 -18.90
C ASP B 136 -8.28 -12.97 -18.66
N LEU B 137 -8.95 -13.12 -17.51
CA LEU B 137 -9.57 -14.40 -17.18
C LEU B 137 -10.49 -14.95 -18.27
N PRO B 138 -11.49 -14.18 -18.71
CA PRO B 138 -12.43 -14.63 -19.77
C PRO B 138 -11.79 -14.85 -21.14
N ASP B 139 -10.49 -14.56 -21.26
CA ASP B 139 -9.76 -14.71 -22.52
C ASP B 139 -8.83 -15.91 -22.48
N GLY B 140 -9.06 -16.83 -21.56
CA GLY B 140 -8.22 -18.01 -21.47
C GLY B 140 -7.20 -18.00 -20.34
N GLY B 141 -6.97 -16.83 -19.77
CA GLY B 141 -6.02 -16.69 -18.68
C GLY B 141 -6.59 -17.25 -17.39
N HIS B 142 -5.71 -17.55 -16.45
CA HIS B 142 -6.13 -18.10 -15.17
C HIS B 142 -6.23 -17.11 -14.00
N LEU B 143 -7.18 -17.39 -13.10
CA LEU B 143 -7.45 -16.59 -11.90
C LEU B 143 -6.25 -15.87 -11.29
N THR B 144 -5.22 -16.64 -10.95
CA THR B 144 -4.02 -16.09 -10.33
C THR B 144 -3.15 -15.21 -11.22
N HIS B 145 -3.53 -15.03 -12.47
CA HIS B 145 -2.74 -14.17 -13.36
C HIS B 145 -3.20 -12.74 -13.25
N GLY B 146 -4.11 -12.52 -12.29
CA GLY B 146 -4.67 -11.21 -12.09
C GLY B 146 -6.10 -11.25 -12.60
N PHE B 147 -7.04 -10.96 -11.71
CA PHE B 147 -8.44 -10.93 -12.09
C PHE B 147 -9.14 -9.94 -11.14
N THR B 149 -12.43 -6.53 -11.27
CA THR B 149 -13.48 -5.88 -12.04
C THR B 149 -13.56 -4.40 -11.79
N ASP B 150 -14.69 -3.83 -12.16
CA ASP B 150 -14.92 -2.41 -12.00
C ASP B 150 -14.88 -1.99 -10.52
N LYS B 151 -15.37 -2.84 -9.62
CA LYS B 151 -15.39 -2.47 -8.21
C LYS B 151 -14.59 -3.37 -7.25
N LYS B 152 -14.57 -4.67 -7.48
CA LYS B 152 -13.86 -5.56 -6.58
C LYS B 152 -12.70 -6.37 -7.18
N LYS B 153 -11.61 -6.39 -6.43
CA LYS B 153 -10.41 -7.14 -6.80
C LYS B 153 -10.70 -8.56 -6.32
N ILE B 154 -10.53 -9.54 -7.19
CA ILE B 154 -10.81 -10.92 -6.80
C ILE B 154 -9.55 -11.71 -6.48
N SER B 155 -8.81 -12.12 -7.49
CA SER B 155 -7.63 -12.89 -7.23
C SER B 155 -6.75 -12.18 -6.20
N ALA B 156 -6.26 -12.93 -5.21
CA ALA B 156 -5.37 -12.36 -4.21
C ALA B 156 -4.34 -11.55 -4.98
N THR B 157 -4.01 -12.03 -6.18
CA THR B 157 -3.04 -11.37 -7.04
C THR B 157 -3.34 -9.91 -7.31
N SER B 158 -4.56 -9.60 -7.70
CA SER B 158 -4.90 -8.22 -7.97
C SER B 158 -5.11 -7.41 -6.68
N ILE B 159 -5.14 -8.11 -5.54
CA ILE B 159 -5.31 -7.47 -4.23
C ILE B 159 -4.00 -6.95 -3.67
N PHE B 160 -2.98 -7.80 -3.69
CA PHE B 160 -1.69 -7.43 -3.15
C PHE B 160 -0.76 -6.83 -4.20
N PHE B 161 -1.14 -6.96 -5.47
CA PHE B 161 -0.34 -6.41 -6.55
C PHE B 161 -1.23 -5.57 -7.47
N GLU B 162 -0.61 -4.83 -8.38
CA GLU B 162 -1.40 -4.02 -9.31
C GLU B 162 -1.38 -4.74 -10.63
N SER B 163 -2.54 -5.27 -11.05
CA SER B 163 -2.60 -6.00 -12.30
C SER B 163 -3.42 -5.33 -13.39
N PRO B 165 -4.72 -6.74 -17.44
CA PRO B 165 -4.70 -7.81 -18.44
C PRO B 165 -4.51 -7.38 -19.87
N TYR B 166 -4.19 -8.36 -20.70
CA TYR B 166 -4.08 -8.15 -22.14
C TYR B 166 -5.15 -9.08 -22.72
N LYS B 167 -5.49 -8.92 -23.99
CA LYS B 167 -6.56 -9.73 -24.54
C LYS B 167 -6.28 -10.55 -25.79
N VAL B 168 -7.34 -11.19 -26.29
CA VAL B 168 -7.29 -11.98 -27.54
C VAL B 168 -8.19 -11.23 -28.49
N TYR B 169 -7.90 -11.30 -29.80
CA TYR B 169 -8.75 -10.65 -30.79
C TYR B 169 -10.04 -11.46 -30.75
N PRO B 170 -11.15 -10.82 -30.39
CA PRO B 170 -12.41 -11.57 -30.33
C PRO B 170 -12.77 -12.19 -31.67
N GLU B 171 -12.32 -11.53 -32.72
CA GLU B 171 -12.57 -11.97 -34.07
C GLU B 171 -11.95 -13.34 -34.40
N THR B 172 -10.71 -13.58 -33.97
CA THR B 172 -10.02 -14.82 -34.28
C THR B 172 -9.68 -15.71 -33.09
N GLY B 173 -9.77 -15.16 -31.88
CA GLY B 173 -9.47 -15.95 -30.68
C GLY B 173 -8.00 -16.09 -30.32
N TYR B 174 -7.14 -15.39 -31.06
CA TYR B 174 -5.71 -15.42 -30.80
C TYR B 174 -5.26 -14.22 -29.96
N ILE B 175 -4.23 -14.45 -29.14
CA ILE B 175 -3.69 -13.41 -28.30
C ILE B 175 -3.22 -12.23 -29.15
N ASN B 176 -3.68 -11.04 -28.77
CA ASN B 176 -3.33 -9.81 -29.46
C ASN B 176 -1.99 -9.27 -28.95
N TYR B 177 -0.90 -9.89 -29.36
CA TYR B 177 0.42 -9.47 -28.94
C TYR B 177 0.72 -8.03 -29.28
N ASP B 178 0.05 -7.48 -30.28
CA ASP B 178 0.32 -6.10 -30.64
C ASP B 178 -0.20 -5.14 -29.58
N GLN B 179 -1.40 -5.39 -29.05
CA GLN B 179 -1.94 -4.51 -28.03
C GLN B 179 -1.13 -4.64 -26.77
N LEU B 180 -0.70 -5.86 -26.45
CA LEU B 180 0.10 -6.09 -25.26
C LEU B 180 1.34 -5.24 -25.31
N GLU B 181 2.09 -5.34 -26.41
CA GLU B 181 3.31 -4.54 -26.51
C GLU B 181 3.03 -3.06 -26.32
N GLU B 182 1.89 -2.63 -26.85
CA GLU B 182 1.47 -1.24 -26.76
C GLU B 182 1.22 -0.83 -25.31
N ASN B 183 0.31 -1.55 -24.65
CA ASN B 183 -0.01 -1.23 -23.26
C ASN B 183 1.17 -1.38 -22.31
N ALA B 184 2.00 -2.39 -22.50
CA ALA B 184 3.15 -2.59 -21.62
C ALA B 184 4.00 -1.32 -21.54
N SER B 185 4.08 -0.56 -22.61
CA SER B 185 4.87 0.64 -22.59
C SER B 185 4.23 1.72 -21.72
N LEU B 186 2.91 1.71 -21.61
CA LEU B 186 2.22 2.70 -20.82
C LEU B 186 2.04 2.31 -19.35
N PHE B 187 2.00 1.01 -19.09
CA PHE B 187 1.77 0.48 -17.75
C PHE B 187 3.05 0.15 -17.00
N HIS B 188 4.07 -0.28 -17.75
CA HIS B 188 5.37 -0.63 -17.18
C HIS B 188 5.24 -1.82 -16.27
N PRO B 189 4.91 -2.97 -16.85
CA PRO B 189 4.78 -4.15 -15.99
C PRO B 189 6.13 -4.48 -15.39
N LYS B 190 6.14 -5.16 -14.26
CA LYS B 190 7.38 -5.57 -13.63
C LYS B 190 7.57 -7.05 -13.96
N LEU B 191 6.48 -7.69 -14.34
CA LEU B 191 6.49 -9.09 -14.69
C LEU B 191 5.32 -9.34 -15.62
N ILE B 192 5.53 -10.17 -16.64
CA ILE B 192 4.49 -10.51 -17.61
C ILE B 192 4.27 -12.01 -17.54
N ILE B 193 3.00 -12.43 -17.56
CA ILE B 193 2.70 -13.86 -17.47
C ILE B 193 2.25 -14.47 -18.79
N ALA B 194 2.94 -15.54 -19.18
CA ALA B 194 2.62 -16.28 -20.38
C ALA B 194 2.12 -17.67 -19.97
N GLY B 195 0.80 -17.80 -19.79
CA GLY B 195 0.23 -19.07 -19.39
C GLY B 195 -1.28 -18.96 -19.49
N THR B 196 -1.94 -20.09 -19.69
CA THR B 196 -3.39 -20.09 -19.84
C THR B 196 -4.06 -21.29 -19.18
N SER B 197 -5.38 -21.23 -19.13
CA SER B 197 -6.16 -22.31 -18.57
C SER B 197 -7.16 -22.72 -19.63
N CYS B 198 -7.32 -21.86 -20.65
CA CYS B 198 -8.25 -22.14 -21.72
C CYS B 198 -7.86 -21.46 -23.03
N TYR B 199 -6.75 -21.89 -23.60
CA TYR B 199 -6.25 -21.37 -24.87
C TYR B 199 -5.76 -22.61 -25.60
N SER B 200 -6.29 -22.86 -26.79
CA SER B 200 -5.91 -24.05 -27.54
C SER B 200 -4.70 -23.88 -28.45
N ARG B 201 -4.04 -22.74 -28.40
CA ARG B 201 -2.89 -22.50 -29.27
C ARG B 201 -1.61 -22.26 -28.52
N ASN B 202 -0.49 -22.43 -29.20
CA ASN B 202 0.79 -22.22 -28.56
C ASN B 202 1.04 -20.74 -28.36
N LEU B 203 1.88 -20.41 -27.38
CA LEU B 203 2.20 -19.03 -27.06
C LEU B 203 3.48 -18.58 -27.72
N ASP B 204 3.49 -17.32 -28.18
CA ASP B 204 4.67 -16.76 -28.83
C ASP B 204 5.67 -16.29 -27.77
N TYR B 205 6.28 -17.24 -27.06
CA TYR B 205 7.24 -16.89 -26.02
C TYR B 205 8.31 -15.96 -26.56
N ALA B 206 8.70 -16.21 -27.80
CA ALA B 206 9.69 -15.38 -28.45
C ALA B 206 9.28 -13.90 -28.44
N ARG B 207 8.09 -13.58 -28.91
CA ARG B 207 7.64 -12.20 -28.94
C ARG B 207 7.39 -11.63 -27.55
N LEU B 208 6.82 -12.45 -26.67
CA LEU B 208 6.53 -12.05 -25.31
C LEU B 208 7.82 -11.64 -24.64
N ARG B 209 8.85 -12.43 -24.89
CA ARG B 209 10.18 -12.16 -24.35
C ARG B 209 10.68 -10.80 -24.78
N LYS B 210 10.48 -10.49 -26.06
CA LYS B 210 10.90 -9.21 -26.62
C LYS B 210 10.22 -8.10 -25.84
N ILE B 211 8.90 -8.16 -25.74
CA ILE B 211 8.12 -7.17 -25.04
C ILE B 211 8.58 -7.06 -23.58
N ALA B 212 8.87 -8.20 -22.97
CA ALA B 212 9.34 -8.19 -21.60
C ALA B 212 10.62 -7.37 -21.45
N ASP B 213 11.63 -7.71 -22.23
CA ASP B 213 12.88 -6.99 -22.15
C ASP B 213 12.74 -5.53 -22.56
N ASP B 214 11.83 -5.25 -23.48
CA ASP B 214 11.62 -3.86 -23.92
C ASP B 214 11.30 -2.98 -22.73
N ASN B 215 10.48 -3.50 -21.82
CA ASN B 215 10.07 -2.75 -20.64
C ASN B 215 10.84 -3.22 -19.43
N GLY B 216 11.88 -4.00 -19.69
CA GLY B 216 12.73 -4.50 -18.62
C GLY B 216 11.97 -5.26 -17.55
N ALA B 217 11.11 -6.16 -17.98
CA ALA B 217 10.34 -6.94 -17.04
C ALA B 217 10.66 -8.43 -17.16
N TYR B 218 10.23 -9.18 -16.17
CA TYR B 218 10.42 -10.63 -16.15
C TYR B 218 9.32 -11.31 -16.93
N LEU B 219 9.68 -12.37 -17.64
CA LEU B 219 8.69 -13.13 -18.36
C LEU B 219 8.54 -14.44 -17.60
N ALA B 221 6.33 -18.02 -17.22
CA ALA B 221 5.40 -18.91 -17.87
C ALA B 221 4.74 -19.78 -16.84
N ASP B 222 3.43 -19.94 -16.97
CA ASP B 222 2.68 -20.79 -16.06
C ASP B 222 2.22 -21.95 -16.92
N ALA B 224 1.06 -24.80 -16.41
CA ALA B 224 0.29 -25.80 -15.67
C ALA B 224 -0.44 -26.80 -16.55
N HIS B 225 -1.18 -26.28 -17.53
CA HIS B 225 -1.94 -27.12 -18.42
C HIS B 225 -1.13 -27.92 -19.41
N ILE B 226 0.11 -27.54 -19.64
CA ILE B 226 0.91 -28.26 -20.61
C ILE B 226 2.22 -28.79 -20.06
N SER B 227 2.31 -28.91 -18.75
CA SER B 227 3.52 -29.40 -18.14
C SER B 227 3.90 -30.75 -18.76
N GLY B 228 2.91 -31.61 -18.93
CA GLY B 228 3.17 -32.93 -19.49
C GLY B 228 3.52 -32.91 -20.97
N LEU B 229 2.73 -32.21 -21.77
CA LEU B 229 3.00 -32.12 -23.19
C LEU B 229 4.41 -31.57 -23.41
N VAL B 230 4.83 -30.65 -22.58
CA VAL B 230 6.15 -30.05 -22.71
C VAL B 230 7.24 -31.04 -22.35
N ALA B 231 7.09 -31.71 -21.20
CA ALA B 231 8.08 -32.68 -20.77
C ALA B 231 8.25 -33.77 -21.81
N ALA B 232 7.15 -34.15 -22.43
CA ALA B 232 7.14 -35.18 -23.46
C ALA B 232 7.72 -34.71 -24.80
N GLY B 233 7.90 -33.42 -24.97
CA GLY B 233 8.44 -32.92 -26.22
C GLY B 233 7.42 -32.70 -27.34
N VAL B 234 6.16 -33.07 -27.13
CA VAL B 234 5.14 -32.92 -28.16
C VAL B 234 4.77 -31.46 -28.51
N VAL B 235 5.09 -30.51 -27.64
CA VAL B 235 4.80 -29.09 -27.89
C VAL B 235 6.00 -28.22 -27.51
N PRO B 236 6.06 -27.00 -28.05
CA PRO B 236 7.13 -26.02 -27.81
C PRO B 236 7.34 -25.70 -26.34
N SER B 237 8.59 -25.76 -25.89
CA SER B 237 8.93 -25.48 -24.50
C SER B 237 9.13 -24.02 -24.17
N PRO B 238 8.53 -23.55 -23.07
CA PRO B 238 8.67 -22.15 -22.66
C PRO B 238 10.04 -21.84 -22.09
N PHE B 239 10.78 -22.88 -21.72
CA PHE B 239 12.10 -22.71 -21.13
C PHE B 239 13.13 -22.01 -22.01
N GLU B 240 12.79 -21.81 -23.28
CA GLU B 240 13.72 -21.15 -24.20
C GLU B 240 13.68 -19.65 -24.08
N HIS B 241 12.57 -19.09 -23.63
CA HIS B 241 12.49 -17.64 -23.54
C HIS B 241 12.13 -17.06 -22.18
N CYS B 242 11.55 -17.85 -21.29
CA CYS B 242 11.15 -17.32 -20.00
C CYS B 242 12.24 -17.34 -18.95
N HIS B 243 12.13 -16.41 -18.00
CA HIS B 243 13.08 -16.29 -16.90
C HIS B 243 12.65 -17.24 -15.77
N VAL B 244 11.34 -17.41 -15.66
CA VAL B 244 10.78 -18.25 -14.62
C VAL B 244 9.62 -19.05 -15.21
N VAL B 245 9.48 -20.30 -14.76
CA VAL B 245 8.39 -21.16 -15.22
C VAL B 245 7.81 -21.87 -14.01
N THR B 246 6.52 -21.67 -13.75
CA THR B 246 5.84 -22.31 -12.64
C THR B 246 4.90 -23.37 -13.20
N THR B 247 4.48 -24.30 -12.35
CA THR B 247 3.58 -25.36 -12.83
C THR B 247 2.99 -26.22 -11.73
N THR B 248 1.87 -26.86 -12.07
CA THR B 248 1.21 -27.79 -11.16
C THR B 248 1.79 -29.13 -11.60
N THR B 249 1.76 -30.13 -10.73
CA THR B 249 2.30 -31.42 -11.11
C THR B 249 1.21 -32.42 -11.47
N HIS B 250 -0.06 -32.01 -11.34
CA HIS B 250 -1.15 -32.87 -11.74
C HIS B 250 -1.50 -32.45 -13.17
N LYS B 251 -2.67 -32.80 -13.67
CA LYS B 251 -3.01 -32.42 -15.04
C LYS B 251 -2.18 -33.17 -16.08
N THR B 252 -1.81 -32.54 -17.20
CA THR B 252 -1.05 -33.27 -18.20
C THR B 252 0.23 -33.93 -17.69
N LEU B 253 0.56 -33.76 -16.41
CA LEU B 253 1.78 -34.37 -15.89
C LEU B 253 1.48 -35.65 -15.10
N ARG B 254 0.20 -35.85 -14.82
CA ARG B 254 -0.30 -37.03 -14.14
C ARG B 254 0.35 -37.41 -12.79
N GLY B 255 0.65 -36.41 -11.98
CA GLY B 255 1.23 -36.66 -10.69
C GLY B 255 0.23 -36.29 -9.60
N CYS B 256 0.70 -36.11 -8.38
CA CYS B 256 -0.20 -35.72 -7.29
C CYS B 256 -0.24 -34.21 -7.23
N ARG B 257 -1.19 -33.66 -6.48
CA ARG B 257 -1.31 -32.21 -6.38
C ARG B 257 -0.16 -31.48 -5.71
N ALA B 258 0.47 -30.57 -6.48
CA ALA B 258 1.59 -29.78 -5.97
C ALA B 258 2.02 -28.80 -7.05
N GLY B 259 3.06 -28.03 -6.77
CA GLY B 259 3.54 -27.08 -7.74
C GLY B 259 5.04 -26.98 -7.68
N ILE B 261 8.59 -24.36 -9.05
CA ILE B 261 9.02 -23.07 -9.58
C ILE B 261 10.41 -23.23 -10.18
N PHE B 262 10.50 -23.16 -11.50
CA PHE B 262 11.76 -23.26 -12.22
C PHE B 262 12.26 -21.84 -12.44
N TYR B 263 13.56 -21.62 -12.21
CA TYR B 263 14.12 -20.28 -12.38
C TYR B 263 15.54 -20.32 -12.96
N ARG B 264 15.86 -19.29 -13.73
CA ARG B 264 17.18 -19.16 -14.35
C ARG B 264 18.23 -18.76 -13.31
N LYS B 265 19.47 -19.20 -13.52
CA LYS B 265 20.53 -18.84 -12.60
C LYS B 265 21.79 -18.77 -13.43
N GLY B 266 22.66 -17.83 -13.08
CA GLY B 266 23.88 -17.66 -13.83
C GLY B 266 24.06 -16.21 -14.25
N VAL B 267 24.60 -15.97 -15.44
CA VAL B 267 24.82 -14.60 -15.87
C VAL B 267 23.85 -14.09 -16.90
N ARG B 268 23.42 -12.85 -16.71
CA ARG B 268 22.52 -12.23 -17.66
C ARG B 268 23.03 -10.82 -17.83
N SER B 269 23.07 -10.35 -19.08
CA SER B 269 23.53 -9.01 -19.41
C SER B 269 25.05 -8.93 -19.54
N VAL B 270 25.54 -9.24 -20.74
CA VAL B 270 26.97 -9.23 -21.06
C VAL B 270 27.62 -7.96 -20.54
N ASP B 271 26.97 -6.83 -20.80
CA ASP B 271 27.44 -5.52 -20.40
C ASP B 271 28.57 -5.05 -21.33
N PRO B 272 28.26 -4.88 -22.63
CA PRO B 272 29.24 -4.44 -23.63
C PRO B 272 29.89 -3.10 -23.27
N LYS B 273 29.92 -2.80 -21.99
CA LYS B 273 30.54 -1.58 -21.50
C LYS B 273 31.99 -1.95 -21.25
N THR B 274 32.25 -2.57 -20.10
CA THR B 274 33.59 -3.01 -19.73
C THR B 274 33.50 -4.48 -19.32
N GLY B 275 34.64 -5.09 -19.03
CA GLY B 275 34.64 -6.49 -18.62
C GLY B 275 33.96 -6.59 -17.27
N LYS B 276 32.64 -6.45 -17.28
CA LYS B 276 31.83 -6.52 -16.06
C LYS B 276 30.59 -7.39 -16.29
N GLU B 277 30.32 -8.31 -15.36
CA GLU B 277 29.19 -9.22 -15.47
C GLU B 277 27.94 -8.77 -14.70
N THR B 278 26.86 -9.51 -14.91
CA THR B 278 25.59 -9.25 -14.24
C THR B 278 24.94 -10.61 -14.04
N TYR B 279 24.62 -10.94 -12.79
CA TYR B 279 24.03 -12.24 -12.51
C TYR B 279 22.54 -12.29 -12.19
N TYR B 280 21.99 -13.50 -12.20
CA TYR B 280 20.59 -13.76 -11.89
C TYR B 280 20.52 -14.02 -10.39
N GLU B 281 19.55 -13.40 -9.72
CA GLU B 281 19.40 -13.55 -8.28
C GLU B 281 18.07 -14.23 -7.96
N LEU B 282 17.42 -14.76 -8.99
CA LEU B 282 16.13 -15.41 -8.82
C LEU B 282 16.15 -16.49 -7.76
N GLU B 283 17.12 -17.40 -7.84
CA GLU B 283 17.21 -18.48 -6.88
C GLU B 283 17.07 -17.96 -5.44
N SER B 284 17.86 -16.95 -5.12
CA SER B 284 17.85 -16.34 -3.78
C SER B 284 16.49 -15.78 -3.36
N LEU B 285 15.92 -14.91 -4.18
CA LEU B 285 14.62 -14.30 -3.86
C LEU B 285 13.49 -15.31 -3.79
N ILE B 286 13.37 -16.16 -4.82
CA ILE B 286 12.29 -17.12 -4.84
C ILE B 286 12.39 -18.10 -3.69
N ASN B 287 13.52 -18.78 -3.52
CA ASN B 287 13.60 -19.73 -2.43
C ASN B 287 13.20 -19.13 -1.09
N SER B 288 13.57 -17.87 -0.85
CA SER B 288 13.22 -17.21 0.42
C SER B 288 11.73 -16.89 0.50
N ALA B 289 11.11 -16.54 -0.63
CA ALA B 289 9.70 -16.20 -0.60
C ALA B 289 8.88 -17.43 -0.29
N VAL B 290 9.33 -18.57 -0.78
CA VAL B 290 8.62 -19.82 -0.51
C VAL B 290 8.69 -20.06 0.98
N PHE B 291 9.89 -20.02 1.54
CA PHE B 291 10.10 -20.20 2.97
C PHE B 291 11.33 -19.46 3.46
N PRO B 292 11.25 -18.84 4.65
CA PRO B 292 10.19 -18.70 5.65
C PRO B 292 9.11 -17.71 5.24
N GLY B 293 9.25 -17.17 4.05
CA GLY B 293 8.31 -16.20 3.55
C GLY B 293 6.83 -16.53 3.62
N LEU B 294 6.41 -17.50 2.83
CA LEU B 294 5.00 -17.83 2.77
C LEU B 294 4.57 -19.18 3.30
N GLN B 295 5.41 -20.20 3.19
CA GLN B 295 5.01 -21.53 3.65
C GLN B 295 5.59 -22.02 4.96
N GLY B 296 4.97 -23.07 5.47
CA GLY B 296 5.42 -23.67 6.71
C GLY B 296 6.35 -24.81 6.35
N GLY B 297 6.04 -26.00 6.82
CA GLY B 297 6.88 -27.13 6.52
C GLY B 297 6.46 -27.85 5.27
N PRO B 298 7.42 -28.19 4.41
CA PRO B 298 7.12 -28.89 3.15
C PRO B 298 6.34 -30.18 3.38
N HIS B 299 5.55 -30.57 2.40
CA HIS B 299 4.78 -31.81 2.48
C HIS B 299 5.58 -32.90 1.77
N ASN B 300 6.58 -33.40 2.46
CA ASN B 300 7.46 -34.42 1.92
C ASN B 300 6.80 -35.59 1.19
N HIS B 301 5.61 -36.01 1.63
CA HIS B 301 4.93 -37.12 0.97
C HIS B 301 4.46 -36.74 -0.44
N ALA B 302 4.09 -35.48 -0.63
CA ALA B 302 3.65 -35.04 -1.94
C ALA B 302 4.90 -34.96 -2.84
N ILE B 303 6.00 -34.46 -2.29
CA ILE B 303 7.23 -34.37 -3.05
C ILE B 303 7.64 -35.74 -3.54
N ALA B 304 7.47 -36.74 -2.69
CA ALA B 304 7.79 -38.12 -3.06
C ALA B 304 6.95 -38.49 -4.27
N GLY B 305 5.66 -38.20 -4.20
CA GLY B 305 4.77 -38.50 -5.31
C GLY B 305 5.23 -37.85 -6.59
N VAL B 306 5.62 -36.58 -6.50
CA VAL B 306 6.10 -35.86 -7.66
C VAL B 306 7.32 -36.57 -8.27
N ALA B 307 8.30 -36.87 -7.44
CA ALA B 307 9.49 -37.55 -7.93
C ALA B 307 9.12 -38.79 -8.73
N VAL B 308 8.15 -39.55 -8.24
CA VAL B 308 7.71 -40.75 -8.93
C VAL B 308 7.15 -40.42 -10.30
N ALA B 309 6.28 -39.41 -10.35
CA ALA B 309 5.67 -39.00 -11.62
C ALA B 309 6.70 -38.42 -12.57
N LEU B 310 7.68 -37.70 -12.03
CA LEU B 310 8.70 -37.14 -12.87
C LEU B 310 9.41 -38.26 -13.61
N LYS B 311 9.77 -39.32 -12.89
CA LYS B 311 10.44 -40.46 -13.51
C LYS B 311 9.59 -40.99 -14.66
N GLN B 312 8.32 -41.25 -14.36
CA GLN B 312 7.41 -41.76 -15.37
C GLN B 312 7.29 -40.86 -16.57
N ALA B 313 7.41 -39.55 -16.36
CA ALA B 313 7.30 -38.58 -17.44
C ALA B 313 8.43 -38.69 -18.44
N THR B 315 9.71 -41.47 -19.54
CA THR B 315 9.67 -42.70 -20.29
C THR B 315 9.14 -42.51 -21.70
N THR B 316 9.26 -43.55 -22.49
CA THR B 316 8.80 -43.53 -23.86
C THR B 316 7.31 -43.83 -23.82
N GLU B 317 6.91 -44.62 -22.83
CA GLU B 317 5.51 -44.95 -22.68
C GLU B 317 4.77 -43.64 -22.41
N PHE B 318 5.49 -42.69 -21.82
CA PHE B 318 4.90 -41.40 -21.52
C PHE B 318 4.85 -40.59 -22.80
N LYS B 319 5.98 -40.49 -23.49
CA LYS B 319 6.07 -39.71 -24.73
C LYS B 319 5.00 -40.13 -25.72
N ILE B 320 4.66 -41.42 -25.69
CA ILE B 320 3.64 -41.95 -26.59
C ILE B 320 2.25 -41.62 -26.08
N TYR B 321 2.08 -41.67 -24.77
CA TYR B 321 0.79 -41.35 -24.16
C TYR B 321 0.47 -39.92 -24.59
N GLN B 322 1.39 -39.02 -24.31
CA GLN B 322 1.18 -37.62 -24.64
C GLN B 322 0.89 -37.42 -26.12
N LEU B 323 1.49 -38.22 -26.97
CA LEU B 323 1.23 -38.09 -28.40
C LEU B 323 -0.21 -38.47 -28.73
N GLN B 324 -0.69 -39.53 -28.10
CA GLN B 324 -2.05 -40.00 -28.32
C GLN B 324 -2.97 -38.91 -27.82
N VAL B 325 -2.61 -38.30 -26.70
CA VAL B 325 -3.39 -37.22 -26.09
C VAL B 325 -3.69 -36.13 -27.12
N LEU B 326 -2.63 -35.67 -27.79
CA LEU B 326 -2.75 -34.66 -28.82
C LEU B 326 -3.64 -35.17 -29.95
N ALA B 327 -3.29 -36.33 -30.49
CA ALA B 327 -4.05 -36.94 -31.58
C ALA B 327 -5.54 -37.01 -31.24
N ASN B 328 -5.85 -37.56 -30.08
CA ASN B 328 -7.23 -37.67 -29.65
C ASN B 328 -7.95 -36.33 -29.68
N CYS B 329 -7.24 -35.25 -29.36
CA CYS B 329 -7.85 -33.93 -29.37
C CYS B 329 -8.33 -33.60 -30.77
N ARG B 330 -7.44 -33.70 -31.76
CA ARG B 330 -7.81 -33.41 -33.15
C ARG B 330 -9.06 -34.21 -33.49
N ALA B 331 -8.99 -35.52 -33.31
CA ALA B 331 -10.13 -36.40 -33.59
C ALA B 331 -11.45 -35.82 -33.06
N LEU B 332 -11.47 -35.46 -31.78
CA LEU B 332 -12.65 -34.91 -31.14
C LEU B 332 -13.05 -33.53 -31.69
N SER B 333 -12.05 -32.72 -32.03
CA SER B 333 -12.31 -31.40 -32.56
C SER B 333 -12.84 -31.48 -33.99
N ASP B 334 -12.38 -32.47 -34.74
CA ASP B 334 -12.81 -32.68 -36.11
C ASP B 334 -14.25 -33.20 -36.13
N ALA B 335 -14.47 -34.31 -35.44
CA ALA B 335 -15.79 -34.93 -35.36
C ALA B 335 -16.83 -33.92 -34.89
N LEU B 336 -16.39 -33.04 -34.00
CA LEU B 336 -17.27 -32.01 -33.46
C LEU B 336 -17.52 -30.87 -34.45
N THR B 337 -16.49 -30.49 -35.20
CA THR B 337 -16.64 -29.43 -36.19
C THR B 337 -17.54 -30.03 -37.26
N GLU B 338 -17.20 -31.25 -37.65
CA GLU B 338 -17.96 -31.98 -38.66
C GLU B 338 -19.43 -32.01 -38.30
N LEU B 339 -19.73 -32.26 -37.03
CA LEU B 339 -21.12 -32.28 -36.56
C LEU B 339 -21.74 -30.89 -36.63
N GLY B 340 -20.93 -29.89 -36.97
CA GLY B 340 -21.46 -28.54 -37.08
C GLY B 340 -21.39 -27.62 -35.88
N TYR B 341 -20.39 -27.81 -35.01
CA TYR B 341 -20.25 -26.93 -33.86
C TYR B 341 -19.08 -26.02 -34.11
N LYS B 342 -19.06 -24.88 -33.41
CA LYS B 342 -17.96 -23.91 -33.56
C LYS B 342 -16.83 -24.11 -32.53
N ILE B 343 -15.62 -24.33 -33.04
CA ILE B 343 -14.47 -24.53 -32.18
C ILE B 343 -13.55 -23.29 -32.29
N VAL B 344 -13.47 -22.49 -31.22
CA VAL B 344 -12.65 -21.28 -31.20
C VAL B 344 -11.26 -21.47 -31.81
N THR B 345 -10.83 -20.49 -32.60
CA THR B 345 -9.55 -20.51 -33.33
C THR B 345 -9.51 -21.65 -34.34
N GLY B 346 -10.66 -22.28 -34.54
CA GLY B 346 -10.75 -23.36 -35.51
C GLY B 346 -10.46 -24.74 -34.98
N GLY B 347 -9.41 -24.87 -34.18
CA GLY B 347 -9.07 -26.18 -33.64
C GLY B 347 -8.19 -26.07 -32.41
N SER B 348 -7.21 -26.96 -32.30
CA SER B 348 -6.35 -26.96 -31.15
C SER B 348 -4.93 -27.35 -31.50
N ASP B 349 -3.99 -26.89 -30.68
CA ASP B 349 -2.57 -27.18 -30.87
C ASP B 349 -2.13 -28.05 -29.71
N ASN B 350 -3.00 -28.15 -28.71
CA ASN B 350 -2.70 -28.92 -27.50
C ASN B 350 -3.72 -30.01 -27.15
N HIS B 351 -4.05 -30.09 -25.87
CA HIS B 351 -4.95 -31.11 -25.36
C HIS B 351 -6.38 -30.68 -25.10
N LEU B 352 -6.70 -29.40 -25.34
CA LEU B 352 -8.07 -28.93 -25.08
C LEU B 352 -8.69 -28.14 -26.22
N ILE B 353 -10.00 -27.93 -26.16
CA ILE B 353 -10.72 -27.17 -27.19
C ILE B 353 -11.87 -26.45 -26.52
N LEU B 354 -12.31 -25.35 -27.12
CA LEU B 354 -13.40 -24.56 -26.57
C LEU B 354 -14.55 -24.41 -27.55
N ASP B 356 -18.14 -22.92 -28.94
CA ASP B 356 -18.95 -21.70 -28.86
C ASP B 356 -20.40 -22.10 -29.16
N LEU B 357 -21.11 -22.50 -28.11
CA LEU B 357 -22.51 -22.94 -28.22
C LEU B 357 -23.45 -21.82 -28.62
N ARG B 358 -22.94 -20.59 -28.56
CA ARG B 358 -23.71 -19.41 -28.90
C ARG B 358 -24.47 -19.53 -30.22
N SER B 359 -23.84 -20.13 -31.22
CA SER B 359 -24.49 -20.30 -32.51
C SER B 359 -25.50 -21.45 -32.45
N LYS B 360 -26.23 -21.54 -31.33
CA LYS B 360 -27.24 -22.58 -31.12
C LYS B 360 -28.26 -22.13 -30.06
N GLY B 361 -28.21 -20.86 -29.70
CA GLY B 361 -29.15 -20.34 -28.72
C GLY B 361 -28.93 -20.82 -27.30
N THR B 362 -28.19 -21.91 -27.14
CA THR B 362 -27.92 -22.41 -25.80
C THR B 362 -26.58 -21.87 -25.30
N ASP B 363 -26.46 -21.78 -23.97
CA ASP B 363 -25.23 -21.28 -23.37
C ASP B 363 -24.49 -22.44 -22.71
N GLY B 364 -23.26 -22.20 -22.29
CA GLY B 364 -22.47 -23.26 -21.66
C GLY B 364 -23.00 -23.68 -20.31
N GLY B 365 -23.70 -22.79 -19.63
CA GLY B 365 -24.25 -23.09 -18.32
C GLY B 365 -25.27 -24.23 -18.30
N ARG B 366 -26.25 -24.16 -19.21
CA ARG B 366 -27.28 -25.18 -19.33
C ARG B 366 -26.67 -26.49 -19.79
N ALA B 367 -26.06 -26.45 -20.97
CA ALA B 367 -25.43 -27.61 -21.58
C ALA B 367 -24.54 -28.37 -20.62
N GLU B 368 -23.79 -27.66 -19.79
CA GLU B 368 -22.91 -28.31 -18.84
C GLU B 368 -23.68 -29.19 -17.88
N LYS B 369 -24.78 -28.66 -17.36
CA LYS B 369 -25.60 -29.39 -16.40
C LYS B 369 -26.25 -30.66 -16.98
N VAL B 370 -26.73 -30.58 -18.23
CA VAL B 370 -27.34 -31.73 -18.88
C VAL B 370 -26.31 -32.87 -19.03
N LEU B 371 -25.17 -32.55 -19.65
CA LEU B 371 -24.10 -33.52 -19.87
C LEU B 371 -23.64 -34.18 -18.57
N GLU B 372 -23.77 -33.46 -17.47
CA GLU B 372 -23.38 -34.00 -16.17
C GLU B 372 -24.37 -35.11 -15.80
N ALA B 373 -25.65 -34.82 -15.98
CA ALA B 373 -26.71 -35.76 -15.69
C ALA B 373 -26.54 -37.04 -16.51
N CYS B 374 -25.69 -36.98 -17.54
CA CYS B 374 -25.45 -38.14 -18.38
C CYS B 374 -24.06 -38.75 -18.22
N SER B 375 -23.42 -38.50 -17.07
CA SER B 375 -22.10 -39.02 -16.76
C SER B 375 -21.01 -38.50 -17.71
N ILE B 376 -21.12 -37.23 -18.07
CA ILE B 376 -20.14 -36.58 -18.93
C ILE B 376 -19.68 -35.31 -18.25
N ALA B 377 -18.57 -35.43 -17.52
CA ALA B 377 -18.01 -34.31 -16.78
C ALA B 377 -17.49 -33.27 -17.75
N CYS B 378 -18.10 -32.09 -17.71
CA CYS B 378 -17.68 -31.05 -18.60
C CYS B 378 -16.96 -29.95 -17.86
N ASN B 379 -17.40 -28.71 -18.06
CA ASN B 379 -16.79 -27.54 -17.44
C ASN B 379 -17.14 -26.41 -18.41
N LYS B 380 -18.01 -25.48 -18.00
CA LYS B 380 -18.37 -24.39 -18.90
C LYS B 380 -17.27 -23.35 -18.85
N ASN B 381 -17.19 -22.49 -19.85
CA ASN B 381 -16.12 -21.52 -19.84
C ASN B 381 -16.42 -20.21 -20.55
N THR B 382 -16.02 -19.13 -19.89
CA THR B 382 -16.21 -17.78 -20.42
C THR B 382 -15.52 -17.74 -21.78
N CYS B 383 -15.85 -16.77 -22.63
CA CYS B 383 -15.18 -16.71 -23.95
C CYS B 383 -15.36 -15.41 -24.76
N PRO B 384 -14.73 -15.35 -25.96
CA PRO B 384 -14.78 -14.20 -26.87
C PRO B 384 -16.20 -13.76 -27.20
N GLY B 385 -16.47 -12.47 -27.09
CA GLY B 385 -17.80 -11.97 -27.38
C GLY B 385 -18.73 -12.16 -26.19
N ASP B 386 -18.57 -11.30 -25.19
CA ASP B 386 -19.38 -11.33 -23.97
C ASP B 386 -18.99 -12.41 -22.96
N LYS B 387 -18.96 -12.03 -21.69
CA LYS B 387 -18.62 -12.95 -20.62
C LYS B 387 -19.65 -12.81 -19.49
N SER B 388 -20.38 -13.88 -19.26
CA SER B 388 -21.39 -13.92 -18.20
C SER B 388 -20.76 -14.47 -16.93
N ALA B 389 -19.70 -15.26 -17.11
CA ALA B 389 -18.99 -15.89 -15.99
C ALA B 389 -19.95 -16.80 -15.24
N LEU B 390 -19.59 -18.07 -15.13
CA LEU B 390 -20.44 -19.06 -14.45
C LEU B 390 -21.69 -19.36 -15.30
N ARG B 391 -21.97 -18.49 -16.27
CA ARG B 391 -23.09 -18.62 -17.22
C ARG B 391 -22.55 -18.19 -18.60
N PRO B 392 -21.39 -18.74 -19.01
CA PRO B 392 -20.69 -18.48 -20.27
C PRO B 392 -21.48 -18.82 -21.53
N SER B 393 -20.76 -19.13 -22.60
CA SER B 393 -21.36 -19.48 -23.89
C SER B 393 -20.64 -20.69 -24.49
N GLY B 394 -19.59 -21.13 -23.80
CA GLY B 394 -18.79 -22.25 -24.27
C GLY B 394 -18.51 -23.39 -23.30
N LEU B 395 -17.96 -24.46 -23.84
CA LEU B 395 -17.62 -25.64 -23.06
C LEU B 395 -16.15 -25.94 -23.29
N ARG B 396 -15.46 -26.34 -22.23
CA ARG B 396 -14.05 -26.65 -22.34
C ARG B 396 -13.87 -28.13 -22.21
N LEU B 397 -13.29 -28.76 -23.24
CA LEU B 397 -13.05 -30.21 -23.24
C LEU B 397 -11.58 -30.53 -23.31
N GLY B 398 -11.17 -31.57 -22.60
CA GLY B 398 -9.78 -31.98 -22.60
C GLY B 398 -9.66 -33.47 -22.82
N THR B 399 -8.51 -33.95 -23.26
CA THR B 399 -8.37 -35.38 -23.50
C THR B 399 -7.42 -36.18 -22.60
N PRO B 400 -6.56 -35.53 -21.82
CA PRO B 400 -5.64 -36.31 -20.97
C PRO B 400 -6.30 -37.39 -20.11
N ALA B 401 -7.37 -37.04 -19.42
CA ALA B 401 -8.06 -38.00 -18.57
C ALA B 401 -8.37 -39.30 -19.30
N LEU B 402 -9.26 -39.22 -20.29
CA LEU B 402 -9.68 -40.39 -21.06
C LEU B 402 -8.57 -41.08 -21.85
N THR B 403 -7.59 -40.33 -22.34
CA THR B 403 -6.53 -40.98 -23.10
C THR B 403 -5.79 -41.89 -22.15
N SER B 404 -5.61 -41.45 -20.91
CA SER B 404 -4.91 -42.25 -19.92
C SER B 404 -5.65 -43.56 -19.66
N ARG B 405 -6.92 -43.63 -20.05
CA ARG B 405 -7.72 -44.83 -19.85
C ARG B 405 -7.75 -45.75 -21.07
N GLY B 406 -7.04 -45.36 -22.13
CA GLY B 406 -7.00 -46.17 -23.33
C GLY B 406 -7.59 -45.55 -24.58
N LEU B 407 -8.75 -44.91 -24.44
CA LEU B 407 -9.44 -44.25 -25.56
C LEU B 407 -8.56 -43.75 -26.70
N LEU B 408 -8.93 -44.11 -27.94
CA LEU B 408 -8.21 -43.68 -29.13
C LEU B 408 -9.15 -42.89 -29.99
N GLU B 409 -8.71 -42.49 -31.18
CA GLU B 409 -9.54 -41.70 -32.08
C GLU B 409 -10.98 -42.21 -32.27
N GLU B 410 -11.12 -43.47 -32.70
CA GLU B 410 -12.43 -44.06 -32.92
C GLU B 410 -13.33 -43.84 -31.71
N ASP B 411 -12.78 -44.05 -30.53
CA ASP B 411 -13.52 -43.89 -29.29
C ASP B 411 -13.89 -42.45 -29.04
N PHE B 412 -12.98 -41.53 -29.31
CA PHE B 412 -13.24 -40.12 -29.10
C PHE B 412 -14.29 -39.58 -30.06
N GLN B 413 -14.50 -40.29 -31.16
CA GLN B 413 -15.51 -39.88 -32.10
C GLN B 413 -16.83 -40.31 -31.48
N LYS B 414 -16.87 -41.53 -30.95
CA LYS B 414 -18.08 -42.04 -30.31
C LYS B 414 -18.43 -41.06 -29.19
N VAL B 415 -17.40 -40.51 -28.56
CA VAL B 415 -17.59 -39.56 -27.48
C VAL B 415 -18.24 -38.31 -28.06
N ALA B 416 -17.68 -37.81 -29.15
CA ALA B 416 -18.22 -36.62 -29.81
C ALA B 416 -19.73 -36.76 -30.00
N HIS B 417 -20.16 -37.91 -30.50
CA HIS B 417 -21.57 -38.14 -30.74
C HIS B 417 -22.36 -38.10 -29.44
N PHE B 418 -21.83 -38.72 -28.39
CA PHE B 418 -22.51 -38.71 -27.11
C PHE B 418 -22.78 -37.26 -26.71
N ILE B 419 -21.77 -36.42 -26.89
CA ILE B 419 -21.86 -35.00 -26.56
C ILE B 419 -22.91 -34.32 -27.42
N HIS B 420 -22.87 -34.61 -28.72
CA HIS B 420 -23.83 -34.03 -29.64
C HIS B 420 -25.24 -34.35 -29.17
N ARG B 421 -25.46 -35.62 -28.80
CA ARG B 421 -26.75 -36.11 -28.30
C ARG B 421 -27.17 -35.28 -27.07
N GLY B 422 -26.18 -34.98 -26.25
CA GLY B 422 -26.43 -34.21 -25.04
C GLY B 422 -26.88 -32.79 -25.29
N ILE B 423 -26.14 -32.04 -26.09
CA ILE B 423 -26.54 -30.66 -26.37
C ILE B 423 -27.88 -30.72 -27.09
N GLU B 424 -28.03 -31.74 -27.94
CA GLU B 424 -29.25 -31.99 -28.70
C GLU B 424 -30.40 -31.95 -27.70
N LEU B 425 -30.25 -32.73 -26.64
CA LEU B 425 -31.23 -32.82 -25.57
C LEU B 425 -31.45 -31.46 -24.91
N THR B 426 -30.37 -30.75 -24.61
CA THR B 426 -30.47 -29.44 -23.99
C THR B 426 -31.37 -28.53 -24.82
N LEU B 427 -31.10 -28.43 -26.13
CA LEU B 427 -31.90 -27.59 -27.02
C LEU B 427 -33.37 -27.94 -26.88
N GLN B 428 -33.67 -29.23 -26.88
CA GLN B 428 -35.04 -29.70 -26.76
C GLN B 428 -35.69 -29.16 -25.50
N ILE B 429 -35.19 -29.63 -24.36
CA ILE B 429 -35.70 -29.22 -23.06
C ILE B 429 -35.80 -27.68 -22.91
N GLN B 430 -34.93 -26.93 -23.57
CA GLN B 430 -35.03 -25.48 -23.46
C GLN B 430 -36.35 -25.05 -24.11
N SER B 431 -36.42 -25.17 -25.44
CA SER B 431 -37.60 -24.80 -26.19
C SER B 431 -38.90 -25.00 -25.42
N HIS B 432 -39.02 -26.16 -24.79
CA HIS B 432 -40.23 -26.47 -24.05
C HIS B 432 -40.53 -25.71 -22.77
N ALA B 434 -40.75 -21.49 -20.58
CA ALA B 434 -40.81 -20.02 -20.55
C ALA B 434 -39.55 -19.30 -21.01
N THR B 435 -39.73 -18.39 -21.96
CA THR B 435 -38.60 -17.64 -22.53
C THR B 435 -37.96 -16.72 -21.50
N LYS B 436 -38.54 -16.70 -20.30
CA LYS B 436 -38.04 -15.87 -19.21
C LYS B 436 -37.61 -16.82 -18.08
N ALA B 437 -37.13 -17.99 -18.47
CA ALA B 437 -36.70 -19.04 -17.55
C ALA B 437 -35.28 -18.92 -17.00
N THR B 438 -35.17 -19.09 -15.69
CA THR B 438 -33.89 -19.00 -15.00
C THR B 438 -33.12 -20.31 -15.17
N LEU B 439 -31.88 -20.33 -14.69
CA LEU B 439 -31.05 -21.53 -14.78
C LEU B 439 -31.51 -22.48 -13.70
N LYS B 440 -31.91 -21.92 -12.57
CA LYS B 440 -32.38 -22.72 -11.46
C LYS B 440 -33.66 -23.43 -11.90
N GLU B 441 -34.47 -22.77 -12.72
CA GLU B 441 -35.71 -23.37 -13.22
C GLU B 441 -35.38 -24.49 -14.19
N PHE B 442 -34.41 -24.23 -15.06
CA PHE B 442 -33.95 -25.20 -16.03
C PHE B 442 -33.56 -26.44 -15.23
N LYS B 443 -32.78 -26.22 -14.18
CA LYS B 443 -32.32 -27.30 -13.32
C LYS B 443 -33.48 -28.09 -12.69
N GLU B 444 -34.65 -27.46 -12.58
CA GLU B 444 -35.85 -28.09 -12.02
C GLU B 444 -36.39 -29.10 -13.03
N LYS B 445 -36.89 -28.58 -14.14
CA LYS B 445 -37.44 -29.40 -15.20
C LYS B 445 -36.50 -30.54 -15.57
N LEU B 446 -35.22 -30.40 -15.23
CA LEU B 446 -34.22 -31.41 -15.54
C LEU B 446 -34.27 -32.47 -14.49
N ALA B 447 -34.62 -32.06 -13.27
CA ALA B 447 -34.72 -32.97 -12.14
C ALA B 447 -35.67 -34.10 -12.49
N GLY B 448 -35.95 -34.96 -11.52
CA GLY B 448 -36.85 -36.07 -11.75
C GLY B 448 -38.20 -35.56 -12.21
N ASP B 449 -38.23 -34.28 -12.59
CA ASP B 449 -39.45 -33.63 -13.02
C ASP B 449 -39.80 -33.80 -14.50
N GLU B 450 -39.90 -35.03 -14.98
CA GLU B 450 -40.30 -35.26 -16.36
C GLU B 450 -40.15 -36.66 -16.96
N LYS B 451 -40.42 -36.71 -18.25
CA LYS B 451 -40.27 -37.91 -19.05
C LYS B 451 -38.95 -37.59 -19.72
N ILE B 452 -38.46 -36.39 -19.42
CA ILE B 452 -37.19 -35.94 -19.93
C ILE B 452 -36.12 -36.70 -19.17
N GLN B 453 -36.41 -37.08 -17.92
CA GLN B 453 -35.38 -37.78 -17.20
C GLN B 453 -35.28 -39.18 -17.73
N SER B 454 -36.22 -39.51 -18.62
CA SER B 454 -36.27 -40.82 -19.25
C SER B 454 -35.33 -40.79 -20.44
N ALA B 455 -35.14 -39.59 -20.99
CA ALA B 455 -34.24 -39.38 -22.10
C ALA B 455 -32.82 -39.45 -21.58
N VAL B 456 -32.54 -38.63 -20.57
CA VAL B 456 -31.22 -38.62 -19.96
C VAL B 456 -30.88 -40.02 -19.46
N ALA B 457 -31.81 -40.63 -18.72
CA ALA B 457 -31.59 -41.97 -18.19
C ALA B 457 -31.12 -42.94 -19.28
N THR B 458 -31.63 -42.77 -20.49
CA THR B 458 -31.24 -43.65 -21.59
C THR B 458 -29.80 -43.37 -22.02
N LEU B 459 -29.54 -42.09 -22.31
CA LEU B 459 -28.21 -41.67 -22.74
C LEU B 459 -27.17 -41.94 -21.68
N ARG B 460 -27.51 -41.64 -20.42
CA ARG B 460 -26.59 -41.87 -19.32
C ARG B 460 -26.13 -43.33 -19.33
N GLU B 461 -27.09 -44.22 -19.57
CA GLU B 461 -26.80 -45.64 -19.60
C GLU B 461 -25.84 -45.98 -20.72
N GLU B 462 -26.20 -45.66 -21.96
CA GLU B 462 -25.33 -45.96 -23.08
C GLU B 462 -23.92 -45.42 -22.87
N VAL B 463 -23.84 -44.31 -22.14
CA VAL B 463 -22.54 -43.69 -21.84
C VAL B 463 -21.81 -44.51 -20.80
N GLU B 464 -22.47 -44.79 -19.68
CA GLU B 464 -21.84 -45.55 -18.61
C GLU B 464 -21.41 -46.92 -19.07
N ASN B 465 -22.14 -47.49 -20.02
CA ASN B 465 -21.79 -48.81 -20.54
C ASN B 465 -20.53 -48.69 -21.35
N PHE B 466 -20.47 -47.64 -22.16
CA PHE B 466 -19.32 -47.36 -23.00
C PHE B 466 -18.09 -47.11 -22.13
N ALA B 467 -18.26 -46.32 -21.09
CA ALA B 467 -17.19 -45.97 -20.17
C ALA B 467 -16.60 -47.17 -19.45
N SER B 468 -17.42 -47.83 -18.64
CA SER B 468 -17.02 -48.99 -17.85
C SER B 468 -16.22 -50.05 -18.58
N ASN B 469 -16.12 -49.93 -19.90
CA ASN B 469 -15.37 -50.89 -20.69
C ASN B 469 -13.88 -50.55 -20.78
N PHE B 470 -13.45 -49.48 -20.11
CA PHE B 470 -12.04 -49.10 -20.15
C PHE B 470 -11.36 -49.20 -18.78
N SER B 471 -10.04 -49.27 -18.80
CA SER B 471 -9.26 -49.36 -17.56
C SER B 471 -9.29 -48.04 -16.80
N LEU B 472 -8.96 -48.11 -15.53
CA LEU B 472 -8.96 -46.94 -14.67
C LEU B 472 -7.77 -47.01 -13.74
N PRO B 473 -6.70 -46.31 -14.06
CA PRO B 473 -5.48 -46.28 -13.23
C PRO B 473 -5.79 -46.07 -11.75
N GLY B 474 -4.88 -46.49 -10.88
CA GLY B 474 -5.11 -46.32 -9.47
C GLY B 474 -4.79 -47.57 -8.69
N LEU B 475 -5.32 -47.64 -7.48
CA LEU B 475 -5.12 -48.78 -6.58
C LEU B 475 -6.11 -49.89 -6.90
N PRO B 476 -5.60 -51.12 -7.14
CA PRO B 476 -6.44 -52.28 -7.46
C PRO B 476 -7.68 -52.37 -6.56
N ASP B 477 -7.45 -52.79 -5.32
CA ASP B 477 -8.50 -52.90 -4.32
C ASP B 477 -7.91 -52.45 -2.99
N PHE B 478 -8.49 -51.38 -2.43
CA PHE B 478 -8.04 -50.80 -1.18
C PHE B 478 -7.69 -51.79 -0.06
N MET C 1 -10.53 45.73 -34.84
CA MET C 1 -11.44 46.36 -33.84
C MET C 1 -11.53 47.88 -34.03
N ALA C 2 -12.73 48.38 -34.30
CA ALA C 2 -12.95 49.81 -34.51
C ALA C 2 -13.42 50.47 -33.21
N ASP C 3 -14.27 51.49 -33.34
CA ASP C 3 -14.79 52.21 -32.17
C ASP C 3 -15.78 51.38 -31.36
N ARG C 4 -16.22 50.28 -31.96
CA ARG C 4 -17.17 49.38 -31.34
C ARG C 4 -16.85 49.05 -29.87
N ASP C 5 -15.79 48.27 -29.67
CA ASP C 5 -15.37 47.85 -28.33
C ASP C 5 -14.40 48.80 -27.61
N ALA C 6 -13.33 49.19 -28.31
CA ALA C 6 -12.25 50.07 -27.81
C ALA C 6 -12.51 51.03 -26.63
N THR C 7 -13.77 51.37 -26.36
CA THR C 7 -14.10 52.24 -25.24
C THR C 7 -13.58 51.58 -23.96
N LEU C 8 -14.27 50.51 -23.57
CA LEU C 8 -13.95 49.70 -22.40
C LEU C 8 -12.46 49.54 -22.13
N TRP C 9 -11.67 49.37 -23.17
CA TRP C 9 -10.23 49.21 -23.00
C TRP C 9 -9.65 50.26 -22.06
N ALA C 10 -10.38 51.35 -21.88
CA ALA C 10 -9.94 52.40 -20.98
C ALA C 10 -10.22 51.93 -19.56
N SER C 11 -11.39 51.33 -19.37
CA SER C 11 -11.78 50.82 -18.06
C SER C 11 -10.83 49.70 -17.66
N HIS C 12 -10.81 48.64 -18.46
CA HIS C 12 -9.93 47.50 -18.21
C HIS C 12 -8.55 48.00 -17.85
N GLU C 13 -8.17 49.10 -18.48
CA GLU C 13 -6.89 49.74 -18.23
C GLU C 13 -6.77 50.21 -16.76
N LYS C 14 -7.75 50.98 -16.31
CA LYS C 14 -7.77 51.50 -14.95
C LYS C 14 -7.96 50.41 -13.90
N LEU C 16 -6.90 47.62 -13.61
CA LEU C 16 -5.62 46.98 -13.24
C LEU C 16 -4.62 47.85 -12.49
N SER C 17 -5.00 49.08 -12.20
CA SER C 17 -4.12 49.99 -11.48
C SER C 17 -4.88 50.71 -10.38
N GLN C 18 -6.20 50.61 -10.46
CA GLN C 18 -7.09 51.20 -9.48
C GLN C 18 -6.82 50.58 -8.12
N PRO C 19 -6.83 51.39 -7.04
CA PRO C 19 -6.60 50.91 -5.67
C PRO C 19 -7.72 50.04 -5.13
N LEU C 20 -7.38 49.12 -4.24
CA LEU C 20 -8.35 48.22 -3.63
C LEU C 20 -9.50 49.00 -3.02
N LYS C 21 -9.18 50.15 -2.42
CA LYS C 21 -10.17 51.02 -1.77
C LYS C 21 -11.37 51.31 -2.69
N ASP C 22 -11.09 51.41 -3.98
CA ASP C 22 -12.12 51.69 -4.99
C ASP C 22 -12.57 50.41 -5.64
N SER C 23 -11.62 49.70 -6.22
CA SER C 23 -11.89 48.44 -6.93
C SER C 23 -12.89 47.55 -6.18
N ASP C 24 -12.59 47.25 -4.92
CA ASP C 24 -13.47 46.40 -4.12
C ASP C 24 -13.67 46.96 -2.73
N ALA C 25 -14.73 47.74 -2.56
CA ALA C 25 -15.01 48.34 -1.27
C ALA C 25 -15.43 47.32 -0.22
N GLU C 26 -16.06 46.25 -0.67
CA GLU C 26 -16.53 45.19 0.22
C GLU C 26 -15.35 44.51 0.92
N VAL C 27 -14.42 44.01 0.11
CA VAL C 27 -13.24 43.36 0.62
C VAL C 27 -12.43 44.36 1.42
N TYR C 28 -12.36 45.60 0.94
CA TYR C 28 -11.63 46.66 1.65
C TYR C 28 -12.21 46.87 3.05
N SER C 29 -13.54 46.89 3.13
CA SER C 29 -14.23 47.07 4.40
C SER C 29 -13.83 45.95 5.37
N ILE C 30 -13.98 44.70 4.91
CA ILE C 30 -13.64 43.56 5.76
C ILE C 30 -12.22 43.63 6.30
N ILE C 31 -11.26 43.95 5.44
CA ILE C 31 -9.87 44.03 5.88
C ILE C 31 -9.67 45.05 6.98
N LYS C 32 -10.35 46.19 6.89
CA LYS C 32 -10.21 47.21 7.93
C LYS C 32 -10.90 46.78 9.21
N LYS C 33 -12.05 46.13 9.07
CA LYS C 33 -12.78 45.64 10.24
C LYS C 33 -11.92 44.64 10.99
N GLU C 34 -11.15 43.85 10.24
CA GLU C 34 -10.26 42.87 10.82
C GLU C 34 -9.03 43.52 11.41
N SER C 35 -8.49 44.54 10.74
CA SER C 35 -7.32 45.24 11.25
C SER C 35 -7.69 45.82 12.60
N ASN C 36 -8.92 46.34 12.68
CA ASN C 36 -9.44 46.94 13.89
C ASN C 36 -9.48 45.91 15.03
N ARG C 37 -10.16 44.80 14.76
CA ARG C 37 -10.29 43.70 15.71
C ARG C 37 -8.96 43.40 16.42
N GLN C 38 -7.90 43.18 15.62
CA GLN C 38 -6.58 42.89 16.16
C GLN C 38 -6.03 44.00 17.06
N ARG C 39 -6.45 45.24 16.80
CA ARG C 39 -5.98 46.40 17.57
C ARG C 39 -6.58 46.44 18.96
N VAL C 40 -7.90 46.40 19.02
CA VAL C 40 -8.61 46.46 20.29
C VAL C 40 -8.96 45.09 20.83
N GLY C 41 -7.93 44.29 21.09
CA GLY C 41 -8.16 42.95 21.60
C GLY C 41 -6.88 42.30 22.05
N LEU C 42 -7.02 41.38 23.00
CA LEU C 42 -5.86 40.68 23.55
C LEU C 42 -5.65 39.33 22.88
N GLU C 43 -4.64 39.27 22.00
CA GLU C 43 -4.32 38.04 21.28
C GLU C 43 -3.41 37.16 22.14
N LEU C 44 -3.97 36.08 22.67
CA LEU C 44 -3.22 35.16 23.52
C LEU C 44 -3.07 33.79 22.88
N ILE C 45 -3.27 33.74 21.56
CA ILE C 45 -3.13 32.51 20.79
C ILE C 45 -1.65 32.23 20.52
N ALA C 46 -1.13 31.19 21.18
CA ALA C 46 0.26 30.81 21.07
C ALA C 46 0.90 30.82 19.69
N SER C 47 0.14 30.45 18.66
CA SER C 47 0.70 30.40 17.31
C SER C 47 0.56 31.66 16.44
N GLU C 48 -0.05 32.72 16.98
CA GLU C 48 -0.22 33.96 16.23
C GLU C 48 0.83 35.00 16.54
N ASN C 49 0.90 36.04 15.71
CA ASN C 49 1.86 37.13 15.87
C ASN C 49 1.55 38.20 14.81
N PHE C 50 2.21 39.35 14.90
CA PHE C 50 2.00 40.44 13.97
C PHE C 50 3.27 40.66 13.16
N ALA C 51 3.15 40.54 11.84
CA ALA C 51 4.29 40.69 10.95
C ALA C 51 4.65 42.15 10.73
N SER C 52 5.95 42.41 10.65
CA SER C 52 6.46 43.77 10.43
C SER C 52 5.93 44.32 9.12
N ARG C 53 6.01 45.64 8.97
CA ARG C 53 5.55 46.30 7.77
C ARG C 53 6.47 45.90 6.64
N ALA C 54 7.76 45.81 6.94
CA ALA C 54 8.77 45.44 5.95
C ALA C 54 8.41 44.14 5.24
N VAL C 55 8.08 43.12 6.02
CA VAL C 55 7.70 41.82 5.47
C VAL C 55 6.46 41.94 4.58
N LEU C 56 5.34 42.38 5.16
CA LEU C 56 4.10 42.54 4.42
C LEU C 56 4.27 43.32 3.12
N GLU C 57 5.04 44.41 3.18
CA GLU C 57 5.28 45.25 2.01
C GLU C 57 5.83 44.45 0.83
N ALA C 58 6.53 43.36 1.12
CA ALA C 58 7.12 42.52 0.08
C ALA C 58 6.13 41.49 -0.47
N LEU C 59 5.12 41.14 0.32
CA LEU C 59 4.13 40.16 -0.11
C LEU C 59 3.34 40.58 -1.35
N GLY C 60 3.05 41.86 -1.45
CA GLY C 60 2.29 42.35 -2.58
C GLY C 60 3.15 42.89 -3.71
N SER C 61 4.37 42.39 -3.82
CA SER C 61 5.27 42.85 -4.87
C SER C 61 5.01 42.16 -6.20
N SER C 62 5.81 42.53 -7.20
CA SER C 62 5.73 42.00 -8.55
C SER C 62 6.15 40.53 -8.60
N LEU C 63 6.86 40.09 -7.58
CA LEU C 63 7.32 38.72 -7.50
C LEU C 63 6.18 37.70 -7.61
N ASN C 64 4.99 38.13 -7.20
CA ASN C 64 3.80 37.28 -7.23
C ASN C 64 3.47 36.85 -8.66
N ASN C 65 4.15 37.47 -9.63
CA ASN C 65 3.90 37.21 -11.06
C ASN C 65 4.85 36.29 -11.78
N LYS C 66 5.98 35.94 -11.16
CA LYS C 66 6.94 35.08 -11.83
C LYS C 66 6.87 33.58 -11.52
N TYR C 67 7.06 32.78 -12.57
CA TYR C 67 7.05 31.33 -12.47
C TYR C 67 8.51 30.88 -12.52
N SER C 68 8.94 30.06 -11.58
CA SER C 68 10.32 29.59 -11.56
C SER C 68 10.43 28.16 -11.02
N GLU C 69 9.53 27.31 -11.49
CA GLU C 69 9.42 25.92 -11.09
C GLU C 69 10.63 25.14 -10.54
N GLY C 70 11.81 25.29 -11.14
CA GLY C 70 12.94 24.53 -10.63
C GLY C 70 13.65 24.99 -9.35
N TYR C 71 14.97 25.08 -9.45
CA TYR C 71 15.82 25.53 -8.34
C TYR C 71 16.91 26.39 -8.95
N PRO C 72 17.64 27.16 -8.13
CA PRO C 72 18.71 28.00 -8.67
C PRO C 72 19.77 27.09 -9.30
N GLY C 73 20.08 27.33 -10.57
CA GLY C 73 21.05 26.50 -11.26
C GLY C 73 20.41 25.35 -11.99
N GLN C 74 19.08 25.23 -11.89
CA GLN C 74 18.34 24.16 -12.54
C GLN C 74 16.86 24.50 -12.66
N ARG C 75 16.54 25.57 -13.36
CA ARG C 75 15.13 25.95 -13.53
C ARG C 75 14.56 25.40 -14.83
N TYR C 76 13.24 25.53 -15.02
CA TYR C 76 12.53 25.06 -16.22
C TYR C 76 11.85 26.23 -16.90
N TYR C 77 12.30 27.43 -16.58
CA TYR C 77 11.78 28.67 -17.15
C TYR C 77 12.97 29.60 -17.33
N GLY C 78 12.70 30.77 -17.90
CA GLY C 78 13.75 31.75 -18.09
C GLY C 78 13.38 33.06 -17.43
N GLY C 79 14.37 33.92 -17.21
CA GLY C 79 14.11 35.21 -16.59
C GLY C 79 14.11 35.09 -15.09
N THR C 80 14.74 34.03 -14.62
CA THR C 80 14.83 33.76 -13.20
C THR C 80 16.12 34.32 -12.62
N GLU C 81 16.80 35.16 -13.37
CA GLU C 81 18.04 35.74 -12.90
C GLU C 81 17.86 36.44 -11.54
N PHE C 82 16.76 37.16 -11.38
CA PHE C 82 16.49 37.86 -10.13
C PHE C 82 15.84 36.97 -9.09
N ILE C 83 14.93 36.12 -9.53
CA ILE C 83 14.28 35.21 -8.61
C ILE C 83 15.39 34.35 -8.01
N ASP C 84 16.44 34.10 -8.80
CA ASP C 84 17.56 33.30 -8.35
C ASP C 84 18.33 34.07 -7.27
N GLU C 85 18.48 35.37 -7.47
CA GLU C 85 19.17 36.20 -6.47
C GLU C 85 18.41 36.06 -5.16
N LEU C 86 17.12 36.37 -5.24
CA LEU C 86 16.24 36.30 -4.10
C LEU C 86 16.29 34.96 -3.37
N GLU C 87 16.09 33.88 -4.11
CA GLU C 87 16.08 32.55 -3.50
C GLU C 87 17.38 32.21 -2.79
N LEU C 89 19.62 34.34 -1.65
CA LEU C 89 19.83 35.26 -0.54
C LEU C 89 19.07 34.74 0.68
N CYS C 90 17.84 34.29 0.46
CA CYS C 90 17.00 33.76 1.54
C CYS C 90 17.62 32.49 2.10
N GLN C 91 18.13 31.64 1.23
CA GLN C 91 18.76 30.41 1.68
C GLN C 91 19.97 30.77 2.52
N LYS C 92 20.69 31.80 2.09
CA LYS C 92 21.90 32.25 2.80
C LYS C 92 21.53 32.75 4.18
N ARG C 93 20.58 33.68 4.25
CA ARG C 93 20.14 34.24 5.53
C ARG C 93 19.55 33.20 6.46
N ALA C 94 18.99 32.13 5.89
CA ALA C 94 18.40 31.08 6.70
C ALA C 94 19.49 30.36 7.48
N LEU C 95 20.56 29.95 6.81
CA LEU C 95 21.64 29.26 7.50
C LEU C 95 22.35 30.17 8.48
N GLN C 96 22.41 31.46 8.14
CA GLN C 96 23.06 32.41 9.03
C GLN C 96 22.26 32.47 10.33
N ALA C 97 21.02 32.94 10.21
CA ALA C 97 20.13 33.08 11.36
C ALA C 97 20.21 31.98 12.39
N TYR C 98 20.55 30.76 11.96
CA TYR C 98 20.64 29.65 12.90
C TYR C 98 22.07 29.17 13.09
N HIS C 99 23.02 30.06 12.79
CA HIS C 99 24.44 29.77 12.92
C HIS C 99 24.80 28.39 12.42
N LEU C 100 24.44 28.11 11.16
CA LEU C 100 24.72 26.81 10.59
C LEU C 100 25.83 26.87 9.55
N ASP C 101 26.77 25.92 9.67
CA ASP C 101 27.89 25.84 8.74
C ASP C 101 27.33 25.28 7.43
N PRO C 102 27.33 26.10 6.37
CA PRO C 102 26.84 25.72 5.05
C PRO C 102 27.52 24.49 4.47
N GLN C 103 28.52 23.99 5.18
CA GLN C 103 29.26 22.80 4.78
C GLN C 103 28.51 21.57 5.29
N CYS C 104 27.79 21.74 6.39
CA CYS C 104 27.03 20.65 7.02
C CYS C 104 25.52 20.78 6.92
N TRP C 105 25.04 21.96 6.51
CA TRP C 105 23.60 22.19 6.39
C TRP C 105 23.18 22.81 5.08
N GLY C 106 21.91 22.63 4.76
CA GLY C 106 21.33 23.17 3.55
C GLY C 106 19.87 23.44 3.84
N VAL C 107 19.21 24.23 3.00
CA VAL C 107 17.81 24.53 3.22
C VAL C 107 17.00 24.50 1.94
N ASN C 108 15.70 24.49 2.14
CA ASN C 108 14.76 24.52 1.04
C ASN C 108 13.76 25.54 1.52
N VAL C 109 13.62 26.62 0.78
CA VAL C 109 12.70 27.67 1.18
C VAL C 109 11.43 27.72 0.32
N GLN C 110 11.07 26.59 -0.29
CA GLN C 110 9.90 26.53 -1.13
C GLN C 110 8.59 25.98 -0.56
N PRO C 111 8.62 25.32 0.63
CA PRO C 111 7.35 24.81 1.15
C PRO C 111 6.31 25.92 1.40
N TYR C 112 5.14 25.74 0.82
CA TYR C 112 4.08 26.72 0.95
C TYR C 112 3.74 27.06 2.39
N SER C 113 3.93 26.10 3.30
CA SER C 113 3.59 26.33 4.70
C SER C 113 4.18 25.22 5.58
N GLY C 114 3.81 25.21 6.85
CA GLY C 114 4.34 24.19 7.74
C GLY C 114 4.00 22.75 7.41
N SER C 115 2.71 22.43 7.38
CA SER C 115 2.28 21.06 7.07
C SER C 115 2.94 20.53 5.80
N PRO C 116 2.96 21.35 4.74
CA PRO C 116 3.58 20.97 3.47
C PRO C 116 5.04 20.55 3.66
N ALA C 117 5.79 21.36 4.41
CA ALA C 117 7.19 21.07 4.67
C ALA C 117 7.34 19.66 5.25
N ASN C 118 6.53 19.36 6.27
CA ASN C 118 6.61 18.05 6.90
C ASN C 118 6.28 16.91 5.94
N PHE C 119 5.12 16.98 5.28
CA PHE C 119 4.73 15.92 4.36
C PHE C 119 5.83 15.70 3.34
N ALA C 120 6.48 16.79 2.97
CA ALA C 120 7.55 16.72 2.00
C ALA C 120 8.70 15.85 2.51
N VAL C 121 9.03 15.99 3.79
CA VAL C 121 10.10 15.19 4.35
C VAL C 121 9.69 13.73 4.48
N TYR C 122 8.47 13.47 4.98
CA TYR C 122 8.06 12.07 5.10
C TYR C 122 8.09 11.46 3.72
N THR C 123 7.64 12.21 2.73
CA THR C 123 7.64 11.72 1.36
C THR C 123 9.03 11.39 0.87
N ALA C 124 9.99 12.22 1.24
CA ALA C 124 11.36 12.03 0.79
C ALA C 124 12.13 10.96 1.55
N LEU C 125 11.96 10.92 2.87
CA LEU C 125 12.72 9.96 3.67
C LEU C 125 11.97 8.72 4.14
N VAL C 126 10.66 8.81 4.33
CA VAL C 126 9.92 7.67 4.83
C VAL C 126 9.34 6.76 3.78
N GLU C 127 8.73 7.35 2.75
CA GLU C 127 8.13 6.59 1.66
C GLU C 127 6.85 5.91 2.13
N PRO C 128 5.89 5.71 1.20
CA PRO C 128 4.60 5.10 1.46
C PRO C 128 4.60 3.93 2.42
N HIS C 129 3.76 4.04 3.44
CA HIS C 129 3.60 3.02 4.48
C HIS C 129 4.79 2.87 5.43
N GLY C 130 5.76 3.76 5.27
CA GLY C 130 6.93 3.76 6.14
C GLY C 130 6.46 4.16 7.53
N ARG C 131 7.16 3.71 8.57
CA ARG C 131 6.79 4.01 9.95
C ARG C 131 7.34 5.31 10.51
N ILE C 132 6.47 6.02 11.21
CA ILE C 132 6.81 7.31 11.82
C ILE C 132 6.29 7.41 13.26
N GLY C 134 5.55 10.08 16.47
CA GLY C 134 5.39 11.46 16.91
C GLY C 134 4.67 11.56 18.24
N LEU C 135 4.64 12.76 18.80
CA LEU C 135 3.98 12.98 20.06
C LEU C 135 2.48 12.97 19.83
N ASP C 136 1.77 12.08 20.51
CA ASP C 136 0.31 11.99 20.37
C ASP C 136 -0.29 13.39 20.36
N LEU C 137 -1.30 13.60 19.53
CA LEU C 137 -1.96 14.89 19.41
C LEU C 137 -2.36 15.53 20.74
N PRO C 138 -3.19 14.84 21.55
CA PRO C 138 -3.65 15.34 22.85
C PRO C 138 -2.58 15.47 23.93
N ASP C 139 -1.38 14.98 23.67
CA ASP C 139 -0.32 15.11 24.68
C ASP C 139 0.53 16.32 24.36
N GLY C 140 0.36 16.87 23.15
CA GLY C 140 1.11 18.06 22.75
C GLY C 140 1.59 18.03 21.30
N GLY C 141 1.27 16.94 20.61
CA GLY C 141 1.69 16.78 19.22
C GLY C 141 0.85 17.56 18.24
N HIS C 142 1.33 17.60 17.00
CA HIS C 142 0.64 18.32 15.94
C HIS C 142 -0.05 17.39 14.93
N LEU C 143 -1.14 17.88 14.33
CA LEU C 143 -1.88 17.09 13.36
C LEU C 143 -1.06 16.37 12.29
N THR C 144 0.06 16.94 11.89
CA THR C 144 0.85 16.31 10.84
C THR C 144 1.97 15.42 11.35
N HIS C 145 1.92 15.11 12.63
CA HIS C 145 2.88 14.21 13.27
C HIS C 145 2.17 12.87 13.39
N GLY C 146 1.07 12.76 12.64
CA GLY C 146 0.27 11.55 12.64
C GLY C 146 -0.89 11.66 13.61
N PHE C 147 -2.03 11.15 13.22
CA PHE C 147 -3.22 11.16 14.05
C PHE C 147 -4.22 10.23 13.40
N THR C 149 -7.76 7.54 14.49
CA THR C 149 -8.65 6.88 15.45
C THR C 149 -8.57 5.38 15.11
N ASP C 150 -9.26 4.53 15.86
CA ASP C 150 -9.24 3.10 15.56
C ASP C 150 -10.22 2.75 14.45
N LYS C 151 -11.04 3.73 14.07
CA LYS C 151 -12.03 3.55 13.01
C LYS C 151 -11.51 4.15 11.69
N LYS C 152 -10.73 5.23 11.79
CA LYS C 152 -10.12 5.84 10.60
C LYS C 152 -8.94 6.80 10.82
N LYS C 153 -8.11 6.92 9.79
CA LYS C 153 -6.94 7.78 9.80
C LYS C 153 -7.27 9.21 9.33
N ILE C 154 -7.15 10.18 10.22
CA ILE C 154 -7.48 11.57 9.94
C ILE C 154 -6.43 12.40 9.20
N SER C 155 -5.28 12.57 9.83
CA SER C 155 -4.22 13.35 9.21
C SER C 155 -3.71 12.61 7.98
N ALA C 156 -3.26 13.38 7.01
CA ALA C 156 -2.75 12.79 5.81
C ALA C 156 -1.58 11.90 6.18
N THR C 157 -0.82 12.33 7.20
CA THR C 157 0.34 11.59 7.65
C THR C 157 0.05 10.15 8.03
N SER C 158 -0.98 9.93 8.83
CA SER C 158 -1.30 8.56 9.22
C SER C 158 -2.01 7.78 8.10
N ILE C 159 -2.40 8.50 7.04
CA ILE C 159 -3.07 7.88 5.90
C ILE C 159 -2.08 7.27 4.90
N PHE C 160 -1.07 8.05 4.53
CA PHE C 160 -0.07 7.58 3.57
C PHE C 160 1.12 6.92 4.23
N PHE C 161 1.21 7.04 5.55
CA PHE C 161 2.31 6.43 6.28
C PHE C 161 1.75 5.66 7.47
N GLU C 162 2.59 4.86 8.12
CA GLU C 162 2.15 4.11 9.28
C GLU C 162 2.70 4.82 10.51
N SER C 163 1.79 5.41 11.28
CA SER C 163 2.22 6.12 12.47
C SER C 163 1.80 5.51 13.80
N PRO C 165 2.14 6.97 18.02
CA PRO C 165 2.59 8.01 18.94
C PRO C 165 3.22 7.55 20.24
N TYR C 166 3.89 8.49 20.88
CA TYR C 166 4.51 8.26 22.18
C TYR C 166 3.80 9.24 23.09
N LYS C 167 3.93 9.10 24.41
CA LYS C 167 3.18 9.98 25.28
C LYS C 167 3.94 10.76 26.34
N VAL C 168 3.17 11.47 27.16
CA VAL C 168 3.69 12.24 28.29
C VAL C 168 3.14 11.57 29.56
N TYR C 169 3.90 11.59 30.65
CA TYR C 169 3.44 11.00 31.92
C TYR C 169 2.26 11.89 32.31
N PRO C 170 1.06 11.34 32.39
CA PRO C 170 -0.06 12.19 32.75
C PRO C 170 0.15 12.81 34.12
N GLU C 171 0.89 12.09 34.95
CA GLU C 171 1.17 12.53 36.31
C GLU C 171 1.96 13.83 36.39
N THR C 172 2.97 14.00 35.54
CA THR C 172 3.82 15.18 35.57
C THR C 172 3.78 16.07 34.32
N GLY C 173 3.23 15.55 33.22
CA GLY C 173 3.13 16.32 32.00
C GLY C 173 4.38 16.34 31.12
N TYR C 174 5.39 15.58 31.51
CA TYR C 174 6.63 15.51 30.76
C TYR C 174 6.65 14.30 29.82
N ILE C 175 7.31 14.46 28.68
CA ILE C 175 7.39 13.39 27.71
C ILE C 175 8.08 12.17 28.33
N ASN C 176 7.44 11.03 28.17
CA ASN C 176 7.93 9.76 28.70
C ASN C 176 8.98 9.14 27.77
N TYR C 177 10.19 9.70 27.74
CA TYR C 177 11.22 9.17 26.89
C TYR C 177 11.53 7.70 27.13
N ASP C 178 11.23 7.19 28.32
CA ASP C 178 11.52 5.79 28.57
C ASP C 178 10.60 4.88 27.78
N GLN C 179 9.32 5.23 27.72
CA GLN C 179 8.36 4.43 26.97
C GLN C 179 8.67 4.50 25.48
N LEU C 180 9.01 5.69 25.00
CA LEU C 180 9.35 5.86 23.61
C LEU C 180 10.50 4.93 23.24
N GLU C 181 11.60 4.97 23.98
CA GLU C 181 12.73 4.10 23.65
C GLU C 181 12.28 2.65 23.60
N GLU C 182 11.37 2.30 24.51
CA GLU C 182 10.85 0.95 24.61
C GLU C 182 10.08 0.58 23.34
N ASN C 183 9.05 1.36 23.04
CA ASN C 183 8.24 1.08 21.85
C ASN C 183 8.99 1.15 20.53
N ALA C 184 9.91 2.09 20.40
CA ALA C 184 10.68 2.20 19.16
C ALA C 184 11.35 0.89 18.81
N SER C 185 11.74 0.12 19.81
CA SER C 185 12.40 -1.15 19.53
C SER C 185 11.41 -2.17 18.95
N LEU C 186 10.15 -2.05 19.32
CA LEU C 186 9.11 -2.98 18.84
C LEU C 186 8.45 -2.57 17.55
N PHE C 187 8.43 -1.26 17.29
CA PHE C 187 7.78 -0.72 16.10
C PHE C 187 8.72 -0.48 14.93
N HIS C 188 9.98 -0.14 15.26
CA HIS C 188 11.01 0.15 14.27
C HIS C 188 10.63 1.36 13.45
N PRO C 189 10.61 2.53 14.08
CA PRO C 189 10.26 3.71 13.30
C PRO C 189 11.35 3.95 12.27
N LYS C 190 11.00 4.66 11.22
CA LYS C 190 11.97 4.97 10.18
C LYS C 190 12.37 6.44 10.39
N LEU C 191 11.53 7.14 11.13
CA LEU C 191 11.75 8.53 11.43
C LEU C 191 11.01 8.83 12.72
N ILE C 192 11.63 9.64 13.58
CA ILE C 192 11.03 10.04 14.84
C ILE C 192 10.91 11.58 14.84
N ILE C 193 9.77 12.08 15.29
CA ILE C 193 9.55 13.53 15.31
C ILE C 193 9.66 14.16 16.69
N ALA C 194 10.48 15.19 16.79
CA ALA C 194 10.69 15.93 18.02
C ALA C 194 10.17 17.34 17.81
N GLY C 195 8.90 17.55 18.10
CA GLY C 195 8.32 18.87 17.91
C GLY C 195 6.95 18.87 18.55
N THR C 196 6.47 20.04 18.96
CA THR C 196 5.17 20.12 19.61
C THR C 196 4.41 21.37 19.22
N SER C 197 3.16 21.41 19.64
CA SER C 197 2.29 22.55 19.39
C SER C 197 1.78 23.03 20.75
N CYS C 198 1.94 22.19 21.76
CA CYS C 198 1.49 22.53 23.09
C CYS C 198 2.26 21.79 24.19
N TYR C 199 3.53 22.13 24.34
CA TYR C 199 4.39 21.54 25.36
C TYR C 199 5.21 22.75 25.84
N SER C 200 5.18 23.02 27.13
CA SER C 200 5.88 24.17 27.68
C SER C 200 7.31 23.90 28.11
N ARG C 201 7.84 22.72 27.83
CA ARG C 201 9.20 22.39 28.24
C ARG C 201 10.09 22.08 27.07
N ASN C 202 11.41 22.17 27.29
CA ASN C 202 12.36 21.86 26.25
C ASN C 202 12.40 20.35 25.97
N LEU C 203 12.81 19.99 24.76
CA LEU C 203 12.89 18.59 24.39
C LEU C 203 14.28 18.04 24.55
N ASP C 204 14.37 16.80 24.98
CA ASP C 204 15.67 16.14 25.17
C ASP C 204 16.19 15.61 23.83
N TYR C 205 16.57 16.52 22.94
CA TYR C 205 17.07 16.12 21.63
C TYR C 205 18.19 15.10 21.77
N ALA C 206 19.01 15.31 22.79
CA ALA C 206 20.10 14.41 23.04
C ALA C 206 19.62 12.97 23.19
N ARG C 207 18.62 12.74 24.04
CA ARG C 207 18.12 11.39 24.27
C ARG C 207 17.38 10.87 23.09
N LEU C 208 16.58 11.73 22.48
CA LEU C 208 15.80 11.37 21.32
C LEU C 208 16.74 10.87 20.22
N ARG C 209 17.85 11.58 20.05
CA ARG C 209 18.85 11.22 19.07
C ARG C 209 19.39 9.82 19.33
N LYS C 210 19.65 9.52 20.59
CA LYS C 210 20.15 8.20 20.99
C LYS C 210 19.15 7.16 20.52
N ILE C 211 17.90 7.31 20.92
CA ILE C 211 16.85 6.38 20.53
C ILE C 211 16.75 6.24 19.02
N ALA C 212 16.87 7.35 18.31
CA ALA C 212 16.79 7.31 16.86
C ALA C 212 17.89 6.45 16.27
N ASP C 213 19.14 6.70 16.67
CA ASP C 213 20.23 5.91 16.15
C ASP C 213 20.16 4.45 16.59
N ASP C 214 19.59 4.21 17.76
CA ASP C 214 19.47 2.85 18.29
C ASP C 214 18.67 1.99 17.31
N ASN C 215 17.61 2.58 16.74
CA ASN C 215 16.75 1.90 15.79
C ASN C 215 17.08 2.32 14.38
N GLY C 216 18.21 3.02 14.23
CA GLY C 216 18.65 3.47 12.93
C GLY C 216 17.63 4.29 12.18
N ALA C 217 17.02 5.25 12.87
CA ALA C 217 16.03 6.09 12.23
C ALA C 217 16.47 7.55 12.25
N TYR C 218 15.76 8.35 11.47
CA TYR C 218 16.05 9.76 11.36
C TYR C 218 15.35 10.51 12.47
N LEU C 219 16.00 11.54 12.99
CA LEU C 219 15.37 12.36 14.00
C LEU C 219 15.06 13.69 13.33
N ALA C 221 13.18 17.41 13.70
CA ALA C 221 12.61 18.35 14.64
C ALA C 221 11.67 19.29 13.89
N ASP C 222 10.50 19.53 14.47
CA ASP C 222 9.53 20.45 13.91
C ASP C 222 9.47 21.64 14.87
N ALA C 224 8.44 24.58 14.74
CA ALA C 224 7.52 25.62 14.32
C ALA C 224 7.22 26.66 15.41
N HIS C 225 6.83 26.18 16.58
CA HIS C 225 6.52 27.08 17.68
C HIS C 225 7.69 27.83 18.33
N ILE C 226 8.91 27.35 18.11
CA ILE C 226 10.06 27.99 18.72
C ILE C 226 11.12 28.43 17.72
N SER C 227 10.75 28.54 16.45
CA SER C 227 11.70 28.95 15.44
C SER C 227 12.37 30.26 15.86
N GLY C 228 11.57 31.21 16.35
CA GLY C 228 12.09 32.49 16.76
C GLY C 228 12.95 32.44 18.02
N LEU C 229 12.44 31.77 19.06
CA LEU C 229 13.17 31.65 20.30
C LEU C 229 14.52 31.00 20.02
N VAL C 230 14.55 30.06 19.09
CA VAL C 230 15.80 29.37 18.76
C VAL C 230 16.75 30.29 17.99
N ALA C 231 16.25 30.97 16.98
CA ALA C 231 17.09 31.87 16.21
C ALA C 231 17.71 32.93 17.13
N ALA C 232 16.91 33.39 18.08
CA ALA C 232 17.35 34.41 19.03
C ALA C 232 18.33 33.88 20.09
N GLY C 233 18.46 32.57 20.19
CA GLY C 233 19.37 32.01 21.17
C GLY C 233 18.82 31.87 22.59
N VAL C 234 17.59 32.33 22.83
CA VAL C 234 17.00 32.23 24.16
C VAL C 234 16.68 30.81 24.63
N VAL C 235 16.60 29.84 23.71
CA VAL C 235 16.32 28.44 24.07
C VAL C 235 17.25 27.50 23.31
N PRO C 236 17.40 26.27 23.80
CA PRO C 236 18.25 25.23 23.22
C PRO C 236 17.90 24.91 21.77
N SER C 237 18.91 24.88 20.91
CA SER C 237 18.70 24.60 19.49
C SER C 237 18.67 23.12 19.14
N PRO C 238 17.68 22.71 18.33
CA PRO C 238 17.56 21.31 17.93
C PRO C 238 18.60 20.90 16.88
N PHE C 239 19.23 21.88 16.26
CA PHE C 239 20.24 21.63 15.24
C PHE C 239 21.47 20.87 15.73
N GLU C 240 21.58 20.67 17.04
CA GLU C 240 22.72 19.95 17.58
C GLU C 240 22.56 18.45 17.50
N HIS C 241 21.31 17.97 17.48
CA HIS C 241 21.09 16.53 17.43
C HIS C 241 20.24 15.98 16.31
N CYS C 242 19.43 16.83 15.68
CA CYS C 242 18.57 16.34 14.61
C CYS C 242 19.21 16.31 13.23
N HIS C 243 18.72 15.41 12.39
CA HIS C 243 19.19 15.23 11.02
C HIS C 243 18.45 16.21 10.12
N VAL C 244 17.21 16.47 10.48
CA VAL C 244 16.38 17.37 9.72
C VAL C 244 15.56 18.24 10.66
N VAL C 245 15.37 19.50 10.28
CA VAL C 245 14.59 20.43 11.07
C VAL C 245 13.66 21.20 10.14
N THR C 246 12.36 21.08 10.37
CA THR C 246 11.36 21.79 9.57
C THR C 246 10.76 22.90 10.42
N THR C 247 10.12 23.87 9.78
CA THR C 247 9.53 24.98 10.50
C THR C 247 8.64 25.90 9.69
N THR C 248 7.79 26.63 10.39
CA THR C 248 6.91 27.61 9.76
C THR C 248 7.70 28.89 9.94
N THR C 249 7.42 29.90 9.13
CA THR C 249 8.15 31.15 9.28
C THR C 249 7.33 32.22 9.99
N HIS C 250 6.08 31.90 10.33
CA HIS C 250 5.27 32.83 11.08
C HIS C 250 5.41 32.39 12.52
N LYS C 251 4.46 32.73 13.38
CA LYS C 251 4.54 32.33 14.79
C LYS C 251 5.72 33.04 15.50
N THR C 252 6.54 32.29 16.22
CA THR C 252 7.66 32.89 16.94
C THR C 252 8.78 33.43 16.07
N LEU C 253 8.54 33.56 14.77
CA LEU C 253 9.58 34.08 13.87
C LEU C 253 9.11 35.37 13.22
N ARG C 254 7.84 35.67 13.43
CA ARG C 254 7.22 36.90 12.95
C ARG C 254 7.37 37.23 11.47
N GLY C 255 7.31 36.22 10.62
CA GLY C 255 7.40 36.45 9.19
C GLY C 255 6.05 36.17 8.56
N CYS C 256 6.03 35.98 7.24
CA CYS C 256 4.78 35.67 6.55
C CYS C 256 4.62 34.14 6.51
N ARG C 257 3.42 33.68 6.20
CA ARG C 257 3.16 32.24 6.15
C ARG C 257 3.95 31.44 5.12
N ALA C 258 4.74 30.48 5.60
CA ALA C 258 5.54 29.63 4.74
C ALA C 258 6.25 28.62 5.61
N GLY C 259 7.08 27.79 4.98
CA GLY C 259 7.80 26.79 5.74
C GLY C 259 9.18 26.59 5.16
N ILE C 261 12.79 23.69 5.19
CA ILE C 261 13.27 22.37 5.57
C ILE C 261 14.79 22.39 5.63
N PHE C 262 15.34 22.31 6.84
CA PHE C 262 16.79 22.31 7.05
C PHE C 262 17.23 20.87 7.09
N TYR C 263 18.35 20.56 6.43
CA TYR C 263 18.86 19.18 6.41
C TYR C 263 20.36 19.11 6.42
N ARG C 264 20.87 18.06 7.05
CA ARG C 264 22.30 17.82 7.16
C ARG C 264 22.88 17.38 5.83
N LYS C 265 24.17 17.66 5.63
CA LYS C 265 24.82 17.29 4.39
C LYS C 265 26.30 17.06 4.59
N GLY C 266 26.91 16.36 3.64
CA GLY C 266 28.33 16.08 3.72
C GLY C 266 28.71 15.07 4.78
N VAL C 267 29.34 14.00 4.32
CA VAL C 267 29.85 12.90 5.13
C VAL C 267 28.93 12.21 6.13
N ARG C 268 29.43 12.08 7.35
CA ARG C 268 28.71 11.39 8.41
C ARG C 268 28.57 9.94 7.98
N SER C 269 29.70 9.23 7.97
CA SER C 269 29.77 7.82 7.58
C SER C 269 31.01 7.08 8.11
N VAL C 270 31.98 6.84 7.24
CA VAL C 270 33.24 6.14 7.55
C VAL C 270 33.20 5.19 8.75
N ASP C 271 33.44 3.91 8.53
CA ASP C 271 33.36 2.98 9.64
C ASP C 271 34.31 1.78 9.70
N PRO C 272 34.14 0.79 8.80
CA PRO C 272 34.98 -0.42 8.76
C PRO C 272 36.43 -0.27 9.21
N LYS C 273 37.35 -0.57 8.30
CA LYS C 273 38.78 -0.47 8.58
C LYS C 273 39.30 0.46 7.52
N THR C 274 38.44 0.69 6.54
CA THR C 274 38.70 1.57 5.42
C THR C 274 37.75 2.75 5.53
N GLY C 275 38.31 3.96 5.44
CA GLY C 275 37.49 5.16 5.53
C GLY C 275 36.35 5.15 4.53
N LYS C 276 35.17 4.70 4.97
CA LYS C 276 34.00 4.65 4.09
C LYS C 276 33.71 5.97 3.37
N GLU C 277 33.04 6.90 4.05
CA GLU C 277 32.67 8.20 3.48
C GLU C 277 31.34 8.06 2.75
N THR C 278 30.31 7.57 3.44
CA THR C 278 28.99 7.37 2.84
C THR C 278 28.19 8.66 2.60
N TYR C 279 28.55 9.74 3.28
CA TYR C 279 27.87 11.02 3.12
C TYR C 279 26.34 10.98 3.32
N TYR C 280 25.74 12.17 3.42
CA TYR C 280 24.30 12.32 3.58
C TYR C 280 23.70 12.46 2.21
N GLU C 281 22.45 12.03 2.05
CA GLU C 281 21.81 12.17 0.76
C GLU C 281 20.51 12.95 0.92
N LEU C 282 20.31 13.48 2.12
CA LEU C 282 19.10 14.24 2.44
C LEU C 282 18.79 15.35 1.42
N GLU C 283 19.80 16.16 1.13
CA GLU C 283 19.62 17.24 0.19
C GLU C 283 18.93 16.75 -1.08
N SER C 284 19.49 15.69 -1.67
CA SER C 284 18.96 15.11 -2.89
C SER C 284 17.50 14.65 -2.80
N LEU C 285 17.22 13.81 -1.82
CA LEU C 285 15.87 13.31 -1.64
C LEU C 285 14.85 14.38 -1.31
N ILE C 286 15.18 15.22 -0.34
CA ILE C 286 14.24 16.26 0.05
C ILE C 286 13.97 17.25 -1.08
N ASN C 287 15.02 17.83 -1.65
CA ASN C 287 14.76 18.79 -2.72
C ASN C 287 13.85 18.25 -3.83
N SER C 288 14.03 16.97 -4.16
CA SER C 288 13.22 16.34 -5.19
C SER C 288 11.79 16.13 -4.71
N ALA C 289 11.66 15.74 -3.45
CA ALA C 289 10.34 15.53 -2.88
C ALA C 289 9.53 16.82 -3.07
N VAL C 290 10.13 17.94 -2.71
CA VAL C 290 9.44 19.21 -2.83
C VAL C 290 9.12 19.54 -4.28
N PHE C 291 10.04 19.19 -5.16
CA PHE C 291 9.87 19.43 -6.59
C PHE C 291 10.84 18.59 -7.44
N PRO C 292 10.35 17.93 -8.49
CA PRO C 292 9.03 17.77 -9.12
C PRO C 292 8.03 16.92 -8.36
N GLY C 293 8.39 16.49 -7.16
CA GLY C 293 7.51 15.66 -6.37
C GLY C 293 6.13 16.15 -5.93
N LEU C 294 6.06 17.11 -5.02
CA LEU C 294 4.78 17.57 -4.48
C LEU C 294 4.28 18.95 -4.84
N GLN C 295 5.18 19.91 -5.04
CA GLN C 295 4.75 21.28 -5.33
C GLN C 295 4.83 21.75 -6.77
N GLY C 296 4.12 22.83 -7.04
CA GLY C 296 4.14 23.41 -8.36
C GLY C 296 5.23 24.47 -8.38
N GLY C 297 4.85 25.69 -8.72
CA GLY C 297 5.81 26.77 -8.77
C GLY C 297 5.92 27.50 -7.46
N PRO C 298 7.15 27.76 -6.97
CA PRO C 298 7.36 28.45 -5.71
C PRO C 298 6.67 29.80 -5.68
N HIS C 299 6.30 30.24 -4.48
CA HIS C 299 5.64 31.53 -4.31
C HIS C 299 6.71 32.55 -3.94
N ASN C 300 7.43 33.00 -4.95
CA ASN C 300 8.53 33.95 -4.76
C ASN C 300 8.24 35.17 -3.87
N HIS C 301 7.01 35.65 -3.85
CA HIS C 301 6.69 36.79 -3.01
C HIS C 301 6.73 36.42 -1.54
N ALA C 302 6.35 35.19 -1.21
CA ALA C 302 6.39 34.76 0.17
C ALA C 302 7.86 34.59 0.57
N ILE C 303 8.66 34.03 -0.34
CA ILE C 303 10.07 33.84 -0.05
C ILE C 303 10.74 35.18 0.24
N ALA C 304 10.33 36.21 -0.49
CA ALA C 304 10.87 37.55 -0.29
C ALA C 304 10.56 37.96 1.14
N GLY C 305 9.31 37.78 1.54
CA GLY C 305 8.89 38.12 2.89
C GLY C 305 9.73 37.40 3.93
N VAL C 306 9.96 36.11 3.72
CA VAL C 306 10.78 35.35 4.65
C VAL C 306 12.17 35.96 4.76
N ALA C 307 12.82 36.19 3.62
CA ALA C 307 14.16 36.78 3.64
C ALA C 307 14.19 38.04 4.52
N VAL C 308 13.16 38.89 4.40
CA VAL C 308 13.07 40.12 5.19
C VAL C 308 13.01 39.81 6.68
N ALA C 309 12.14 38.87 7.04
CA ALA C 309 12.00 38.48 8.44
C ALA C 309 13.28 37.81 8.97
N LEU C 310 13.94 37.01 8.14
CA LEU C 310 15.17 36.38 8.58
C LEU C 310 16.17 37.44 8.98
N LYS C 311 16.32 38.47 8.16
CA LYS C 311 17.25 39.54 8.47
C LYS C 311 16.90 40.13 9.84
N GLN C 312 15.64 40.49 10.03
CA GLN C 312 15.17 41.05 11.28
C GLN C 312 15.43 40.14 12.47
N ALA C 313 15.37 38.82 12.23
CA ALA C 313 15.58 37.87 13.32
C ALA C 313 17.00 37.87 13.84
N THR C 315 18.80 40.55 14.35
CA THR C 315 19.11 41.79 15.06
C THR C 315 19.10 41.60 16.56
N THR C 316 19.56 42.65 17.24
CA THR C 316 19.62 42.65 18.68
C THR C 316 18.24 43.03 19.17
N GLU C 317 17.57 43.86 18.38
CA GLU C 317 16.22 44.27 18.73
C GLU C 317 15.35 43.03 18.77
N PHE C 318 15.73 42.03 17.98
CA PHE C 318 15.00 40.79 17.93
C PHE C 318 15.35 39.97 19.17
N LYS C 319 16.65 39.77 19.40
CA LYS C 319 17.13 38.99 20.53
C LYS C 319 16.51 39.46 21.84
N ILE C 320 16.27 40.77 21.93
CA ILE C 320 15.69 41.36 23.12
C ILE C 320 14.18 41.12 23.14
N TYR C 321 13.56 41.22 21.98
CA TYR C 321 12.12 40.99 21.89
C TYR C 321 11.84 39.59 22.41
N GLN C 322 12.56 38.62 21.86
CA GLN C 322 12.38 37.24 22.24
C GLN C 322 12.63 37.04 23.73
N LEU C 323 13.55 37.79 24.30
CA LEU C 323 13.81 37.66 25.73
C LEU C 323 12.62 38.15 26.54
N GLN C 324 12.04 39.26 26.11
CA GLN C 324 10.87 39.82 26.77
C GLN C 324 9.74 38.80 26.67
N VAL C 325 9.64 38.17 25.50
CA VAL C 325 8.60 37.16 25.24
C VAL C 325 8.63 36.08 26.31
N LEU C 326 9.83 35.56 26.57
CA LEU C 326 10.01 34.54 27.58
C LEU C 326 9.62 35.10 28.95
N ALA C 327 10.24 36.22 29.30
CA ALA C 327 9.97 36.86 30.58
C ALA C 327 8.47 37.03 30.80
N ASN C 328 7.78 37.60 29.81
CA ASN C 328 6.35 37.82 29.91
C ASN C 328 5.61 36.54 30.22
N CYS C 329 6.09 35.43 29.68
CA CYS C 329 5.41 34.15 29.92
C CYS C 329 5.44 33.85 31.42
N ARG C 330 6.63 33.86 32.02
CA ARG C 330 6.77 33.59 33.45
C ARG C 330 5.77 34.46 34.20
N ALA C 331 5.86 35.77 33.99
CA ALA C 331 4.97 36.72 34.63
C ALA C 331 3.53 36.24 34.63
N LEU C 332 3.02 35.90 33.45
CA LEU C 332 1.65 35.43 33.28
C LEU C 332 1.37 34.09 33.97
N SER C 333 2.37 33.21 33.94
CA SER C 333 2.23 31.89 34.55
C SER C 333 2.26 31.99 36.07
N ASP C 334 3.02 32.95 36.58
CA ASP C 334 3.12 33.17 38.02
C ASP C 334 1.83 33.79 38.54
N ALA C 335 1.46 34.93 37.97
CA ALA C 335 0.23 35.64 38.36
C ALA C 335 -0.97 34.70 38.31
N LEU C 336 -0.96 33.79 37.34
CA LEU C 336 -2.04 32.85 37.15
C LEU C 336 -1.99 31.72 38.18
N THR C 337 -0.79 31.27 38.52
CA THR C 337 -0.64 30.20 39.51
C THR C 337 -1.05 30.84 40.81
N GLU C 338 -0.51 32.03 41.05
CA GLU C 338 -0.80 32.82 42.24
C GLU C 338 -2.30 32.93 42.43
N LEU C 339 -3.02 33.24 41.35
CA LEU C 339 -4.47 33.36 41.43
C LEU C 339 -5.12 32.01 41.75
N GLY C 340 -4.32 30.95 41.77
CA GLY C 340 -4.85 29.62 42.10
C GLY C 340 -5.28 28.71 40.97
N TYR C 341 -4.66 28.84 39.80
CA TYR C 341 -5.00 27.99 38.67
C TYR C 341 -3.89 26.97 38.50
N LYS C 342 -4.19 25.85 37.86
CA LYS C 342 -3.19 24.81 37.63
C LYS C 342 -2.48 24.95 36.27
N ILE C 343 -1.16 25.08 36.32
CA ILE C 343 -0.38 25.20 35.08
C ILE C 343 0.41 23.90 34.87
N VAL C 344 0.06 23.11 33.85
CA VAL C 344 0.72 21.83 33.56
C VAL C 344 2.24 21.92 33.60
N THR C 345 2.86 20.91 34.22
CA THR C 345 4.32 20.83 34.40
C THR C 345 4.80 21.95 35.33
N GLY C 346 3.85 22.67 35.93
CA GLY C 346 4.18 23.73 36.84
C GLY C 346 4.36 25.10 36.23
N GLY C 347 5.05 25.17 35.09
CA GLY C 347 5.27 26.44 34.46
C GLY C 347 5.64 26.28 33.00
N SER C 348 6.56 27.10 32.52
CA SER C 348 6.96 27.04 31.13
C SER C 348 8.44 27.34 30.95
N ASP C 349 8.99 26.81 29.86
CA ASP C 349 10.40 27.01 29.52
C ASP C 349 10.44 27.87 28.27
N ASN C 350 9.28 28.05 27.66
CA ASN C 350 9.19 28.82 26.43
C ASN C 350 8.20 29.98 26.45
N HIS C 351 7.45 30.10 25.37
CA HIS C 351 6.48 31.19 25.18
C HIS C 351 5.01 30.86 25.48
N LEU C 352 4.71 29.61 25.83
CA LEU C 352 3.32 29.23 26.10
C LEU C 352 3.12 28.46 27.39
N ILE C 353 1.86 28.36 27.81
CA ILE C 353 1.50 27.63 29.03
C ILE C 353 0.13 26.99 28.82
N LEU C 354 -0.13 25.91 29.56
CA LEU C 354 -1.39 25.19 29.45
C LEU C 354 -2.12 25.13 30.80
N ASP C 356 -5.08 23.90 33.37
CA ASP C 356 -5.94 22.75 33.64
C ASP C 356 -7.17 23.24 34.40
N LEU C 357 -8.17 23.73 33.68
CA LEU C 357 -9.40 24.25 34.27
C LEU C 357 -10.21 23.19 35.00
N ARG C 358 -9.85 21.93 34.77
CA ARG C 358 -10.51 20.78 35.37
C ARG C 358 -10.76 20.94 36.86
N SER C 359 -9.77 21.51 37.54
CA SER C 359 -9.87 21.74 38.97
C SER C 359 -10.77 22.96 39.27
N LYS C 360 -11.86 23.08 38.51
CA LYS C 360 -12.82 24.17 38.66
C LYS C 360 -14.18 23.81 38.05
N GLY C 361 -14.36 22.54 37.71
CA GLY C 361 -15.62 22.10 37.14
C GLY C 361 -15.87 22.57 35.73
N THR C 362 -15.15 23.61 35.30
CA THR C 362 -15.32 24.12 33.96
C THR C 362 -14.31 23.50 33.01
N ASP C 363 -14.67 23.38 31.73
CA ASP C 363 -13.77 22.82 30.73
C ASP C 363 -13.24 23.94 29.84
N GLY C 364 -12.25 23.63 29.02
CA GLY C 364 -11.69 24.64 28.14
C GLY C 364 -12.65 25.12 27.07
N GLY C 365 -13.61 24.26 26.70
CA GLY C 365 -14.58 24.61 25.67
C GLY C 365 -15.45 25.82 26.00
N ARG C 366 -16.02 25.81 27.20
CA ARG C 366 -16.87 26.89 27.68
C ARG C 366 -16.03 28.15 27.85
N ALA C 367 -15.05 28.05 28.72
CA ALA C 367 -14.14 29.14 29.04
C ALA C 367 -13.62 29.88 27.82
N GLU C 368 -13.27 29.14 26.79
CA GLU C 368 -12.76 29.72 25.58
C GLU C 368 -13.78 30.67 24.96
N LYS C 369 -15.02 30.21 24.86
CA LYS C 369 -16.08 31.01 24.26
C LYS C 369 -16.36 32.31 25.01
N VAL C 370 -16.35 32.24 26.33
CA VAL C 370 -16.59 33.42 27.15
C VAL C 370 -15.52 34.49 26.90
N LEU C 371 -14.27 34.08 27.08
CA LEU C 371 -13.14 34.98 26.88
C LEU C 371 -13.13 35.62 25.49
N GLU C 372 -13.70 34.93 24.52
CA GLU C 372 -13.77 35.45 23.16
C GLU C 372 -14.74 36.64 23.17
N ALA C 373 -15.89 36.43 23.80
CA ALA C 373 -16.91 37.45 23.91
C ALA C 373 -16.36 38.69 24.59
N CYS C 374 -15.21 38.56 25.22
CA CYS C 374 -14.60 39.68 25.91
C CYS C 374 -13.32 40.18 25.25
N SER C 375 -13.18 39.92 23.95
CA SER C 375 -12.01 40.36 23.19
C SER C 375 -10.68 39.76 23.67
N ILE C 376 -10.75 38.49 24.07
CA ILE C 376 -9.59 37.75 24.55
C ILE C 376 -9.46 36.44 23.77
N ALA C 377 -8.55 36.43 22.78
CA ALA C 377 -8.30 35.25 21.96
C ALA C 377 -7.62 34.15 22.75
N CYS C 378 -8.36 33.11 23.09
CA CYS C 378 -7.77 32.04 23.87
C CYS C 378 -7.45 30.77 23.07
N ASN C 379 -7.99 29.62 23.50
CA ASN C 379 -7.77 28.33 22.83
C ASN C 379 -7.83 27.10 23.76
N LYS C 380 -8.90 26.31 23.66
CA LYS C 380 -9.05 25.11 24.46
C LYS C 380 -8.01 24.08 23.99
N ASN C 381 -7.55 23.22 24.89
CA ASN C 381 -6.56 22.21 24.52
C ASN C 381 -6.48 21.14 25.61
N THR C 382 -6.86 19.92 25.25
CA THR C 382 -6.82 18.81 26.20
C THR C 382 -5.46 18.73 26.83
N CYS C 383 -5.44 18.35 28.10
CA CYS C 383 -4.17 18.19 28.79
C CYS C 383 -4.07 16.75 29.30
N PRO C 384 -2.84 16.27 29.50
CA PRO C 384 -2.55 14.93 29.98
C PRO C 384 -3.51 14.36 31.02
N GLY C 385 -4.17 13.27 30.67
CA GLY C 385 -5.06 12.67 31.64
C GLY C 385 -6.52 12.55 31.28
N ASP C 386 -7.20 13.68 31.13
CA ASP C 386 -8.63 13.64 30.81
C ASP C 386 -8.97 12.67 29.69
N LYS C 387 -9.98 11.86 29.95
CA LYS C 387 -10.43 10.91 28.94
C LYS C 387 -11.20 11.87 28.07
N SER C 388 -11.78 12.85 28.74
CA SER C 388 -12.57 13.91 28.14
C SER C 388 -12.44 13.98 26.60
N ALA C 389 -11.40 14.64 26.10
CA ALA C 389 -11.19 14.79 24.65
C ALA C 389 -12.19 15.80 24.08
N LEU C 390 -13.48 15.54 24.28
CA LEU C 390 -14.53 16.43 23.81
C LEU C 390 -14.82 17.48 24.91
N ARG C 391 -14.37 17.18 26.13
CA ARG C 391 -14.49 18.07 27.31
C ARG C 391 -13.06 18.37 27.76
N PRO C 392 -12.33 19.15 26.95
CA PRO C 392 -10.96 19.61 27.08
C PRO C 392 -10.25 19.59 28.42
N SER C 393 -10.49 20.63 29.22
CA SER C 393 -9.87 20.81 30.53
C SER C 393 -8.78 21.85 30.42
N GLY C 394 -8.43 22.31 29.23
CA GLY C 394 -7.36 23.29 29.23
C GLY C 394 -7.41 24.44 28.26
N LEU C 395 -6.62 25.46 28.54
CA LEU C 395 -6.53 26.64 27.69
C LEU C 395 -5.05 26.84 27.34
N ARG C 396 -4.76 27.19 26.09
CA ARG C 396 -3.38 27.40 25.71
C ARG C 396 -3.15 28.88 25.49
N LEU C 397 -2.20 29.44 26.23
CA LEU C 397 -1.88 30.86 26.13
C LEU C 397 -0.45 31.08 25.67
N GLY C 398 -0.25 32.10 24.84
CA GLY C 398 1.09 32.41 24.34
C GLY C 398 1.36 33.89 24.48
N THR C 399 2.63 34.29 24.46
CA THR C 399 2.95 35.70 24.62
C THR C 399 3.55 36.45 23.44
N PRO C 400 4.03 35.74 22.39
CA PRO C 400 4.63 36.45 21.26
C PRO C 400 3.80 37.60 20.69
N ALA C 401 2.52 37.34 20.43
CA ALA C 401 1.64 38.35 19.87
C ALA C 401 1.69 39.66 20.65
N LEU C 402 1.22 39.63 21.88
CA LEU C 402 1.18 40.81 22.73
C LEU C 402 2.54 41.42 23.06
N THR C 403 3.58 40.60 23.18
CA THR C 403 4.91 41.13 23.48
C THR C 403 5.32 42.03 22.33
N SER C 404 5.01 41.60 21.11
CA SER C 404 5.36 42.38 19.93
C SER C 404 4.66 43.73 19.93
N ARG C 405 3.62 43.88 20.76
CA ARG C 405 2.88 45.14 20.84
C ARG C 405 3.38 46.03 21.98
N GLY C 406 4.39 45.58 22.71
CA GLY C 406 4.91 46.38 23.81
C GLY C 406 4.77 45.76 25.20
N LEU C 407 3.58 45.23 25.50
CA LEU C 407 3.28 44.61 26.80
C LEU C 407 4.49 44.03 27.55
N LEU C 408 4.61 44.40 28.82
CA LEU C 408 5.67 43.91 29.69
C LEU C 408 5.04 43.17 30.86
N GLU C 409 5.86 42.74 31.82
CA GLU C 409 5.36 42.00 32.96
C GLU C 409 4.13 42.60 33.62
N GLU C 410 4.23 43.85 34.04
CA GLU C 410 3.12 44.53 34.72
C GLU C 410 1.83 44.40 33.93
N ASP C 411 1.94 44.59 32.62
CA ASP C 411 0.78 44.50 31.74
C ASP C 411 0.24 43.08 31.66
N PHE C 412 1.14 42.09 31.60
CA PHE C 412 0.72 40.69 31.51
C PHE C 412 0.05 40.23 32.80
N GLN C 413 0.32 40.95 33.89
CA GLN C 413 -0.31 40.59 35.13
C GLN C 413 -1.75 41.12 35.05
N LYS C 414 -1.90 42.34 34.54
CA LYS C 414 -3.21 42.93 34.38
C LYS C 414 -4.00 42.01 33.46
N VAL C 415 -3.31 41.41 32.51
CA VAL C 415 -3.93 40.48 31.58
C VAL C 415 -4.43 39.28 32.37
N ALA C 416 -3.55 38.73 33.20
CA ALA C 416 -3.89 37.57 34.02
C ALA C 416 -5.21 37.80 34.73
N HIS C 417 -5.35 38.97 35.35
CA HIS C 417 -6.58 39.31 36.07
C HIS C 417 -7.79 39.32 35.14
N PHE C 418 -7.64 39.92 33.96
CA PHE C 418 -8.73 39.96 33.00
C PHE C 418 -9.22 38.54 32.73
N ILE C 419 -8.26 37.63 32.56
CA ILE C 419 -8.55 36.23 32.30
C ILE C 419 -9.29 35.62 33.49
N HIS C 420 -8.76 35.89 34.68
CA HIS C 420 -9.36 35.40 35.91
C HIS C 420 -10.82 35.81 35.95
N ARG C 421 -11.06 37.10 35.71
CA ARG C 421 -12.41 37.66 35.68
C ARG C 421 -13.27 36.88 34.70
N GLY C 422 -12.68 36.51 33.56
CA GLY C 422 -13.40 35.77 32.55
C GLY C 422 -13.84 34.40 32.98
N ILE C 423 -12.91 33.58 33.47
CA ILE C 423 -13.27 32.24 33.89
C ILE C 423 -14.27 32.37 35.02
N GLU C 424 -14.04 33.39 35.85
CA GLU C 424 -14.89 33.71 36.99
C GLU C 424 -16.34 33.75 36.48
N LEU C 425 -16.52 34.53 35.41
CA LEU C 425 -17.80 34.70 34.77
C LEU C 425 -18.32 33.37 34.26
N THR C 426 -17.46 32.60 33.62
CA THR C 426 -17.86 31.29 33.10
C THR C 426 -18.49 30.45 34.21
N LEU C 427 -17.77 30.29 35.31
CA LEU C 427 -18.27 29.52 36.44
C LEU C 427 -19.66 29.97 36.82
N GLN C 428 -19.84 31.28 36.93
CA GLN C 428 -21.13 31.84 37.31
C GLN C 428 -22.21 31.37 36.35
N ILE C 429 -22.12 31.80 35.09
CA ILE C 429 -23.09 31.45 34.07
C ILE C 429 -23.31 29.93 34.04
N GLN C 430 -22.32 29.19 34.57
CA GLN C 430 -22.31 27.71 34.63
C GLN C 430 -22.79 27.10 35.96
N SER C 431 -22.55 27.81 37.05
CA SER C 431 -22.93 27.35 38.37
C SER C 431 -24.39 27.69 38.68
N HIS C 432 -25.29 27.28 37.80
CA HIS C 432 -26.71 27.57 37.97
C HIS C 432 -27.42 26.97 36.78
N ALA C 434 -28.51 23.19 34.93
CA ALA C 434 -28.77 21.78 35.18
C ALA C 434 -27.61 21.06 35.84
N THR C 435 -27.04 20.10 35.12
CA THR C 435 -25.92 19.31 35.61
C THR C 435 -25.35 18.59 34.40
N LYS C 436 -26.24 17.95 33.65
CA LYS C 436 -25.87 17.23 32.44
C LYS C 436 -25.55 18.33 31.44
N ALA C 437 -24.43 18.98 31.69
CA ALA C 437 -23.90 20.09 30.90
C ALA C 437 -24.47 20.30 29.50
N THR C 438 -23.59 20.07 28.53
CA THR C 438 -23.87 20.24 27.10
C THR C 438 -23.48 21.67 26.80
N LEU C 439 -22.36 21.84 26.12
CA LEU C 439 -21.87 23.15 25.78
C LEU C 439 -22.88 23.77 24.79
N LYS C 440 -23.57 22.90 24.05
CA LYS C 440 -24.58 23.35 23.09
C LYS C 440 -25.53 24.25 23.87
N GLU C 441 -25.70 23.93 25.16
CA GLU C 441 -26.56 24.67 26.09
C GLU C 441 -25.86 25.87 26.74
N PHE C 442 -24.59 25.71 27.10
CA PHE C 442 -23.82 26.78 27.71
C PHE C 442 -23.77 27.97 26.75
N LYS C 443 -23.24 27.74 25.55
CA LYS C 443 -23.14 28.79 24.53
C LYS C 443 -24.49 29.41 24.24
N GLU C 444 -25.55 28.66 24.51
CA GLU C 444 -26.91 29.15 24.29
C GLU C 444 -27.17 30.27 25.30
N LYS C 445 -27.25 29.90 26.57
CA LYS C 445 -27.50 30.86 27.65
C LYS C 445 -26.53 32.02 27.54
N LEU C 446 -25.26 31.72 27.32
CA LEU C 446 -24.25 32.77 27.21
C LEU C 446 -24.73 34.01 26.47
N ALA C 447 -25.34 33.82 25.31
CA ALA C 447 -25.83 34.94 24.52
C ALA C 447 -27.02 35.66 25.13
N GLY C 448 -28.15 34.97 25.28
CA GLY C 448 -29.34 35.60 25.84
C GLY C 448 -29.60 35.42 27.33
N ASP C 449 -29.28 36.45 28.11
CA ASP C 449 -29.50 36.41 29.56
C ASP C 449 -29.21 37.76 30.21
N GLU C 450 -29.35 38.82 29.43
CA GLU C 450 -29.11 40.19 29.90
C GLU C 450 -27.99 40.25 30.93
N LYS C 451 -28.36 39.95 32.17
CA LYS C 451 -27.42 39.94 33.29
C LYS C 451 -26.05 39.54 32.77
N ILE C 452 -26.06 38.48 31.97
CA ILE C 452 -24.85 37.95 31.40
C ILE C 452 -24.21 38.80 30.31
N GLN C 453 -25.00 39.36 29.39
CA GLN C 453 -24.30 40.07 28.36
C GLN C 453 -23.93 41.45 28.81
N SER C 454 -24.45 41.83 29.97
CA SER C 454 -24.18 43.14 30.54
C SER C 454 -22.88 43.01 31.31
N ALA C 455 -22.61 41.80 31.77
CA ALA C 455 -21.39 41.52 32.51
C ALA C 455 -20.24 41.50 31.52
N VAL C 456 -20.41 40.69 30.48
CA VAL C 456 -19.41 40.58 29.43
C VAL C 456 -19.15 41.96 28.84
N ALA C 457 -20.23 42.63 28.47
CA ALA C 457 -20.13 43.96 27.88
C ALA C 457 -19.22 44.88 28.71
N THR C 458 -19.29 44.74 30.03
CA THR C 458 -18.47 45.58 30.91
C THR C 458 -17.00 45.19 30.80
N LEU C 459 -16.73 43.90 30.99
CA LEU C 459 -15.38 43.38 30.92
C LEU C 459 -14.78 43.60 29.54
N ARG C 460 -15.56 43.33 28.50
CA ARG C 460 -15.08 43.51 27.13
C ARG C 460 -14.55 44.93 26.97
N GLU C 461 -15.31 45.87 27.51
CA GLU C 461 -14.92 47.27 27.43
C GLU C 461 -13.59 47.53 28.11
N GLU C 462 -13.51 47.22 29.41
CA GLU C 462 -12.28 47.45 30.15
C GLU C 462 -11.09 46.81 29.45
N VAL C 463 -11.35 45.71 28.74
CA VAL C 463 -10.31 44.99 28.01
C VAL C 463 -9.92 45.77 26.76
N GLU C 464 -10.92 46.10 25.96
CA GLU C 464 -10.65 46.83 24.73
C GLU C 464 -9.98 48.18 24.96
N ASN C 465 -10.28 48.80 26.11
CA ASN C 465 -9.68 50.09 26.44
C ASN C 465 -8.22 49.85 26.76
N PHE C 466 -7.97 48.78 27.50
CA PHE C 466 -6.61 48.41 27.89
C PHE C 466 -5.79 48.09 26.65
N ALA C 467 -6.41 47.34 25.74
CA ALA C 467 -5.76 46.93 24.51
C ALA C 467 -5.36 48.09 23.60
N SER C 468 -6.37 48.81 23.13
CA SER C 468 -6.20 49.95 22.24
C SER C 468 -5.10 50.95 22.63
N ASN C 469 -4.55 50.80 23.82
CA ASN C 469 -3.51 51.70 24.27
C ASN C 469 -2.11 51.25 23.82
N PHE C 470 -2.04 50.15 23.06
CA PHE C 470 -0.74 49.64 22.59
C PHE C 470 -0.59 49.73 21.09
N SER C 471 0.66 49.71 20.63
CA SER C 471 0.96 49.78 19.21
C SER C 471 0.55 48.48 18.53
N LEU C 472 0.40 48.55 17.21
CA LEU C 472 0.00 47.40 16.41
C LEU C 472 0.80 47.39 15.11
N PRO C 473 1.87 46.57 15.04
CA PRO C 473 2.71 46.48 13.84
C PRO C 473 1.89 46.29 12.56
N GLY C 474 2.50 46.61 11.42
CA GLY C 474 1.83 46.46 10.15
C GLY C 474 1.66 47.75 9.39
N LEU C 475 1.34 47.64 8.10
CA LEU C 475 1.13 48.80 7.24
C LEU C 475 0.12 49.72 7.92
N PRO C 476 0.28 51.04 7.72
CA PRO C 476 -0.58 52.09 8.30
C PRO C 476 -2.11 51.95 8.12
N ASP C 477 -2.79 51.56 9.21
CA ASP C 477 -4.24 51.41 9.24
C ASP C 477 -4.80 50.28 8.37
N PHE C 478 -3.94 49.35 7.97
CA PHE C 478 -4.35 48.21 7.12
C PHE C 478 -4.65 46.98 7.97
N MET D 1 16.76 46.66 31.11
CA MET D 1 16.26 47.75 31.97
C MET D 1 17.33 48.83 32.12
N ALA D 2 17.89 49.23 30.98
CA ALA D 2 18.93 50.25 30.89
C ALA D 2 18.92 50.78 29.45
N ASP D 3 19.84 50.29 28.63
CA ASP D 3 19.89 50.68 27.21
C ASP D 3 18.86 49.81 26.50
N ARG D 4 18.09 49.11 27.31
CA ARG D 4 17.05 48.22 26.82
C ARG D 4 15.74 48.99 26.61
N ASP D 5 14.99 49.16 27.70
CA ASP D 5 13.70 49.86 27.66
C ASP D 5 13.82 51.30 27.13
N ALA D 6 15.00 51.65 26.62
CA ALA D 6 15.26 52.96 26.05
C ALA D 6 15.61 52.82 24.57
N THR D 7 16.79 52.26 24.31
CA THR D 7 17.28 52.05 22.95
C THR D 7 16.55 50.90 22.26
N LEU D 8 17.03 49.68 22.50
CA LEU D 8 16.48 48.49 21.90
C LEU D 8 14.96 48.44 21.74
N TRP D 9 14.20 49.01 22.68
CA TRP D 9 12.76 48.94 22.52
C TRP D 9 12.23 50.00 21.57
N ALA D 10 13.01 51.05 21.37
CA ALA D 10 12.61 52.12 20.47
C ALA D 10 12.88 51.63 19.05
N SER D 11 14.03 50.97 18.87
CA SER D 11 14.42 50.43 17.57
C SER D 11 13.43 49.35 17.17
N HIS D 12 13.36 48.30 17.99
CA HIS D 12 12.44 47.18 17.74
C HIS D 12 11.07 47.74 17.37
N GLU D 13 10.73 48.88 17.98
CA GLU D 13 9.47 49.56 17.72
C GLU D 13 9.38 50.03 16.26
N LYS D 14 10.39 50.76 15.80
CA LYS D 14 10.44 51.26 14.43
C LYS D 14 10.60 50.15 13.40
N LEU D 16 9.42 47.39 13.11
CA LEU D 16 8.14 46.80 12.74
C LEU D 16 7.17 47.72 11.98
N SER D 17 7.60 48.94 11.70
CA SER D 17 6.75 49.89 10.98
C SER D 17 7.55 50.56 9.88
N GLN D 18 8.86 50.39 9.95
CA GLN D 18 9.79 50.93 8.97
C GLN D 18 9.51 50.32 7.60
N PRO D 19 9.54 51.12 6.52
CA PRO D 19 9.29 50.64 5.15
C PRO D 19 10.38 49.73 4.61
N LEU D 20 10.01 48.82 3.73
CA LEU D 20 10.94 47.88 3.14
C LEU D 20 12.13 48.60 2.52
N LYS D 21 11.85 49.76 1.91
CA LYS D 21 12.88 50.57 1.27
C LYS D 21 14.08 50.82 2.19
N ASP D 22 13.80 50.96 3.49
CA ASP D 22 14.84 51.20 4.49
C ASP D 22 15.24 49.90 5.17
N SER D 23 14.26 49.22 5.75
CA SER D 23 14.48 47.97 6.47
C SER D 23 15.42 47.01 5.73
N ASP D 24 15.12 46.73 4.47
CA ASP D 24 15.96 45.84 3.68
C ASP D 24 16.20 46.38 2.28
N ALA D 25 17.29 47.12 2.11
CA ALA D 25 17.62 47.71 0.82
C ALA D 25 18.00 46.66 -0.22
N GLU D 26 18.59 45.56 0.24
CA GLU D 26 19.01 44.47 -0.65
C GLU D 26 17.81 43.84 -1.34
N VAL D 27 16.87 43.39 -0.53
CA VAL D 27 15.65 42.78 -1.05
C VAL D 27 14.89 43.81 -1.86
N TYR D 28 14.87 45.07 -1.40
CA TYR D 28 14.19 46.14 -2.10
C TYR D 28 14.78 46.31 -3.51
N SER D 29 16.11 46.27 -3.59
CA SER D 29 16.80 46.41 -4.86
C SER D 29 16.36 45.31 -5.81
N ILE D 30 16.46 44.06 -5.36
CA ILE D 30 16.09 42.93 -6.19
C ILE D 30 14.66 43.05 -6.74
N ILE D 31 13.71 43.42 -5.88
CA ILE D 31 12.33 43.55 -6.32
C ILE D 31 12.18 44.58 -7.45
N LYS D 32 12.90 45.69 -7.35
CA LYS D 32 12.80 46.69 -8.40
C LYS D 32 13.49 46.22 -9.66
N LYS D 33 14.61 45.53 -9.51
CA LYS D 33 15.33 45.01 -10.67
C LYS D 33 14.43 44.04 -11.44
N GLU D 34 13.62 43.30 -10.69
CA GLU D 34 12.70 42.34 -11.27
C GLU D 34 11.49 43.03 -11.86
N SER D 35 11.00 44.07 -11.19
CA SER D 35 9.86 44.82 -11.70
C SER D 35 10.25 45.36 -13.06
N ASN D 36 11.49 45.84 -13.13
CA ASN D 36 12.03 46.40 -14.35
C ASN D 36 12.05 45.37 -15.48
N ARG D 37 12.68 44.23 -15.20
CA ARG D 37 12.78 43.13 -16.17
C ARG D 37 11.43 42.88 -16.88
N GLN D 38 10.37 42.73 -16.08
CA GLN D 38 9.04 42.49 -16.61
C GLN D 38 8.56 43.60 -17.52
N ARG D 39 9.03 44.82 -17.26
CA ARG D 39 8.60 45.97 -18.05
C ARG D 39 9.21 46.00 -19.44
N VAL D 40 10.53 45.90 -19.49
CA VAL D 40 11.24 45.93 -20.76
C VAL D 40 11.54 44.52 -21.28
N GLY D 41 10.47 43.77 -21.54
CA GLY D 41 10.65 42.42 -22.04
C GLY D 41 9.34 41.82 -22.50
N LEU D 42 9.44 40.90 -23.45
CA LEU D 42 8.26 40.23 -23.99
C LEU D 42 7.98 38.88 -23.30
N GLU D 43 6.99 38.88 -22.42
CA GLU D 43 6.61 37.67 -21.69
C GLU D 43 5.66 36.83 -22.55
N LEU D 44 6.19 35.72 -23.09
CA LEU D 44 5.39 34.82 -23.92
C LEU D 44 5.19 33.46 -23.26
N ILE D 45 5.38 33.41 -21.95
CA ILE D 45 5.20 32.18 -21.17
C ILE D 45 3.71 31.97 -20.92
N ALA D 46 3.15 30.95 -21.56
CA ALA D 46 1.73 30.63 -21.47
C ALA D 46 1.09 30.68 -20.08
N SER D 47 1.83 30.29 -19.04
CA SER D 47 1.28 30.27 -17.69
C SER D 47 1.46 31.53 -16.83
N GLU D 48 2.11 32.56 -17.38
CA GLU D 48 2.33 33.79 -16.63
C GLU D 48 1.32 34.88 -16.96
N ASN D 49 1.28 35.91 -16.12
CA ASN D 49 0.37 37.05 -16.30
C ASN D 49 0.72 38.14 -15.26
N PHE D 50 0.11 39.30 -15.38
CA PHE D 50 0.35 40.41 -14.46
C PHE D 50 -0.90 40.68 -13.64
N ALA D 51 -0.77 40.56 -12.32
CA ALA D 51 -1.92 40.76 -11.44
C ALA D 51 -2.24 42.23 -11.23
N SER D 52 -3.53 42.55 -11.17
CA SER D 52 -3.97 43.93 -10.98
C SER D 52 -3.43 44.47 -9.67
N ARG D 53 -3.45 45.79 -9.53
CA ARG D 53 -2.97 46.43 -8.31
C ARG D 53 -3.90 46.08 -7.17
N ALA D 54 -5.20 46.06 -7.47
CA ALA D 54 -6.23 45.73 -6.49
C ALA D 54 -5.92 44.43 -5.77
N VAL D 55 -5.63 43.39 -6.55
CA VAL D 55 -5.30 42.08 -5.99
C VAL D 55 -4.08 42.17 -5.10
N LEU D 56 -2.94 42.55 -5.67
CA LEU D 56 -1.70 42.66 -4.93
C LEU D 56 -1.85 43.45 -3.63
N GLU D 57 -2.57 44.56 -3.69
CA GLU D 57 -2.79 45.40 -2.54
C GLU D 57 -3.38 44.64 -1.34
N ALA D 58 -4.13 43.58 -1.63
CA ALA D 58 -4.72 42.79 -0.56
C ALA D 58 -3.78 41.72 -0.02
N LEU D 59 -2.79 41.32 -0.82
CA LEU D 59 -1.84 40.31 -0.38
C LEU D 59 -1.04 40.70 0.85
N GLY D 60 -0.69 41.98 0.95
CA GLY D 60 0.09 42.42 2.09
C GLY D 60 -0.76 43.02 3.21
N SER D 61 -2.00 42.57 3.33
CA SER D 61 -2.88 43.08 4.37
C SER D 61 -2.66 42.39 5.71
N SER D 62 -3.46 42.81 6.70
CA SER D 62 -3.40 42.27 8.06
C SER D 62 -3.87 40.81 8.11
N LEU D 63 -4.60 40.38 7.09
CA LEU D 63 -5.11 39.03 7.02
C LEU D 63 -4.01 37.99 7.14
N ASN D 64 -2.81 38.37 6.73
CA ASN D 64 -1.66 37.47 6.77
C ASN D 64 -1.34 37.05 8.20
N ASN D 65 -2.00 37.69 9.16
CA ASN D 65 -1.77 37.44 10.59
C ASN D 65 -2.75 36.53 11.31
N LYS D 66 -3.89 36.24 10.70
CA LYS D 66 -4.90 35.42 11.34
C LYS D 66 -4.90 33.92 11.06
N TYR D 67 -5.11 33.13 12.12
CA TYR D 67 -5.17 31.66 12.02
C TYR D 67 -6.64 31.30 12.07
N SER D 68 -7.10 30.48 11.13
CA SER D 68 -8.50 30.08 11.11
C SER D 68 -8.65 28.66 10.58
N GLU D 69 -7.80 27.77 11.07
CA GLU D 69 -7.76 26.38 10.62
C GLU D 69 -8.99 25.63 10.12
N GLY D 70 -10.16 25.84 10.71
CA GLY D 70 -11.32 25.11 10.21
C GLY D 70 -12.00 25.60 8.92
N TYR D 71 -13.32 25.75 9.01
CA TYR D 71 -14.15 26.21 7.91
C TYR D 71 -15.22 27.13 8.48
N PRO D 72 -15.93 27.86 7.60
CA PRO D 72 -16.99 28.79 7.99
C PRO D 72 -18.07 28.03 8.76
N GLY D 73 -18.06 26.71 8.66
CA GLY D 73 -19.03 25.93 9.41
C GLY D 73 -18.59 26.06 10.85
N GLN D 74 -17.58 25.29 11.21
CA GLN D 74 -17.02 25.37 12.56
C GLN D 74 -15.49 25.43 12.41
N ARG D 75 -14.87 26.37 13.13
CA ARG D 75 -13.43 26.52 13.08
C ARG D 75 -12.87 25.91 14.37
N TYR D 76 -11.58 26.10 14.59
CA TYR D 76 -10.93 25.57 15.76
C TYR D 76 -10.35 26.75 16.51
N TYR D 77 -10.68 27.94 16.04
CA TYR D 77 -10.17 29.17 16.63
C TYR D 77 -11.26 30.24 16.80
N GLY D 78 -10.89 31.37 17.42
CA GLY D 78 -11.87 32.43 17.61
C GLY D 78 -11.44 33.72 16.95
N GLY D 79 -12.40 34.60 16.72
CA GLY D 79 -12.10 35.88 16.10
C GLY D 79 -12.09 35.76 14.60
N THR D 80 -12.76 34.72 14.13
CA THR D 80 -12.86 34.45 12.71
C THR D 80 -14.12 35.06 12.11
N GLU D 81 -14.76 35.93 12.86
CA GLU D 81 -15.98 36.55 12.37
C GLU D 81 -15.76 37.22 11.02
N PHE D 82 -14.63 37.91 10.87
CA PHE D 82 -14.33 38.58 9.61
C PHE D 82 -13.72 37.65 8.58
N ILE D 83 -12.84 36.76 9.03
CA ILE D 83 -12.22 35.82 8.13
C ILE D 83 -13.36 35.00 7.52
N ASP D 84 -14.42 34.81 8.31
CA ASP D 84 -15.58 34.07 7.84
C ASP D 84 -16.31 34.84 6.77
N GLU D 85 -16.42 36.16 6.94
CA GLU D 85 -17.06 37.00 5.95
C GLU D 85 -16.31 36.83 4.65
N LEU D 86 -15.01 37.07 4.73
CA LEU D 86 -14.11 36.97 3.59
C LEU D 86 -14.20 35.63 2.88
N GLU D 87 -14.04 34.54 3.62
CA GLU D 87 -14.09 33.20 3.02
C GLU D 87 -15.41 32.92 2.30
N LEU D 89 -17.56 35.13 1.14
CA LEU D 89 -17.72 36.05 0.01
C LEU D 89 -16.97 35.49 -1.19
N CYS D 90 -15.78 34.99 -0.95
CA CYS D 90 -14.96 34.43 -2.02
C CYS D 90 -15.62 33.19 -2.58
N GLN D 91 -16.18 32.35 -1.71
CA GLN D 91 -16.84 31.15 -2.18
C GLN D 91 -18.04 31.54 -3.02
N LYS D 92 -18.74 32.60 -2.58
CA LYS D 92 -19.92 33.09 -3.29
C LYS D 92 -19.52 33.58 -4.69
N ARG D 93 -18.53 34.47 -4.75
CA ARG D 93 -18.06 34.99 -6.03
C ARG D 93 -17.51 33.92 -6.95
N ALA D 94 -16.99 32.84 -6.38
CA ALA D 94 -16.45 31.75 -7.18
C ALA D 94 -17.55 31.06 -7.98
N LEU D 95 -18.64 30.71 -7.30
CA LEU D 95 -19.75 30.07 -7.98
C LEU D 95 -20.42 31.02 -8.96
N GLN D 96 -20.43 32.30 -8.64
CA GLN D 96 -21.03 33.27 -9.55
C GLN D 96 -20.21 33.32 -10.82
N ALA D 97 -18.95 33.71 -10.71
CA ALA D 97 -18.05 33.81 -11.85
C ALA D 97 -18.18 32.70 -12.88
N TYR D 98 -18.56 31.51 -12.44
CA TYR D 98 -18.71 30.39 -13.37
C TYR D 98 -20.15 29.96 -13.58
N HIS D 99 -21.07 30.88 -13.28
CA HIS D 99 -22.51 30.64 -13.42
C HIS D 99 -22.94 29.29 -12.90
N LEU D 100 -22.58 29.00 -11.66
CA LEU D 100 -22.93 27.71 -11.07
C LEU D 100 -24.03 27.82 -10.05
N ASP D 101 -25.01 26.92 -10.16
CA ASP D 101 -26.11 26.90 -9.22
C ASP D 101 -25.61 26.33 -7.90
N PRO D 102 -25.57 27.15 -6.86
CA PRO D 102 -25.10 26.76 -5.52
C PRO D 102 -25.82 25.56 -4.95
N GLN D 103 -26.85 25.11 -5.66
CA GLN D 103 -27.63 23.95 -5.25
C GLN D 103 -26.94 22.69 -5.74
N CYS D 104 -26.20 22.82 -6.85
CA CYS D 104 -25.49 21.69 -7.45
C CYS D 104 -23.96 21.77 -7.35
N TRP D 105 -23.45 22.92 -6.96
CA TRP D 105 -22.01 23.10 -6.84
C TRP D 105 -21.56 23.72 -5.52
N GLY D 106 -20.30 23.47 -5.20
CA GLY D 106 -19.71 24.00 -3.98
C GLY D 106 -18.23 24.20 -4.27
N VAL D 107 -17.56 24.99 -3.44
CA VAL D 107 -16.15 25.24 -3.64
C VAL D 107 -15.34 25.19 -2.36
N ASN D 108 -14.03 25.10 -2.55
CA ASN D 108 -13.09 25.10 -1.46
C ASN D 108 -12.05 26.08 -1.94
N VAL D 109 -11.87 27.17 -1.20
CA VAL D 109 -10.91 28.17 -1.62
C VAL D 109 -9.65 28.16 -0.75
N GLN D 110 -9.33 27.02 -0.14
CA GLN D 110 -8.17 26.94 0.72
C GLN D 110 -6.88 26.34 0.15
N PRO D 111 -6.93 25.67 -1.01
CA PRO D 111 -5.68 25.10 -1.54
C PRO D 111 -4.61 26.15 -1.77
N TYR D 112 -3.43 25.91 -1.19
CA TYR D 112 -2.33 26.86 -1.33
C TYR D 112 -1.97 27.16 -2.77
N SER D 113 -2.17 26.19 -3.66
CA SER D 113 -1.85 26.41 -5.06
C SER D 113 -2.46 25.32 -5.93
N GLY D 114 -2.10 25.30 -7.21
CA GLY D 114 -2.67 24.30 -8.11
C GLY D 114 -2.39 22.84 -7.77
N SER D 115 -1.12 22.47 -7.72
CA SER D 115 -0.72 21.09 -7.41
C SER D 115 -1.42 20.61 -6.13
N PRO D 116 -1.42 21.44 -5.07
CA PRO D 116 -2.06 21.07 -3.81
C PRO D 116 -3.53 20.73 -4.00
N ALA D 117 -4.24 21.55 -4.77
CA ALA D 117 -5.65 21.31 -5.01
C ALA D 117 -5.87 19.91 -5.59
N ASN D 118 -5.07 19.57 -6.60
CA ASN D 118 -5.17 18.26 -7.23
C ASN D 118 -4.93 17.12 -6.27
N PHE D 119 -3.76 17.12 -5.60
CA PHE D 119 -3.41 16.07 -4.66
C PHE D 119 -4.52 15.91 -3.64
N ALA D 120 -5.12 17.02 -3.28
CA ALA D 120 -6.21 17.03 -2.33
C ALA D 120 -7.39 16.19 -2.84
N VAL D 121 -7.69 16.32 -4.12
CA VAL D 121 -8.78 15.58 -4.69
C VAL D 121 -8.46 14.09 -4.79
N TYR D 122 -7.26 13.78 -5.28
CA TYR D 122 -6.89 12.37 -5.39
C TYR D 122 -6.95 11.74 -4.00
N THR D 123 -6.49 12.48 -3.00
CA THR D 123 -6.50 11.98 -1.65
C THR D 123 -7.92 11.73 -1.18
N ALA D 124 -8.83 12.61 -1.55
CA ALA D 124 -10.21 12.48 -1.11
C ALA D 124 -11.02 11.44 -1.85
N LEU D 125 -10.86 11.39 -3.17
CA LEU D 125 -11.63 10.46 -3.99
C LEU D 125 -10.94 9.19 -4.46
N VAL D 126 -9.63 9.21 -4.65
CA VAL D 126 -8.94 8.03 -5.13
C VAL D 126 -8.39 7.11 -4.03
N GLU D 127 -7.77 7.68 -3.01
CA GLU D 127 -7.19 6.92 -1.91
C GLU D 127 -5.95 6.18 -2.36
N PRO D 128 -5.00 5.97 -1.43
CA PRO D 128 -3.72 5.29 -1.67
C PRO D 128 -3.76 4.11 -2.63
N HIS D 129 -2.91 4.17 -3.65
CA HIS D 129 -2.81 3.14 -4.68
C HIS D 129 -4.01 3.03 -5.62
N GLY D 130 -4.95 3.97 -5.48
CA GLY D 130 -6.11 4.01 -6.36
C GLY D 130 -5.62 4.37 -7.75
N ARG D 131 -6.35 3.94 -8.77
CA ARG D 131 -5.95 4.20 -10.14
C ARG D 131 -6.42 5.53 -10.74
N ILE D 132 -5.51 6.21 -11.44
CA ILE D 132 -5.81 7.50 -12.06
C ILE D 132 -5.29 7.56 -13.49
N GLY D 134 -4.42 10.17 -16.73
CA GLY D 134 -4.21 11.53 -17.18
C GLY D 134 -3.49 11.59 -18.52
N LEU D 135 -3.38 12.79 -19.07
CA LEU D 135 -2.72 12.97 -20.35
C LEU D 135 -1.23 12.90 -20.10
N ASP D 136 -0.54 11.99 -20.78
CA ASP D 136 0.90 11.84 -20.62
C ASP D 136 1.57 13.22 -20.64
N LEU D 137 2.59 13.39 -19.81
CA LEU D 137 3.31 14.65 -19.68
C LEU D 137 3.73 15.26 -21.01
N PRO D 138 4.54 14.53 -21.79
CA PRO D 138 5.03 15.00 -23.09
C PRO D 138 3.95 15.11 -24.18
N ASP D 139 2.78 14.57 -23.86
CA ASP D 139 1.65 14.62 -24.78
C ASP D 139 0.85 15.88 -24.50
N GLY D 140 1.10 16.52 -23.37
CA GLY D 140 0.39 17.75 -23.08
C GLY D 140 -0.17 17.85 -21.68
N GLY D 141 0.20 16.90 -20.84
CA GLY D 141 -0.31 16.90 -19.48
C GLY D 141 0.60 17.62 -18.51
N HIS D 142 0.18 17.64 -17.26
CA HIS D 142 0.93 18.27 -16.20
C HIS D 142 1.37 17.23 -15.16
N LEU D 143 2.57 17.37 -14.63
CA LEU D 143 3.08 16.45 -13.61
C LEU D 143 2.03 15.98 -12.62
N THR D 144 1.23 16.89 -12.07
CA THR D 144 0.21 16.51 -11.10
C THR D 144 -0.80 15.48 -11.59
N HIS D 145 -0.86 15.23 -12.90
CA HIS D 145 -1.80 14.25 -13.44
C HIS D 145 -1.12 12.89 -13.41
N GLY D 146 -0.01 12.83 -12.67
CA GLY D 146 0.74 11.60 -12.55
C GLY D 146 1.74 11.45 -13.67
N PHE D 147 3.00 11.24 -13.32
CA PHE D 147 4.07 11.04 -14.28
C PHE D 147 5.16 10.09 -13.77
N THR D 149 7.82 6.31 -14.74
CA THR D 149 8.77 5.69 -15.67
C THR D 149 8.94 4.20 -15.39
N ASP D 150 9.55 3.49 -16.34
CA ASP D 150 9.77 2.05 -16.16
C ASP D 150 10.78 1.87 -15.05
N LYS D 151 11.55 2.93 -14.80
CA LYS D 151 12.60 2.96 -13.78
C LYS D 151 12.16 3.55 -12.44
N LYS D 152 11.55 4.73 -12.45
CA LYS D 152 11.12 5.39 -11.21
C LYS D 152 9.77 6.14 -11.30
N LYS D 153 9.06 6.25 -10.17
CA LYS D 153 7.78 6.99 -10.07
C LYS D 153 8.20 8.37 -9.62
N ILE D 154 8.17 9.32 -10.54
CA ILE D 154 8.61 10.70 -10.30
C ILE D 154 7.69 11.63 -9.51
N SER D 155 6.55 11.99 -10.08
CA SER D 155 5.62 12.90 -9.40
C SER D 155 5.05 12.28 -8.14
N ALA D 156 4.51 13.13 -7.28
CA ALA D 156 3.94 12.62 -6.05
C ALA D 156 2.74 11.77 -6.41
N THR D 157 2.00 12.23 -7.42
CA THR D 157 0.81 11.53 -7.88
C THR D 157 1.05 10.06 -8.25
N SER D 158 2.05 9.79 -9.07
CA SER D 158 2.32 8.42 -9.45
C SER D 158 2.99 7.63 -8.31
N ILE D 159 3.39 8.33 -7.25
CA ILE D 159 4.04 7.69 -6.10
C ILE D 159 3.05 7.14 -5.11
N PHE D 160 2.07 7.95 -4.76
CA PHE D 160 1.06 7.54 -3.79
C PHE D 160 -0.18 6.91 -4.45
N PHE D 161 -0.27 7.04 -5.77
CA PHE D 161 -1.40 6.46 -6.51
C PHE D 161 -0.86 5.66 -7.67
N GLU D 162 -1.73 4.90 -8.33
CA GLU D 162 -1.31 4.11 -9.48
C GLU D 162 -1.82 4.84 -10.72
N SER D 163 -0.89 5.38 -11.49
CA SER D 163 -1.26 6.12 -12.69
C SER D 163 -0.86 5.46 -14.01
N PRO D 165 -1.14 6.90 -18.25
CA PRO D 165 -1.51 7.96 -19.18
C PRO D 165 -2.17 7.52 -20.46
N TYR D 166 -2.80 8.48 -21.12
CA TYR D 166 -3.41 8.26 -22.41
C TYR D 166 -2.66 9.20 -23.32
N LYS D 167 -2.79 9.04 -24.63
CA LYS D 167 -2.01 9.90 -25.54
C LYS D 167 -2.74 10.70 -26.62
N VAL D 168 -1.95 11.38 -27.45
CA VAL D 168 -2.44 12.17 -28.57
C VAL D 168 -1.90 11.45 -29.80
N TYR D 169 -2.66 11.50 -30.90
CA TYR D 169 -2.23 10.87 -32.14
C TYR D 169 -1.03 11.73 -32.57
N PRO D 170 0.17 11.14 -32.58
CA PRO D 170 1.33 11.93 -32.98
C PRO D 170 1.17 12.55 -34.36
N GLU D 171 0.42 11.85 -35.21
CA GLU D 171 0.15 12.29 -36.58
C GLU D 171 -0.59 13.63 -36.67
N THR D 172 -1.60 13.84 -35.82
CA THR D 172 -2.39 15.07 -35.86
C THR D 172 -2.31 15.95 -34.61
N GLY D 173 -1.79 15.41 -33.51
CA GLY D 173 -1.67 16.19 -32.28
C GLY D 173 -2.90 16.27 -31.41
N TYR D 174 -3.95 15.54 -31.80
CA TYR D 174 -5.21 15.53 -31.05
C TYR D 174 -5.28 14.34 -30.11
N ILE D 175 -5.94 14.53 -28.99
CA ILE D 175 -6.09 13.46 -28.00
C ILE D 175 -6.81 12.27 -28.62
N ASN D 176 -6.22 11.10 -28.44
CA ASN D 176 -6.77 9.88 -28.98
C ASN D 176 -7.83 9.29 -28.04
N TYR D 177 -9.02 9.89 -28.02
CA TYR D 177 -10.07 9.42 -27.14
C TYR D 177 -10.43 7.95 -27.37
N ASP D 178 -10.15 7.43 -28.56
CA ASP D 178 -10.51 6.04 -28.80
C ASP D 178 -9.63 5.08 -28.00
N GLN D 179 -8.35 5.36 -27.95
CA GLN D 179 -7.43 4.51 -27.18
C GLN D 179 -7.73 4.64 -25.70
N LEU D 180 -8.06 5.84 -25.26
CA LEU D 180 -8.39 6.05 -23.86
C LEU D 180 -9.55 5.18 -23.48
N GLU D 181 -10.65 5.26 -24.23
CA GLU D 181 -11.81 4.44 -23.89
C GLU D 181 -11.43 2.96 -23.83
N GLU D 182 -10.53 2.56 -24.73
CA GLU D 182 -10.06 1.19 -24.82
C GLU D 182 -9.31 0.81 -23.56
N ASN D 183 -8.24 1.55 -23.26
CA ASN D 183 -7.46 1.25 -22.08
C ASN D 183 -8.21 1.36 -20.76
N ALA D 184 -9.11 2.34 -20.64
CA ALA D 184 -9.86 2.50 -19.40
C ALA D 184 -10.59 1.21 -19.03
N SER D 185 -11.03 0.45 -20.01
CA SER D 185 -11.73 -0.79 -19.70
C SER D 185 -10.78 -1.83 -19.12
N LEU D 186 -9.52 -1.79 -19.50
CA LEU D 186 -8.55 -2.76 -19.00
C LEU D 186 -7.88 -2.35 -17.71
N PHE D 187 -7.79 -1.05 -17.47
CA PHE D 187 -7.11 -0.53 -16.28
C PHE D 187 -8.06 -0.24 -15.12
N HIS D 188 -9.28 0.17 -15.46
CA HIS D 188 -10.29 0.49 -14.46
C HIS D 188 -9.88 1.71 -13.67
N PRO D 189 -9.81 2.87 -14.32
CA PRO D 189 -9.42 4.04 -13.54
C PRO D 189 -10.50 4.31 -12.52
N LYS D 190 -10.13 5.02 -11.46
CA LYS D 190 -11.06 5.39 -10.42
C LYS D 190 -11.40 6.85 -10.64
N LEU D 191 -10.54 7.53 -11.39
CA LEU D 191 -10.71 8.93 -11.72
C LEU D 191 -9.95 9.20 -13.01
N ILE D 192 -10.54 10.02 -13.87
CA ILE D 192 -9.89 10.39 -15.14
C ILE D 192 -9.70 11.90 -15.15
N ILE D 193 -8.54 12.34 -15.60
CA ILE D 193 -8.27 13.77 -15.63
C ILE D 193 -8.35 14.40 -17.01
N ALA D 194 -9.14 15.47 -17.12
CA ALA D 194 -9.31 16.21 -18.36
C ALA D 194 -8.75 17.61 -18.16
N GLY D 195 -7.46 17.77 -18.43
CA GLY D 195 -6.82 19.07 -18.26
C GLY D 195 -5.44 19.01 -18.88
N THR D 196 -4.92 20.16 -19.30
CA THR D 196 -3.62 20.18 -19.95
C THR D 196 -2.80 21.38 -19.56
N SER D 197 -1.55 21.37 -19.97
CA SER D 197 -0.64 22.48 -19.71
C SER D 197 -0.10 22.92 -21.07
N CYS D 198 -0.28 22.07 -22.09
CA CYS D 198 0.19 22.37 -23.43
C CYS D 198 -0.61 21.68 -24.53
N TYR D 199 -1.87 22.07 -24.67
CA TYR D 199 -2.76 21.51 -25.69
C TYR D 199 -3.52 22.74 -26.19
N SER D 200 -3.46 23.00 -27.49
CA SER D 200 -4.12 24.18 -28.02
C SER D 200 -5.55 23.97 -28.47
N ARG D 201 -6.12 22.81 -28.18
CA ARG D 201 -7.49 22.53 -28.61
C ARG D 201 -8.43 22.25 -27.44
N ASN D 202 -9.73 22.39 -27.68
CA ASN D 202 -10.69 22.14 -26.62
C ASN D 202 -10.81 20.64 -26.34
N LEU D 203 -11.23 20.31 -25.13
CA LEU D 203 -11.36 18.91 -24.76
C LEU D 203 -12.79 18.42 -24.91
N ASP D 204 -12.92 17.17 -25.34
CA ASP D 204 -14.23 16.57 -25.51
C ASP D 204 -14.77 16.08 -24.17
N TYR D 205 -15.12 17.01 -23.29
CA TYR D 205 -15.63 16.64 -21.98
C TYR D 205 -16.80 15.69 -22.13
N ALA D 206 -17.61 15.91 -23.15
CA ALA D 206 -18.75 15.06 -23.40
C ALA D 206 -18.34 13.58 -23.56
N ARG D 207 -17.36 13.31 -24.41
CA ARG D 207 -16.96 11.93 -24.61
C ARG D 207 -16.20 11.38 -23.40
N LEU D 208 -15.37 12.22 -22.80
CA LEU D 208 -14.60 11.83 -21.63
C LEU D 208 -15.55 11.39 -20.54
N ARG D 209 -16.63 12.14 -20.39
CA ARG D 209 -17.66 11.84 -19.41
C ARG D 209 -18.25 10.47 -19.66
N LYS D 210 -18.52 10.17 -20.92
CA LYS D 210 -19.08 8.88 -21.31
C LYS D 210 -18.12 7.79 -20.83
N ILE D 211 -16.85 7.89 -21.22
CA ILE D 211 -15.84 6.93 -20.83
C ILE D 211 -15.77 6.79 -19.31
N ALA D 212 -15.82 7.91 -18.61
CA ALA D 212 -15.75 7.86 -17.16
C ALA D 212 -16.89 7.05 -16.56
N ASP D 213 -18.13 7.34 -16.97
CA ASP D 213 -19.26 6.60 -16.45
C ASP D 213 -19.26 5.15 -16.88
N ASP D 214 -18.71 4.88 -18.06
CA ASP D 214 -18.62 3.50 -18.57
C ASP D 214 -17.86 2.64 -17.57
N ASN D 215 -16.78 3.19 -17.01
CA ASN D 215 -15.96 2.48 -16.05
C ASN D 215 -16.28 2.93 -14.64
N GLY D 216 -17.37 3.67 -14.51
CA GLY D 216 -17.80 4.13 -13.21
C GLY D 216 -16.74 4.92 -12.46
N ALA D 217 -16.10 5.86 -13.16
CA ALA D 217 -15.07 6.67 -12.54
C ALA D 217 -15.47 8.13 -12.57
N TYR D 218 -14.74 8.91 -11.78
CA TYR D 218 -14.96 10.34 -11.68
C TYR D 218 -14.22 11.04 -12.79
N LEU D 219 -14.82 12.09 -13.31
CA LEU D 219 -14.16 12.89 -14.34
C LEU D 219 -13.79 14.21 -13.68
N ALA D 221 -11.74 17.85 -14.06
CA ALA D 221 -11.13 18.77 -15.01
C ALA D 221 -10.17 19.66 -14.27
N ASP D 222 -9.00 19.84 -14.84
CA ASP D 222 -7.99 20.72 -14.26
C ASP D 222 -7.87 21.91 -15.23
N ALA D 224 -6.72 24.79 -15.15
CA ALA D 224 -5.74 25.80 -14.72
C ALA D 224 -5.42 26.82 -15.81
N HIS D 225 -5.05 26.33 -16.98
CA HIS D 225 -4.69 27.20 -18.09
C HIS D 225 -5.81 27.96 -18.72
N ILE D 226 -7.05 27.54 -18.51
CA ILE D 226 -8.17 28.23 -19.13
C ILE D 226 -9.21 28.73 -18.15
N SER D 227 -8.84 28.84 -16.88
CA SER D 227 -9.76 29.30 -15.86
C SER D 227 -10.39 30.63 -16.29
N GLY D 228 -9.54 31.53 -16.81
CA GLY D 228 -10.03 32.84 -17.24
C GLY D 228 -10.88 32.80 -18.50
N LEU D 229 -10.40 32.11 -19.52
CA LEU D 229 -11.14 32.00 -20.77
C LEU D 229 -12.52 31.43 -20.49
N VAL D 230 -12.59 30.49 -19.55
CA VAL D 230 -13.87 29.86 -19.21
C VAL D 230 -14.78 30.82 -18.47
N ALA D 231 -14.26 31.49 -17.45
CA ALA D 231 -15.08 32.42 -16.70
C ALA D 231 -15.64 33.49 -17.61
N ALA D 232 -14.82 33.91 -18.57
CA ALA D 232 -15.21 34.94 -19.52
C ALA D 232 -16.19 34.45 -20.57
N GLY D 233 -16.37 33.14 -20.68
CA GLY D 233 -17.29 32.61 -21.66
C GLY D 233 -16.74 32.44 -23.08
N VAL D 234 -15.50 32.85 -23.32
CA VAL D 234 -14.92 32.71 -24.65
C VAL D 234 -14.66 31.27 -25.10
N VAL D 235 -14.61 30.33 -24.17
CA VAL D 235 -14.38 28.91 -24.52
C VAL D 235 -15.36 28.01 -23.76
N PRO D 236 -15.57 26.77 -24.25
CA PRO D 236 -16.46 25.77 -23.66
C PRO D 236 -16.12 25.44 -22.20
N SER D 237 -17.14 25.49 -21.34
CA SER D 237 -16.95 25.20 -19.91
C SER D 237 -16.99 23.72 -19.55
N PRO D 238 -16.02 23.27 -18.74
CA PRO D 238 -15.96 21.87 -18.34
C PRO D 238 -17.02 21.52 -17.31
N PHE D 239 -17.60 22.54 -16.68
CA PHE D 239 -18.63 22.35 -15.66
C PHE D 239 -19.88 21.62 -16.14
N GLU D 240 -19.99 21.41 -17.45
CA GLU D 240 -21.15 20.73 -18.00
C GLU D 240 -21.06 19.22 -17.90
N HIS D 241 -19.84 18.70 -17.88
CA HIS D 241 -19.69 17.25 -17.83
C HIS D 241 -18.87 16.69 -16.68
N CYS D 242 -18.04 17.50 -16.05
CA CYS D 242 -17.19 17.00 -14.98
C CYS D 242 -17.84 16.99 -13.62
N HIS D 243 -17.38 16.07 -12.77
CA HIS D 243 -17.88 15.93 -11.41
C HIS D 243 -17.09 16.88 -10.50
N VAL D 244 -15.84 17.10 -10.86
CA VAL D 244 -14.99 17.97 -10.09
C VAL D 244 -14.13 18.81 -11.03
N VAL D 245 -13.88 20.05 -10.65
CA VAL D 245 -13.05 20.94 -11.45
C VAL D 245 -12.09 21.67 -10.52
N THR D 246 -10.79 21.50 -10.74
CA THR D 246 -9.78 22.16 -9.94
C THR D 246 -9.14 23.24 -10.80
N THR D 247 -8.45 24.19 -10.17
CA THR D 247 -7.82 25.29 -10.91
C THR D 247 -6.90 26.16 -10.09
N THR D 248 -5.99 26.84 -10.79
CA THR D 248 -5.10 27.79 -10.16
C THR D 248 -5.83 29.11 -10.36
N THR D 249 -5.51 30.11 -9.55
CA THR D 249 -6.18 31.38 -9.71
C THR D 249 -5.31 32.41 -10.43
N HIS D 250 -4.08 32.02 -10.75
CA HIS D 250 -3.22 32.91 -11.51
C HIS D 250 -3.38 32.47 -12.98
N LYS D 251 -2.37 32.69 -13.83
CA LYS D 251 -2.49 32.33 -15.24
C LYS D 251 -3.69 33.11 -15.82
N THR D 252 -4.39 32.59 -16.82
CA THR D 252 -5.51 33.33 -17.43
C THR D 252 -6.58 33.96 -16.53
N LEU D 253 -6.48 33.75 -15.23
CA LEU D 253 -7.47 34.32 -14.31
C LEU D 253 -6.94 35.61 -13.70
N ARG D 254 -5.66 35.86 -13.90
CA ARG D 254 -4.98 37.06 -13.43
C ARG D 254 -5.14 37.43 -11.95
N GLY D 255 -5.12 36.42 -11.08
CA GLY D 255 -5.22 36.67 -9.65
C GLY D 255 -3.89 36.34 -9.01
N CYS D 256 -3.88 36.17 -7.70
CA CYS D 256 -2.65 35.80 -6.99
C CYS D 256 -2.54 34.27 -6.95
N ARG D 257 -1.36 33.76 -6.61
CA ARG D 257 -1.17 32.31 -6.57
C ARG D 257 -1.99 31.55 -5.53
N ALA D 258 -2.81 30.63 -6.02
CA ALA D 258 -3.66 29.82 -5.16
C ALA D 258 -4.41 28.82 -6.03
N GLY D 259 -5.27 28.01 -5.40
CA GLY D 259 -6.03 27.04 -6.15
C GLY D 259 -7.42 26.90 -5.58
N ILE D 261 -11.14 24.16 -5.60
CA ILE D 261 -11.68 22.86 -5.98
C ILE D 261 -13.19 22.96 -6.03
N PHE D 262 -13.74 22.88 -7.25
CA PHE D 262 -15.19 22.94 -7.48
C PHE D 262 -15.70 21.51 -7.50
N TYR D 263 -16.83 21.26 -6.85
CA TYR D 263 -17.38 19.91 -6.80
C TYR D 263 -18.89 19.89 -6.84
N ARG D 264 -19.45 18.84 -7.43
CA ARG D 264 -20.88 18.68 -7.56
C ARG D 264 -21.52 18.24 -6.24
N LYS D 265 -22.84 18.47 -6.11
CA LYS D 265 -23.56 18.11 -4.89
C LYS D 265 -25.08 17.95 -5.07
N GLY D 266 -25.68 17.07 -4.27
CA GLY D 266 -27.12 16.85 -4.32
C GLY D 266 -27.72 16.06 -5.47
N VAL D 267 -27.97 14.77 -5.23
CA VAL D 267 -28.56 13.87 -6.23
C VAL D 267 -27.59 13.49 -7.34
N ARG D 268 -26.93 12.36 -7.14
CA ARG D 268 -25.96 11.84 -8.11
C ARG D 268 -26.64 10.98 -9.17
N SER D 269 -27.75 10.35 -8.79
CA SER D 269 -28.51 9.49 -9.71
C SER D 269 -29.67 8.79 -9.00
N VAL D 270 -30.82 8.71 -9.66
CA VAL D 270 -31.99 8.03 -9.10
C VAL D 270 -32.09 6.63 -9.70
N ASP D 271 -32.39 5.63 -8.86
CA ASP D 271 -32.51 4.26 -9.36
C ASP D 271 -33.63 4.18 -10.41
N PRO D 272 -33.50 3.27 -11.39
CA PRO D 272 -34.49 3.09 -12.47
C PRO D 272 -35.94 3.34 -12.07
N LYS D 273 -36.44 2.55 -11.12
CA LYS D 273 -37.81 2.68 -10.64
C LYS D 273 -37.84 2.76 -9.13
N THR D 274 -36.68 2.59 -8.50
CA THR D 274 -36.55 2.65 -7.06
C THR D 274 -36.34 4.10 -6.65
N GLY D 275 -37.23 4.63 -5.83
CA GLY D 275 -37.11 6.01 -5.37
C GLY D 275 -35.74 6.32 -4.81
N LYS D 276 -35.04 5.29 -4.35
CA LYS D 276 -33.70 5.43 -3.79
C LYS D 276 -32.85 6.34 -4.69
N GLU D 277 -32.35 7.43 -4.11
CA GLU D 277 -31.53 8.37 -4.86
C GLU D 277 -30.10 8.34 -4.36
N THR D 278 -29.15 8.14 -5.28
CA THR D 278 -27.74 8.12 -4.92
C THR D 278 -27.35 9.59 -4.82
N TYR D 279 -26.55 9.94 -3.83
CA TYR D 279 -26.13 11.32 -3.65
C TYR D 279 -24.64 11.57 -3.80
N TYR D 280 -24.32 12.84 -3.96
CA TYR D 280 -22.94 13.26 -4.08
C TYR D 280 -22.39 13.54 -2.71
N GLU D 281 -21.28 12.87 -2.40
CA GLU D 281 -20.64 13.04 -1.11
C GLU D 281 -19.31 13.76 -1.27
N LEU D 282 -19.07 14.29 -2.47
CA LEU D 282 -17.83 14.99 -2.78
C LEU D 282 -17.51 16.10 -1.78
N GLU D 283 -18.48 16.95 -1.51
CA GLU D 283 -18.27 18.04 -0.57
C GLU D 283 -17.61 17.54 0.71
N SER D 284 -18.20 16.51 1.31
CA SER D 284 -17.71 15.92 2.55
C SER D 284 -16.26 15.39 2.47
N LEU D 285 -15.99 14.54 1.47
CA LEU D 285 -14.66 13.97 1.29
C LEU D 285 -13.61 14.99 0.98
N ILE D 286 -13.88 15.83 -0.01
CA ILE D 286 -12.91 16.83 -0.41
C ILE D 286 -12.61 17.82 0.71
N ASN D 287 -13.63 18.45 1.29
CA ASN D 287 -13.36 19.42 2.35
C ASN D 287 -12.48 18.83 3.46
N SER D 288 -12.70 17.56 3.79
CA SER D 288 -11.91 16.92 4.83
C SER D 288 -10.47 16.68 4.38
N ALA D 289 -10.30 16.38 3.10
CA ALA D 289 -8.96 16.14 2.57
C ALA D 289 -8.11 17.38 2.75
N VAL D 290 -8.70 18.53 2.48
CA VAL D 290 -7.96 19.77 2.62
C VAL D 290 -7.59 19.99 4.08
N PHE D 291 -8.58 19.86 4.96
CA PHE D 291 -8.35 20.02 6.39
C PHE D 291 -9.35 19.16 7.14
N PRO D 292 -8.91 18.46 8.18
CA PRO D 292 -7.59 18.32 8.79
C PRO D 292 -6.69 17.38 8.01
N GLY D 293 -7.11 17.05 6.79
CA GLY D 293 -6.32 16.15 5.98
C GLY D 293 -4.89 16.49 5.62
N LEU D 294 -4.71 17.41 4.68
CA LEU D 294 -3.40 17.78 4.18
C LEU D 294 -2.85 19.15 4.52
N GLN D 295 -3.72 20.15 4.70
CA GLN D 295 -3.23 21.49 4.99
C GLN D 295 -3.32 21.97 6.43
N GLY D 296 -2.58 23.04 6.69
CA GLY D 296 -2.57 23.63 8.00
C GLY D 296 -3.61 24.74 8.00
N GLY D 297 -3.20 25.95 8.34
CA GLY D 297 -4.12 27.07 8.38
C GLY D 297 -4.18 27.79 7.07
N PRO D 298 -5.39 28.09 6.58
CA PRO D 298 -5.57 28.79 5.31
C PRO D 298 -4.82 30.10 5.27
N HIS D 299 -4.43 30.52 4.08
CA HIS D 299 -3.70 31.77 3.89
C HIS D 299 -4.73 32.83 3.52
N ASN D 300 -5.45 33.31 4.51
CA ASN D 300 -6.51 34.30 4.31
C ASN D 300 -6.17 35.48 3.41
N HIS D 301 -4.91 35.93 3.40
CA HIS D 301 -4.54 37.05 2.55
C HIS D 301 -4.59 36.67 1.07
N ALA D 302 -4.26 35.43 0.75
CA ALA D 302 -4.32 35.00 -0.63
C ALA D 302 -5.79 34.89 -1.03
N ILE D 303 -6.60 34.37 -0.12
CA ILE D 303 -8.02 34.23 -0.40
C ILE D 303 -8.62 35.59 -0.71
N ALA D 304 -8.19 36.62 0.03
CA ALA D 304 -8.68 37.97 -0.20
C ALA D 304 -8.34 38.36 -1.63
N GLY D 305 -7.08 38.12 -2.03
CA GLY D 305 -6.65 38.43 -3.38
C GLY D 305 -7.52 37.75 -4.42
N VAL D 306 -7.81 36.48 -4.20
CA VAL D 306 -8.66 35.75 -5.12
C VAL D 306 -10.02 36.40 -5.24
N ALA D 307 -10.65 36.68 -4.10
CA ALA D 307 -11.97 37.32 -4.13
C ALA D 307 -11.97 38.57 -5.03
N VAL D 308 -10.91 39.37 -4.91
CA VAL D 308 -10.77 40.59 -5.72
C VAL D 308 -10.71 40.24 -7.19
N ALA D 309 -9.86 39.28 -7.54
CA ALA D 309 -9.72 38.88 -8.94
C ALA D 309 -11.02 38.25 -9.47
N LEU D 310 -11.73 37.51 -8.62
CA LEU D 310 -12.97 36.92 -9.06
C LEU D 310 -13.94 38.01 -9.49
N LYS D 311 -14.04 39.06 -8.68
CA LYS D 311 -14.93 40.17 -9.02
C LYS D 311 -14.55 40.73 -10.38
N GLN D 312 -13.27 41.02 -10.56
CA GLN D 312 -12.79 41.57 -11.83
C GLN D 312 -13.07 40.65 -13.00
N ALA D 313 -13.07 39.34 -12.76
CA ALA D 313 -13.32 38.39 -13.82
C ALA D 313 -14.74 38.45 -14.36
N THR D 315 -16.41 41.17 -14.91
CA THR D 315 -16.66 42.41 -15.62
C THR D 315 -16.67 42.21 -17.12
N THR D 316 -17.08 43.27 -17.81
CA THR D 316 -17.14 43.27 -19.26
C THR D 316 -15.73 43.59 -19.74
N GLU D 317 -15.03 44.39 -18.96
CA GLU D 317 -13.66 44.76 -19.29
C GLU D 317 -12.86 43.48 -19.33
N PHE D 318 -13.29 42.50 -18.53
CA PHE D 318 -12.61 41.22 -18.47
C PHE D 318 -12.98 40.41 -19.69
N LYS D 319 -14.29 40.27 -19.93
CA LYS D 319 -14.79 39.51 -21.07
C LYS D 319 -14.13 39.95 -22.38
N ILE D 320 -13.86 41.25 -22.48
CA ILE D 320 -13.23 41.81 -23.67
C ILE D 320 -11.74 41.51 -23.69
N TYR D 321 -11.11 41.59 -22.51
CA TYR D 321 -9.69 41.29 -22.42
C TYR D 321 -9.47 39.89 -22.93
N GLN D 322 -10.23 38.96 -22.36
CA GLN D 322 -10.12 37.57 -22.72
C GLN D 322 -10.35 37.36 -24.22
N LEU D 323 -11.24 38.14 -24.80
CA LEU D 323 -11.51 38.03 -26.23
C LEU D 323 -10.29 38.43 -27.05
N GLN D 324 -9.66 39.53 -26.63
CA GLN D 324 -8.47 40.01 -27.30
C GLN D 324 -7.39 38.95 -27.17
N VAL D 325 -7.31 38.34 -25.99
CA VAL D 325 -6.34 37.30 -25.72
C VAL D 325 -6.40 36.21 -26.79
N LEU D 326 -7.61 35.74 -27.06
CA LEU D 326 -7.83 34.70 -28.07
C LEU D 326 -7.42 35.23 -29.43
N ALA D 327 -7.98 36.38 -29.79
CA ALA D 327 -7.66 37.03 -31.06
C ALA D 327 -6.16 37.12 -31.28
N ASN D 328 -5.46 37.67 -30.29
CA ASN D 328 -4.01 37.82 -30.37
C ASN D 328 -3.32 36.51 -30.68
N CYS D 329 -3.84 35.42 -30.14
CA CYS D 329 -3.24 34.11 -30.37
C CYS D 329 -3.27 33.79 -31.86
N ARG D 330 -4.46 33.86 -32.46
CA ARG D 330 -4.61 33.59 -33.89
C ARG D 330 -3.56 34.39 -34.64
N ALA D 331 -3.60 35.71 -34.43
CA ALA D 331 -2.67 36.61 -35.08
C ALA D 331 -1.23 36.09 -35.06
N LEU D 332 -0.76 35.74 -33.88
CA LEU D 332 0.60 35.22 -33.72
C LEU D 332 0.81 33.86 -34.39
N SER D 333 -0.22 33.01 -34.36
CA SER D 333 -0.14 31.69 -34.96
C SER D 333 -0.14 31.79 -36.48
N ASP D 334 -0.87 32.76 -37.00
CA ASP D 334 -0.96 32.97 -38.43
C ASP D 334 0.36 33.54 -38.96
N ALA D 335 0.78 34.67 -38.39
CA ALA D 335 2.03 35.32 -38.78
C ALA D 335 3.21 34.33 -38.71
N LEU D 336 3.14 33.43 -37.74
CA LEU D 336 4.18 32.44 -37.54
C LEU D 336 4.10 31.32 -38.56
N THR D 337 2.88 30.91 -38.89
CA THR D 337 2.69 29.86 -39.88
C THR D 337 3.14 30.46 -41.19
N GLU D 338 2.66 31.68 -41.44
CA GLU D 338 2.99 32.43 -42.63
C GLU D 338 4.49 32.48 -42.81
N LEU D 339 5.21 32.75 -41.73
CA LEU D 339 6.66 32.81 -41.82
C LEU D 339 7.26 31.45 -42.11
N GLY D 340 6.42 30.42 -42.15
CA GLY D 340 6.90 29.08 -42.46
C GLY D 340 7.28 28.15 -41.31
N TYR D 341 6.66 28.32 -40.15
CA TYR D 341 6.96 27.46 -39.02
C TYR D 341 5.81 26.48 -38.83
N LYS D 342 6.06 25.36 -38.18
CA LYS D 342 5.01 24.37 -37.95
C LYS D 342 4.30 24.53 -36.59
N ILE D 343 2.99 24.73 -36.62
CA ILE D 343 2.22 24.89 -35.40
C ILE D 343 1.36 23.65 -35.18
N VAL D 344 1.69 22.84 -34.15
CA VAL D 344 0.95 21.60 -33.87
C VAL D 344 -0.56 21.74 -33.94
N THR D 345 -1.20 20.74 -34.54
CA THR D 345 -2.64 20.72 -34.76
C THR D 345 -3.09 21.85 -35.68
N GLY D 346 -2.11 22.52 -36.28
CA GLY D 346 -2.39 23.61 -37.20
C GLY D 346 -2.51 24.99 -36.60
N GLY D 347 -3.22 25.09 -35.48
CA GLY D 347 -3.40 26.38 -34.85
C GLY D 347 -3.77 26.25 -33.39
N SER D 348 -4.66 27.12 -32.92
CA SER D 348 -5.07 27.09 -31.53
C SER D 348 -6.54 27.44 -31.35
N ASP D 349 -7.12 26.96 -30.26
CA ASP D 349 -8.52 27.22 -29.96
C ASP D 349 -8.53 28.07 -28.71
N ASN D 350 -7.36 28.20 -28.08
CA ASN D 350 -7.24 28.96 -26.84
C ASN D 350 -6.22 30.09 -26.87
N HIS D 351 -5.46 30.21 -25.79
CA HIS D 351 -4.45 31.25 -25.62
C HIS D 351 -3.00 30.85 -25.90
N LEU D 352 -2.75 29.59 -26.26
CA LEU D 352 -1.37 29.16 -26.50
C LEU D 352 -1.18 28.37 -27.77
N ILE D 353 0.07 28.20 -28.17
CA ILE D 353 0.40 27.45 -29.38
C ILE D 353 1.74 26.75 -29.16
N LEU D 354 1.97 25.66 -29.90
CA LEU D 354 3.21 24.90 -29.77
C LEU D 354 3.93 24.79 -31.11
N ASP D 356 6.85 23.40 -33.69
CA ASP D 356 7.67 22.23 -33.93
C ASP D 356 8.92 22.65 -34.70
N LEU D 357 9.93 23.11 -33.96
CA LEU D 357 11.19 23.58 -34.57
C LEU D 357 11.95 22.47 -35.27
N ARG D 358 11.53 21.24 -35.04
CA ARG D 358 12.16 20.05 -35.63
C ARG D 358 12.41 20.20 -37.12
N SER D 359 11.45 20.80 -37.83
CA SER D 359 11.59 20.99 -39.26
C SER D 359 12.53 22.17 -39.57
N LYS D 360 13.62 22.28 -38.80
CA LYS D 360 14.61 23.33 -38.95
C LYS D 360 15.95 22.91 -38.33
N GLY D 361 16.08 21.64 -37.98
CA GLY D 361 17.31 21.15 -37.40
C GLY D 361 17.58 21.63 -35.98
N THR D 362 16.90 22.69 -35.56
CA THR D 362 17.09 23.21 -34.21
C THR D 362 16.04 22.63 -33.27
N ASP D 363 16.40 22.52 -31.99
CA ASP D 363 15.48 22.00 -30.99
C ASP D 363 15.00 23.15 -30.11
N GLY D 364 14.00 22.89 -29.29
CA GLY D 364 13.46 23.92 -28.42
C GLY D 364 14.44 24.36 -27.34
N GLY D 365 15.36 23.48 -26.96
CA GLY D 365 16.33 23.81 -25.93
C GLY D 365 17.24 24.96 -26.27
N ARG D 366 17.81 24.91 -27.46
CA ARG D 366 18.71 25.95 -27.96
C ARG D 366 17.94 27.25 -28.13
N ALA D 367 16.95 27.19 -29.02
CA ALA D 367 16.10 28.31 -29.34
C ALA D 367 15.60 29.09 -28.13
N GLU D 368 15.22 28.35 -27.10
CA GLU D 368 14.72 28.99 -25.90
C GLU D 368 15.78 29.89 -25.28
N LYS D 369 17.00 29.39 -25.18
CA LYS D 369 18.10 30.14 -24.58
C LYS D 369 18.43 31.44 -25.33
N VAL D 370 18.44 31.36 -26.65
CA VAL D 370 18.72 32.50 -27.50
C VAL D 370 17.69 33.61 -27.26
N LEU D 371 16.43 33.27 -27.44
CA LEU D 371 15.33 34.22 -27.24
C LEU D 371 15.34 34.86 -25.85
N GLU D 372 15.88 34.15 -24.87
CA GLU D 372 15.95 34.69 -23.52
C GLU D 372 16.97 35.83 -23.53
N ALA D 373 18.11 35.57 -24.15
CA ALA D 373 19.18 36.54 -24.27
C ALA D 373 18.69 37.81 -24.95
N CYS D 374 17.53 37.73 -25.59
CA CYS D 374 16.98 38.88 -26.30
C CYS D 374 15.71 39.43 -25.65
N SER D 375 15.55 39.18 -24.35
CA SER D 375 14.39 39.66 -23.57
C SER D 375 13.05 39.11 -24.08
N ILE D 376 13.06 37.83 -24.46
CA ILE D 376 11.87 37.15 -24.94
C ILE D 376 11.62 35.84 -24.19
N ALA D 377 10.53 35.83 -23.43
CA ALA D 377 10.08 34.70 -22.59
C ALA D 377 9.45 33.49 -23.30
N CYS D 378 9.97 32.30 -23.01
CA CYS D 378 9.47 31.08 -23.62
C CYS D 378 9.11 29.93 -22.69
N ASN D 379 9.18 28.73 -23.27
CA ASN D 379 8.92 27.45 -22.63
C ASN D 379 9.34 26.48 -23.73
N LYS D 380 10.37 25.67 -23.51
CA LYS D 380 10.74 24.75 -24.56
C LYS D 380 10.01 23.44 -24.31
N ASN D 381 8.73 23.42 -24.62
CA ASN D 381 7.94 22.20 -24.41
C ASN D 381 8.25 21.10 -25.44
N THR D 382 7.91 19.89 -25.08
CA THR D 382 8.15 18.78 -25.97
C THR D 382 7.08 18.77 -27.07
N CYS D 383 7.18 17.81 -27.99
CA CYS D 383 6.25 17.68 -29.11
C CYS D 383 5.76 16.25 -29.35
N PRO D 384 4.60 16.11 -30.01
CA PRO D 384 4.02 14.79 -30.31
C PRO D 384 5.04 13.83 -30.91
N GLY D 385 5.32 12.75 -30.17
CA GLY D 385 6.28 11.75 -30.61
C GLY D 385 7.63 12.40 -30.84
N ASP D 386 8.24 12.87 -29.77
CA ASP D 386 9.52 13.57 -29.88
C ASP D 386 10.80 12.72 -29.88
N LYS D 387 10.65 11.41 -29.94
CA LYS D 387 11.82 10.53 -29.93
C LYS D 387 12.68 10.84 -28.72
N SER D 388 12.03 11.30 -27.64
CA SER D 388 12.65 11.64 -26.34
C SER D 388 12.84 13.11 -26.05
N ALA D 389 12.89 13.44 -24.75
CA ALA D 389 13.11 14.81 -24.30
C ALA D 389 14.60 15.05 -24.41
N LEU D 390 15.11 16.00 -23.63
CA LEU D 390 16.52 16.34 -23.70
C LEU D 390 16.74 17.12 -25.00
N ARG D 391 15.92 16.78 -26.01
CA ARG D 391 15.93 17.43 -27.34
C ARG D 391 14.51 17.79 -27.74
N PRO D 392 13.76 18.45 -26.82
CA PRO D 392 12.39 18.83 -27.16
C PRO D 392 12.43 19.62 -28.44
N SER D 393 11.51 19.32 -29.35
CA SER D 393 11.47 20.02 -30.62
C SER D 393 10.47 21.14 -30.66
N GLY D 394 10.09 21.70 -29.50
CA GLY D 394 9.11 22.77 -29.55
C GLY D 394 9.19 23.91 -28.57
N LEU D 395 8.43 24.96 -28.86
CA LEU D 395 8.38 26.14 -28.01
C LEU D 395 6.91 26.41 -27.68
N ARG D 396 6.63 26.78 -26.43
CA ARG D 396 5.26 27.05 -26.01
C ARG D 396 5.08 28.54 -25.83
N LEU D 397 4.14 29.13 -26.57
CA LEU D 397 3.89 30.56 -26.50
C LEU D 397 2.48 30.84 -26.05
N GLY D 398 2.32 31.88 -25.22
CA GLY D 398 0.99 32.24 -24.75
C GLY D 398 0.78 33.73 -24.90
N THR D 399 -0.48 34.18 -24.89
CA THR D 399 -0.73 35.60 -25.06
C THR D 399 -1.32 36.38 -23.88
N PRO D 400 -1.83 35.71 -22.85
CA PRO D 400 -2.40 36.47 -21.73
C PRO D 400 -1.53 37.57 -21.14
N ALA D 401 -0.26 37.25 -20.88
CA ALA D 401 0.67 38.22 -20.32
C ALA D 401 0.66 39.53 -21.11
N LEU D 402 1.15 39.47 -22.35
CA LEU D 402 1.23 40.64 -23.21
C LEU D 402 -0.11 41.31 -23.55
N THR D 403 -1.17 40.53 -23.66
CA THR D 403 -2.48 41.12 -23.97
C THR D 403 -2.85 42.03 -22.83
N SER D 404 -2.56 41.60 -21.60
CA SER D 404 -2.88 42.40 -20.43
C SER D 404 -2.13 43.73 -20.44
N ARG D 405 -1.09 43.82 -21.26
CA ARG D 405 -0.31 45.06 -21.35
C ARG D 405 -0.74 45.96 -22.50
N GLY D 406 -1.77 45.55 -23.23
CA GLY D 406 -2.25 46.36 -24.35
C GLY D 406 -2.12 45.74 -25.72
N LEU D 407 -0.96 45.15 -26.02
CA LEU D 407 -0.69 44.52 -27.32
C LEU D 407 -1.92 43.99 -28.06
N LEU D 408 -2.01 44.34 -29.34
CA LEU D 408 -3.09 43.88 -30.21
C LEU D 408 -2.48 43.10 -31.37
N GLU D 409 -3.31 42.71 -32.33
CA GLU D 409 -2.84 41.92 -33.48
C GLU D 409 -1.58 42.46 -34.13
N GLU D 410 -1.63 43.72 -34.57
CA GLU D 410 -0.49 44.35 -35.23
C GLU D 410 0.78 44.17 -34.43
N ASP D 411 0.68 44.38 -33.12
CA ASP D 411 1.82 44.24 -32.23
C ASP D 411 2.31 42.80 -32.13
N PHE D 412 1.37 41.86 -32.06
CA PHE D 412 1.73 40.45 -31.96
C PHE D 412 2.40 39.95 -33.25
N GLN D 413 2.16 40.66 -34.34
CA GLN D 413 2.78 40.28 -35.60
C GLN D 413 4.23 40.73 -35.50
N LYS D 414 4.42 41.95 -35.01
CA LYS D 414 5.75 42.50 -34.85
C LYS D 414 6.51 41.55 -33.91
N VAL D 415 5.77 40.98 -32.96
CA VAL D 415 6.35 40.03 -32.02
C VAL D 415 6.81 38.80 -32.80
N ALA D 416 5.91 38.29 -33.62
CA ALA D 416 6.22 37.11 -34.42
C ALA D 416 7.56 37.28 -35.14
N HIS D 417 7.75 38.44 -35.77
CA HIS D 417 8.98 38.72 -36.49
C HIS D 417 10.19 38.70 -35.55
N PHE D 418 10.05 39.31 -34.38
CA PHE D 418 11.14 39.32 -33.41
C PHE D 418 11.58 37.89 -33.14
N ILE D 419 10.58 37.01 -32.96
CA ILE D 419 10.83 35.60 -32.69
C ILE D 419 11.53 34.95 -33.88
N HIS D 420 11.02 35.24 -35.07
CA HIS D 420 11.59 34.70 -36.29
C HIS D 420 13.08 35.06 -36.32
N ARG D 421 13.37 36.33 -36.06
CA ARG D 421 14.73 36.84 -36.04
C ARG D 421 15.56 36.03 -35.04
N GLY D 422 14.95 35.70 -33.92
CA GLY D 422 15.64 34.95 -32.90
C GLY D 422 16.03 33.55 -33.31
N ILE D 423 15.09 32.76 -33.80
CA ILE D 423 15.38 31.40 -34.22
C ILE D 423 16.39 31.49 -35.35
N GLU D 424 16.20 32.50 -36.20
CA GLU D 424 17.06 32.79 -37.33
C GLU D 424 18.50 32.77 -36.81
N LEU D 425 18.71 33.55 -35.76
CA LEU D 425 20.02 33.69 -35.11
C LEU D 425 20.48 32.34 -34.58
N THR D 426 19.58 31.60 -33.94
CA THR D 426 19.92 30.30 -33.40
C THR D 426 20.52 29.42 -34.49
N LEU D 427 19.80 29.30 -35.61
CA LEU D 427 20.27 28.49 -36.73
C LEU D 427 21.68 28.86 -37.11
N GLN D 428 21.91 30.17 -37.22
CA GLN D 428 23.23 30.68 -37.58
C GLN D 428 24.29 30.17 -36.62
N ILE D 429 24.21 30.63 -35.38
CA ILE D 429 25.17 30.24 -34.36
C ILE D 429 25.31 28.72 -34.31
N GLN D 430 24.29 28.05 -34.84
CA GLN D 430 24.20 26.59 -34.89
C GLN D 430 24.80 25.99 -36.15
N SER D 431 24.58 26.67 -37.27
CA SER D 431 25.02 26.24 -38.60
C SER D 431 26.52 26.05 -38.86
N HIS D 432 27.36 26.85 -38.22
CA HIS D 432 28.79 26.72 -38.42
C HIS D 432 29.41 25.59 -37.59
N ALA D 434 27.42 23.25 -36.26
CA ALA D 434 26.45 22.20 -36.56
C ALA D 434 27.02 20.79 -36.62
N THR D 435 27.23 20.21 -35.44
CA THR D 435 27.73 18.85 -35.32
C THR D 435 27.12 18.23 -34.08
N LYS D 436 27.68 17.13 -33.60
CA LYS D 436 27.15 16.46 -32.42
C LYS D 436 27.29 17.34 -31.17
N ALA D 437 27.71 18.58 -31.35
CA ALA D 437 27.90 19.52 -30.24
C ALA D 437 26.69 19.48 -29.32
N THR D 438 26.94 19.37 -28.02
CA THR D 438 25.88 19.33 -27.03
C THR D 438 25.25 20.71 -26.88
N LEU D 439 24.08 20.76 -26.25
CA LEU D 439 23.41 22.03 -26.04
C LEU D 439 24.32 22.92 -25.20
N LYS D 440 25.23 22.29 -24.47
CA LYS D 440 26.17 23.05 -23.64
C LYS D 440 27.26 23.63 -24.53
N GLU D 441 27.63 22.91 -25.59
CA GLU D 441 28.64 23.40 -26.52
C GLU D 441 28.06 24.64 -27.18
N PHE D 442 26.77 24.57 -27.47
CA PHE D 442 26.02 25.67 -28.09
C PHE D 442 25.83 26.75 -27.03
N LYS D 443 25.31 26.35 -25.88
CA LYS D 443 25.06 27.24 -24.76
C LYS D 443 26.23 28.20 -24.61
N GLU D 444 27.43 27.64 -24.70
CA GLU D 444 28.65 28.43 -24.58
C GLU D 444 28.99 29.17 -25.86
N LYS D 445 29.54 28.47 -26.85
CA LYS D 445 29.89 29.11 -28.13
C LYS D 445 28.90 30.21 -28.50
N LEU D 446 27.67 30.08 -27.99
CA LEU D 446 26.66 31.09 -28.24
C LEU D 446 27.12 32.28 -27.42
N ALA D 447 26.27 32.73 -26.51
CA ALA D 447 26.59 33.87 -25.66
C ALA D 447 27.99 33.75 -25.07
N GLY D 448 28.50 32.54 -25.06
CA GLY D 448 29.83 32.30 -24.51
C GLY D 448 30.95 33.14 -25.11
N ASP D 449 31.50 32.70 -26.24
CA ASP D 449 32.62 33.42 -26.86
C ASP D 449 32.39 34.33 -28.08
N GLU D 450 32.40 33.79 -29.30
CA GLU D 450 32.24 34.60 -30.52
C GLU D 450 31.57 35.92 -30.21
N LYS D 451 32.28 36.99 -30.52
CA LYS D 451 31.80 38.33 -30.24
C LYS D 451 30.61 38.79 -31.06
N ILE D 452 29.64 37.91 -31.28
CA ILE D 452 28.47 38.35 -32.02
C ILE D 452 27.26 38.42 -31.09
N GLN D 453 27.58 38.40 -29.79
CA GLN D 453 26.65 38.73 -28.74
C GLN D 453 26.33 40.18 -29.17
N SER D 454 26.90 40.57 -30.31
CA SER D 454 26.70 41.88 -30.91
C SER D 454 25.41 41.80 -31.69
N ALA D 455 25.08 40.60 -32.14
CA ALA D 455 23.86 40.36 -32.89
C ALA D 455 22.71 40.39 -31.90
N VAL D 456 22.83 39.57 -30.85
CA VAL D 456 21.82 39.51 -29.81
C VAL D 456 21.62 40.91 -29.22
N ALA D 457 22.72 41.55 -28.85
CA ALA D 457 22.67 42.88 -28.27
C ALA D 457 21.82 43.83 -29.11
N THR D 458 21.89 43.70 -30.44
CA THR D 458 21.10 44.56 -31.31
C THR D 458 19.61 44.22 -31.20
N LEU D 459 19.29 42.94 -31.40
CA LEU D 459 17.92 42.47 -31.33
C LEU D 459 17.32 42.73 -29.95
N ARG D 460 18.09 42.43 -28.91
CA ARG D 460 17.61 42.64 -27.54
C ARG D 460 17.14 44.08 -27.38
N GLU D 461 17.92 45.00 -27.94
CA GLU D 461 17.60 46.41 -27.86
C GLU D 461 16.29 46.72 -28.56
N GLU D 462 16.20 46.39 -29.85
CA GLU D 462 14.98 46.67 -30.59
C GLU D 462 13.75 46.09 -29.90
N VAL D 463 13.97 44.98 -29.19
CA VAL D 463 12.89 44.32 -28.47
C VAL D 463 12.52 45.12 -27.22
N GLU D 464 13.53 45.43 -26.41
CA GLU D 464 13.30 46.17 -25.19
C GLU D 464 12.68 47.53 -25.45
N ASN D 465 13.02 48.14 -26.59
CA ASN D 465 12.47 49.45 -26.93
C ASN D 465 11.01 49.28 -27.26
N PHE D 466 10.71 48.22 -28.01
CA PHE D 466 9.36 47.89 -28.39
C PHE D 466 8.52 47.62 -27.14
N ALA D 467 9.10 46.85 -26.23
CA ALA D 467 8.43 46.46 -24.99
C ALA D 467 8.06 47.65 -24.11
N SER D 468 9.11 48.33 -23.63
CA SER D 468 8.98 49.48 -22.74
C SER D 468 7.94 50.51 -23.14
N ASN D 469 7.39 50.38 -24.34
CA ASN D 469 6.37 51.31 -24.82
C ASN D 469 4.96 50.94 -24.37
N PHE D 470 4.83 49.86 -23.59
CA PHE D 470 3.52 49.43 -23.12
C PHE D 470 3.35 49.53 -21.62
N SER D 471 2.10 49.55 -21.17
CA SER D 471 1.80 49.63 -19.75
C SER D 471 2.15 48.32 -19.06
N LEU D 472 2.29 48.38 -17.74
CA LEU D 472 2.64 47.22 -16.94
C LEU D 472 1.85 47.26 -15.63
N PRO D 473 0.75 46.51 -15.56
CA PRO D 473 -0.10 46.46 -14.34
C PRO D 473 0.68 46.21 -13.07
N GLY D 474 0.05 46.43 -11.92
CA GLY D 474 0.72 46.19 -10.65
C GLY D 474 0.71 47.32 -9.64
N LEU D 475 1.62 47.25 -8.68
CA LEU D 475 1.75 48.26 -7.63
C LEU D 475 2.61 49.41 -8.12
N PRO D 476 2.43 50.60 -7.51
CA PRO D 476 3.21 51.78 -7.88
C PRO D 476 4.72 51.59 -7.72
N ASP D 477 5.30 50.83 -8.64
CA ASP D 477 6.74 50.52 -8.71
C ASP D 477 7.33 49.58 -7.64
N PHE D 478 7.01 48.30 -7.75
CA PHE D 478 7.53 47.29 -6.82
C PHE D 478 7.89 46.02 -7.61
#